data_2CQ2
#
_entry.id   2CQ2
#
_entity_poly.entity_id   1
_entity_poly.type   'polypeptide(L)'
_entity_poly.pdbx_seq_one_letter_code
;GSSGSSGAKHTLLRHEGIETVSYATQSLVVANGGLGNGVSRNQLLPVLEKCGLVDALLMPPNKPYSFARYRTTEESKRAY
VTLNGKEVVDDLGQKITLYLNFVEKVQWSGPSSG
;
_entity_poly.pdbx_strand_id   A
#
# COMPACT_ATOMS: atom_id res chain seq x y z
N GLY A 1 -0.69 25.26 6.45
CA GLY A 1 -1.92 25.10 5.72
C GLY A 1 -2.54 23.72 5.90
N SER A 2 -3.59 23.66 6.71
CA SER A 2 -4.28 22.39 6.97
C SER A 2 -5.25 22.06 5.84
N SER A 3 -4.72 21.52 4.75
CA SER A 3 -5.53 21.16 3.59
C SER A 3 -5.17 19.77 3.07
N GLY A 4 -6.16 19.03 2.62
CA GLY A 4 -5.91 17.69 2.10
C GLY A 4 -7.15 17.09 1.47
N SER A 5 -6.98 16.51 0.28
CA SER A 5 -8.09 15.88 -0.43
C SER A 5 -7.75 14.44 -0.81
N SER A 6 -8.78 13.62 -0.94
CA SER A 6 -8.60 12.21 -1.30
C SER A 6 -7.55 11.56 -0.40
N GLY A 7 -7.66 11.78 0.90
CA GLY A 7 -6.72 11.21 1.85
C GLY A 7 -7.16 9.86 2.37
N ALA A 8 -6.36 9.27 3.25
CA ALA A 8 -6.68 7.97 3.82
C ALA A 8 -7.94 8.05 4.68
N LYS A 9 -8.28 6.92 5.31
CA LYS A 9 -9.47 6.87 6.16
C LYS A 9 -9.12 7.24 7.60
N HIS A 10 -7.98 6.76 8.08
CA HIS A 10 -7.54 7.04 9.44
C HIS A 10 -6.37 8.01 9.43
N THR A 11 -5.94 8.43 10.63
CA THR A 11 -4.83 9.36 10.76
C THR A 11 -3.50 8.62 10.87
N LEU A 12 -3.56 7.35 11.27
CA LEU A 12 -2.37 6.54 11.42
C LEU A 12 -1.31 6.92 10.38
N LEU A 13 -1.78 7.29 9.19
CA LEU A 13 -0.89 7.67 8.10
C LEU A 13 -0.28 9.04 8.37
N ARG A 14 -1.12 10.02 8.69
CA ARG A 14 -0.67 11.38 8.96
C ARG A 14 0.47 11.37 9.97
N HIS A 15 0.28 10.63 11.06
CA HIS A 15 1.29 10.54 12.11
C HIS A 15 2.62 10.07 11.54
N GLU A 16 2.68 8.79 11.16
CA GLU A 16 3.89 8.22 10.61
C GLU A 16 4.62 9.22 9.74
N GLY A 17 3.86 10.02 8.99
CA GLY A 17 4.46 11.02 8.12
C GLY A 17 4.54 10.55 6.68
N ILE A 18 3.56 9.79 6.25
CA ILE A 18 3.52 9.28 4.88
C ILE A 18 2.81 10.25 3.95
N GLU A 19 3.53 10.76 2.96
CA GLU A 19 2.95 11.71 2.00
C GLU A 19 2.48 10.97 0.76
N THR A 20 1.23 11.22 0.36
CA THR A 20 0.65 10.59 -0.81
C THR A 20 0.06 11.63 -1.76
N VAL A 21 0.29 11.44 -3.06
CA VAL A 21 -0.22 12.36 -4.06
C VAL A 21 -1.67 12.04 -4.41
N SER A 22 -2.24 12.83 -5.32
CA SER A 22 -3.63 12.63 -5.74
C SER A 22 -3.69 11.89 -7.07
N TYR A 23 -2.76 12.22 -7.96
CA TYR A 23 -2.71 11.60 -9.28
C TYR A 23 -2.33 10.12 -9.17
N ALA A 24 -2.21 9.47 -10.32
CA ALA A 24 -1.85 8.05 -10.35
C ALA A 24 -0.33 7.88 -10.40
N THR A 25 0.17 6.92 -9.62
CA THR A 25 1.60 6.65 -9.58
C THR A 25 1.87 5.15 -9.52
N GLN A 26 2.69 4.66 -10.44
CA GLN A 26 3.03 3.24 -10.49
C GLN A 26 3.18 2.67 -9.08
N SER A 27 3.73 3.48 -8.18
CA SER A 27 3.94 3.05 -6.80
C SER A 27 2.68 3.29 -5.97
N LEU A 28 2.49 2.46 -4.95
CA LEU A 28 1.33 2.58 -4.07
C LEU A 28 1.70 2.27 -2.63
N VAL A 29 0.85 2.67 -1.70
CA VAL A 29 1.08 2.44 -0.27
C VAL A 29 -0.11 1.72 0.36
N VAL A 30 0.15 0.54 0.90
CA VAL A 30 -0.90 -0.25 1.55
C VAL A 30 -1.08 0.17 3.00
N ALA A 31 -2.25 0.74 3.30
CA ALA A 31 -2.55 1.19 4.65
C ALA A 31 -3.23 0.09 5.46
N ASN A 32 -3.10 0.17 6.79
CA ASN A 32 -3.70 -0.83 7.67
C ASN A 32 -3.19 -2.23 7.34
N GLY A 33 -1.98 -2.30 6.76
CA GLY A 33 -1.41 -3.58 6.40
C GLY A 33 -0.01 -3.76 6.96
N GLY A 34 0.93 -4.08 6.08
CA GLY A 34 2.31 -4.28 6.51
C GLY A 34 2.46 -5.44 7.47
N LEU A 35 3.65 -6.01 7.54
CA LEU A 35 3.92 -7.13 8.42
C LEU A 35 3.31 -6.90 9.80
N GLY A 36 3.59 -5.73 10.37
CA GLY A 36 3.06 -5.41 11.68
C GLY A 36 1.62 -5.83 11.85
N ASN A 37 0.85 -5.74 10.76
CA ASN A 37 -0.56 -6.11 10.79
C ASN A 37 -0.74 -7.59 10.47
N GLY A 38 0.23 -8.41 10.89
CA GLY A 38 0.16 -9.83 10.63
C GLY A 38 -0.11 -10.15 9.18
N VAL A 39 0.39 -9.31 8.29
CA VAL A 39 0.21 -9.51 6.85
C VAL A 39 1.51 -9.88 6.16
N SER A 40 1.66 -11.14 5.81
CA SER A 40 2.87 -11.62 5.14
C SER A 40 2.87 -11.23 3.66
N ARG A 41 4.03 -11.31 3.04
CA ARG A 41 4.18 -10.96 1.63
C ARG A 41 3.37 -11.91 0.76
N ASN A 42 3.41 -13.21 1.09
CA ASN A 42 2.68 -14.21 0.33
C ASN A 42 1.19 -14.13 0.61
N GLN A 43 0.80 -13.23 1.51
CA GLN A 43 -0.60 -13.05 1.86
C GLN A 43 -1.14 -11.74 1.30
N LEU A 44 -0.24 -10.83 0.97
CA LEU A 44 -0.62 -9.53 0.43
C LEU A 44 -0.33 -9.47 -1.07
N LEU A 45 0.80 -10.03 -1.47
CA LEU A 45 1.20 -10.04 -2.88
C LEU A 45 0.11 -10.68 -3.74
N PRO A 46 -0.46 -11.80 -3.26
CA PRO A 46 -1.52 -12.53 -3.97
C PRO A 46 -2.62 -11.60 -4.47
N VAL A 47 -2.94 -10.59 -3.67
CA VAL A 47 -3.98 -9.63 -4.02
C VAL A 47 -3.45 -8.58 -4.99
N LEU A 48 -2.16 -8.28 -4.89
CA LEU A 48 -1.52 -7.29 -5.75
C LEU A 48 -1.24 -7.88 -7.14
N GLU A 49 -1.31 -9.20 -7.23
CA GLU A 49 -1.06 -9.89 -8.50
C GLU A 49 -2.35 -10.08 -9.28
N LYS A 50 -3.38 -10.54 -8.58
CA LYS A 50 -4.69 -10.77 -9.21
C LYS A 50 -5.17 -9.52 -9.94
N CYS A 51 -4.85 -8.36 -9.38
CA CYS A 51 -5.26 -7.09 -9.98
C CYS A 51 -4.30 -6.70 -11.11
N GLY A 52 -3.03 -6.55 -10.77
CA GLY A 52 -2.04 -6.18 -11.76
C GLY A 52 -0.68 -6.80 -11.50
N LEU A 53 0.23 -6.64 -12.45
CA LEU A 53 1.58 -7.19 -12.30
C LEU A 53 2.34 -6.50 -11.18
N VAL A 54 2.99 -7.30 -10.34
CA VAL A 54 3.76 -6.77 -9.22
C VAL A 54 5.26 -6.83 -9.51
N ASP A 55 5.83 -5.69 -9.88
CA ASP A 55 7.25 -5.62 -10.18
C ASP A 55 8.09 -5.73 -8.91
N ALA A 56 7.74 -4.93 -7.90
CA ALA A 56 8.45 -4.95 -6.63
C ALA A 56 7.53 -4.59 -5.48
N LEU A 57 7.50 -5.43 -4.45
CA LEU A 57 6.65 -5.19 -3.29
C LEU A 57 7.50 -4.93 -2.04
N LEU A 58 7.62 -3.66 -1.68
CA LEU A 58 8.40 -3.27 -0.50
C LEU A 58 7.59 -3.45 0.78
N MET A 59 8.12 -4.23 1.71
CA MET A 59 7.45 -4.48 2.98
C MET A 59 8.38 -4.21 4.16
N PRO A 60 8.33 -3.00 4.71
CA PRO A 60 9.17 -2.60 5.85
C PRO A 60 8.77 -3.31 7.14
N PRO A 61 9.77 -3.75 7.90
CA PRO A 61 9.56 -4.45 9.17
C PRO A 61 9.01 -3.53 10.25
N ASN A 62 8.12 -4.07 11.08
CA ASN A 62 7.52 -3.29 12.17
C ASN A 62 6.81 -2.06 11.62
N LYS A 63 6.16 -2.21 10.46
CA LYS A 63 5.45 -1.11 9.83
C LYS A 63 4.09 -1.57 9.33
N PRO A 64 3.02 -0.92 9.83
CA PRO A 64 1.64 -1.24 9.44
C PRO A 64 1.34 -0.84 8.00
N TYR A 65 2.28 -0.17 7.37
CA TYR A 65 2.12 0.28 5.99
C TYR A 65 3.22 -0.27 5.09
N SER A 66 2.88 -0.55 3.84
CA SER A 66 3.84 -1.09 2.89
C SER A 66 3.75 -0.35 1.55
N PHE A 67 4.65 -0.69 0.64
CA PHE A 67 4.68 -0.06 -0.69
C PHE A 67 4.80 -1.10 -1.78
N ALA A 68 4.01 -0.94 -2.84
CA ALA A 68 4.03 -1.87 -3.97
C ALA A 68 4.39 -1.16 -5.26
N ARG A 69 4.95 -1.91 -6.21
CA ARG A 69 5.34 -1.34 -7.50
C ARG A 69 4.82 -2.19 -8.64
N TYR A 70 3.85 -1.65 -9.38
CA TYR A 70 3.26 -2.37 -10.50
C TYR A 70 4.10 -2.19 -11.76
N ARG A 71 3.75 -2.93 -12.81
CA ARG A 71 4.48 -2.86 -14.08
C ARG A 71 4.00 -1.68 -14.92
N THR A 72 2.69 -1.48 -14.96
CA THR A 72 2.09 -0.39 -15.72
C THR A 72 1.10 0.40 -14.88
N THR A 73 1.16 1.72 -15.00
CA THR A 73 0.27 2.59 -14.25
C THR A 73 -1.15 2.03 -14.20
N GLU A 74 -1.75 1.85 -15.38
CA GLU A 74 -3.10 1.32 -15.46
C GLU A 74 -3.37 0.30 -14.35
N GLU A 75 -2.47 -0.68 -14.23
CA GLU A 75 -2.61 -1.71 -13.21
C GLU A 75 -2.72 -1.09 -11.82
N SER A 76 -1.71 -0.31 -11.44
CA SER A 76 -1.69 0.34 -10.13
C SER A 76 -3.06 0.92 -9.80
N LYS A 77 -3.55 1.79 -10.68
CA LYS A 77 -4.85 2.42 -10.48
C LYS A 77 -5.94 1.37 -10.24
N ARG A 78 -6.02 0.39 -11.13
CA ARG A 78 -7.01 -0.67 -11.01
C ARG A 78 -7.03 -1.23 -9.59
N ALA A 79 -5.85 -1.45 -9.02
CA ALA A 79 -5.74 -1.98 -7.67
C ALA A 79 -6.04 -0.91 -6.63
N TYR A 80 -5.72 0.34 -6.96
CA TYR A 80 -5.96 1.46 -6.06
C TYR A 80 -7.46 1.71 -5.87
N VAL A 81 -8.21 1.49 -6.94
CA VAL A 81 -9.66 1.69 -6.90
C VAL A 81 -10.38 0.42 -6.49
N THR A 82 -9.68 -0.71 -6.61
CA THR A 82 -10.25 -2.00 -6.25
C THR A 82 -9.79 -2.45 -4.87
N LEU A 83 -8.48 -2.65 -4.72
CA LEU A 83 -7.91 -3.08 -3.45
C LEU A 83 -8.29 -2.12 -2.34
N ASN A 84 -8.11 -0.82 -2.59
CA ASN A 84 -8.44 0.20 -1.60
C ASN A 84 -9.86 0.02 -1.08
N GLY A 85 -9.99 -0.11 0.24
CA GLY A 85 -11.29 -0.29 0.83
C GLY A 85 -11.67 -1.75 0.98
N LYS A 86 -11.07 -2.60 0.16
CA LYS A 86 -11.35 -4.04 0.20
C LYS A 86 -10.77 -4.66 1.47
N GLU A 87 -11.47 -5.68 1.99
CA GLU A 87 -11.03 -6.36 3.19
C GLU A 87 -10.23 -7.62 2.85
N VAL A 88 -9.45 -8.09 3.82
CA VAL A 88 -8.63 -9.29 3.62
C VAL A 88 -8.31 -9.96 4.95
N VAL A 89 -8.45 -11.28 5.00
CA VAL A 89 -8.17 -12.04 6.21
C VAL A 89 -6.69 -12.03 6.53
N ASP A 90 -6.36 -11.63 7.75
CA ASP A 90 -4.97 -11.58 8.19
C ASP A 90 -4.55 -12.91 8.80
N ASP A 91 -3.30 -12.97 9.27
CA ASP A 91 -2.76 -14.18 9.88
C ASP A 91 -3.67 -14.65 11.02
N LEU A 92 -4.15 -13.71 11.82
CA LEU A 92 -5.02 -14.05 12.94
C LEU A 92 -6.34 -14.65 12.45
N GLY A 93 -6.73 -14.29 11.23
CA GLY A 93 -7.96 -14.81 10.66
C GLY A 93 -9.08 -13.79 10.67
N GLN A 94 -8.73 -12.53 10.93
CA GLN A 94 -9.72 -11.46 10.97
C GLN A 94 -9.59 -10.57 9.74
N LYS A 95 -10.72 -10.25 9.12
CA LYS A 95 -10.74 -9.40 7.94
C LYS A 95 -10.35 -7.96 8.29
N ILE A 96 -9.32 -7.45 7.61
CA ILE A 96 -8.86 -6.09 7.84
C ILE A 96 -9.09 -5.21 6.63
N THR A 97 -9.40 -3.94 6.87
CA THR A 97 -9.64 -2.99 5.79
C THR A 97 -8.38 -2.20 5.46
N LEU A 98 -7.81 -2.47 4.28
CA LEU A 98 -6.60 -1.78 3.85
C LEU A 98 -6.94 -0.67 2.86
N TYR A 99 -6.15 0.40 2.89
CA TYR A 99 -6.36 1.54 2.00
C TYR A 99 -5.10 1.83 1.19
N LEU A 100 -5.24 1.80 -0.13
CA LEU A 100 -4.11 2.06 -1.03
C LEU A 100 -4.12 3.51 -1.49
N ASN A 101 -2.98 4.18 -1.33
CA ASN A 101 -2.84 5.57 -1.72
C ASN A 101 -1.77 5.73 -2.79
N PHE A 102 -1.97 6.67 -3.71
CA PHE A 102 -1.03 6.93 -4.78
C PHE A 102 0.21 7.64 -4.25
N VAL A 103 1.38 7.07 -4.52
CA VAL A 103 2.65 7.66 -4.08
C VAL A 103 3.61 7.84 -5.24
N GLU A 104 4.10 9.06 -5.41
CA GLU A 104 5.04 9.35 -6.49
C GLU A 104 6.41 8.74 -6.21
N LYS A 105 6.86 8.87 -4.97
CA LYS A 105 8.16 8.33 -4.57
C LYS A 105 8.03 7.53 -3.27
N VAL A 106 8.96 6.60 -3.06
CA VAL A 106 8.95 5.77 -1.87
C VAL A 106 10.37 5.32 -1.50
N GLN A 107 10.64 5.27 -0.21
CA GLN A 107 11.96 4.86 0.28
C GLN A 107 12.23 3.40 -0.04
N TRP A 108 12.54 3.12 -1.30
CA TRP A 108 12.82 1.76 -1.74
C TRP A 108 14.17 1.28 -1.21
N SER A 109 14.36 -0.04 -1.21
CA SER A 109 15.60 -0.62 -0.73
C SER A 109 16.59 -0.82 -1.87
N GLY A 110 16.71 0.19 -2.73
CA GLY A 110 17.63 0.11 -3.85
C GLY A 110 18.19 1.47 -4.23
N PRO A 111 19.44 1.48 -4.71
CA PRO A 111 20.13 2.70 -5.12
C PRO A 111 19.53 3.30 -6.40
N SER A 112 18.82 4.41 -6.25
CA SER A 112 18.19 5.08 -7.39
C SER A 112 19.26 5.54 -8.39
N SER A 113 19.37 4.82 -9.50
CA SER A 113 20.35 5.16 -10.53
C SER A 113 19.97 6.47 -11.23
N GLY A 114 20.93 7.38 -11.30
CA GLY A 114 20.69 8.66 -11.95
C GLY A 114 20.38 9.76 -10.95
N GLY A 1 -17.10 6.19 8.90
CA GLY A 1 -17.40 7.45 9.56
C GLY A 1 -18.17 8.41 8.67
N SER A 2 -18.58 9.55 9.23
CA SER A 2 -19.33 10.54 8.48
C SER A 2 -18.39 11.57 7.85
N SER A 3 -17.52 12.13 8.67
CA SER A 3 -16.57 13.14 8.19
C SER A 3 -15.37 12.47 7.51
N GLY A 4 -15.35 12.56 6.18
CA GLY A 4 -14.25 11.97 5.43
C GLY A 4 -13.00 12.81 5.47
N SER A 5 -11.91 12.28 4.92
CA SER A 5 -10.63 12.98 4.89
C SER A 5 -9.84 12.64 3.63
N SER A 6 -8.95 13.54 3.23
CA SER A 6 -8.13 13.34 2.04
C SER A 6 -7.29 12.08 2.18
N GLY A 7 -6.50 12.02 3.25
CA GLY A 7 -5.65 10.86 3.48
C GLY A 7 -6.45 9.60 3.77
N ALA A 8 -6.06 8.90 4.83
CA ALA A 8 -6.75 7.67 5.22
C ALA A 8 -7.80 7.95 6.29
N LYS A 9 -8.62 6.94 6.57
CA LYS A 9 -9.67 7.07 7.58
C LYS A 9 -9.08 7.15 8.98
N HIS A 10 -8.04 6.35 9.22
CA HIS A 10 -7.38 6.33 10.53
C HIS A 10 -6.19 7.29 10.55
N THR A 11 -5.93 7.86 11.71
CA THR A 11 -4.82 8.79 11.87
C THR A 11 -3.50 8.06 12.12
N LEU A 12 -3.39 6.86 11.56
CA LEU A 12 -2.18 6.05 11.71
C LEU A 12 -1.12 6.45 10.69
N LEU A 13 -1.56 7.07 9.60
CA LEU A 13 -0.66 7.50 8.55
C LEU A 13 0.01 8.83 8.91
N ARG A 14 -0.76 9.72 9.53
CA ARG A 14 -0.24 11.01 9.94
C ARG A 14 0.96 10.86 10.87
N HIS A 15 0.76 10.14 11.98
CA HIS A 15 1.81 9.91 12.95
C HIS A 15 3.10 9.48 12.26
N GLU A 16 3.02 8.38 11.50
CA GLU A 16 4.17 7.85 10.78
C GLU A 16 4.83 8.94 9.95
N GLY A 17 4.04 9.60 9.10
CA GLY A 17 4.56 10.65 8.26
C GLY A 17 4.66 10.23 6.80
N ILE A 18 3.52 9.84 6.23
CA ILE A 18 3.48 9.42 4.83
C ILE A 18 2.75 10.44 3.97
N GLU A 19 3.42 10.90 2.93
CA GLU A 19 2.84 11.89 2.02
C GLU A 19 2.48 11.25 0.68
N THR A 20 1.18 11.16 0.40
CA THR A 20 0.72 10.57 -0.84
C THR A 20 0.18 11.65 -1.80
N VAL A 21 0.42 11.45 -3.09
CA VAL A 21 -0.04 12.40 -4.10
C VAL A 21 -1.49 12.14 -4.48
N SER A 22 -1.98 12.89 -5.47
CA SER A 22 -3.36 12.75 -5.92
C SER A 22 -3.42 12.01 -7.25
N TYR A 23 -2.49 12.33 -8.14
CA TYR A 23 -2.44 11.71 -9.45
C TYR A 23 -2.04 10.24 -9.34
N ALA A 24 -2.19 9.50 -10.43
CA ALA A 24 -1.85 8.09 -10.47
C ALA A 24 -0.33 7.89 -10.44
N THR A 25 0.12 6.95 -9.62
CA THR A 25 1.55 6.67 -9.50
C THR A 25 1.82 5.17 -9.55
N GLN A 26 2.80 4.76 -10.34
CA GLN A 26 3.15 3.35 -10.46
C GLN A 26 3.31 2.71 -9.09
N SER A 27 3.61 3.54 -8.08
CA SER A 27 3.79 3.04 -6.72
C SER A 27 2.52 3.27 -5.89
N LEU A 28 2.31 2.40 -4.91
CA LEU A 28 1.14 2.49 -4.05
C LEU A 28 1.49 2.10 -2.62
N VAL A 29 0.91 2.81 -1.65
CA VAL A 29 1.16 2.53 -0.24
C VAL A 29 -0.03 1.82 0.40
N VAL A 30 0.21 0.64 0.95
CA VAL A 30 -0.85 -0.13 1.60
C VAL A 30 -1.01 0.26 3.06
N ALA A 31 -2.16 0.85 3.39
CA ALA A 31 -2.44 1.27 4.75
C ALA A 31 -3.11 0.16 5.55
N ASN A 32 -2.94 0.19 6.86
CA ASN A 32 -3.52 -0.82 7.74
C ASN A 32 -3.00 -2.21 7.40
N GLY A 33 -1.81 -2.26 6.81
CA GLY A 33 -1.22 -3.53 6.44
C GLY A 33 0.20 -3.69 6.96
N GLY A 34 1.12 -4.05 6.07
CA GLY A 34 2.51 -4.22 6.46
C GLY A 34 2.68 -5.34 7.48
N LEU A 35 3.89 -5.89 7.55
CA LEU A 35 4.18 -6.97 8.48
C LEU A 35 3.61 -6.67 9.86
N GLY A 36 3.94 -5.49 10.39
CA GLY A 36 3.45 -5.10 11.70
C GLY A 36 2.01 -5.51 11.93
N ASN A 37 1.22 -5.50 10.86
CA ASN A 37 -0.18 -5.88 10.95
C ASN A 37 -0.38 -7.37 10.67
N GLY A 38 0.60 -8.17 11.08
CA GLY A 38 0.52 -9.60 10.86
C GLY A 38 0.19 -9.95 9.43
N VAL A 39 0.76 -9.20 8.49
CA VAL A 39 0.51 -9.44 7.07
C VAL A 39 1.78 -9.92 6.37
N SER A 40 1.73 -11.14 5.83
CA SER A 40 2.86 -11.72 5.14
C SER A 40 2.85 -11.35 3.66
N ARG A 41 4.04 -11.33 3.05
CA ARG A 41 4.16 -10.99 1.64
C ARG A 41 3.34 -11.94 0.78
N ASN A 42 3.40 -13.23 1.10
CA ASN A 42 2.66 -14.24 0.35
C ASN A 42 1.17 -14.18 0.67
N GLN A 43 0.81 -13.28 1.58
CA GLN A 43 -0.59 -13.12 1.97
C GLN A 43 -1.15 -11.81 1.43
N LEU A 44 -0.27 -10.90 1.07
CA LEU A 44 -0.68 -9.60 0.54
C LEU A 44 -0.41 -9.51 -0.96
N LEU A 45 0.70 -10.08 -1.39
CA LEU A 45 1.07 -10.07 -2.81
C LEU A 45 -0.02 -10.71 -3.66
N PRO A 46 -0.57 -11.83 -3.16
CA PRO A 46 -1.63 -12.57 -3.86
C PRO A 46 -2.75 -11.65 -4.33
N VAL A 47 -3.08 -10.65 -3.52
CA VAL A 47 -4.13 -9.71 -3.85
C VAL A 47 -3.63 -8.65 -4.83
N LEU A 48 -2.32 -8.42 -4.82
CA LEU A 48 -1.71 -7.42 -5.71
C LEU A 48 -1.39 -8.04 -7.07
N GLU A 49 -1.43 -9.37 -7.13
CA GLU A 49 -1.14 -10.07 -8.39
C GLU A 49 -2.43 -10.25 -9.21
N LYS A 50 -3.49 -10.67 -8.53
CA LYS A 50 -4.77 -10.89 -9.20
C LYS A 50 -5.21 -9.64 -9.96
N CYS A 51 -4.91 -8.48 -9.40
CA CYS A 51 -5.28 -7.21 -10.03
C CYS A 51 -4.32 -6.89 -11.18
N GLY A 52 -3.03 -6.85 -10.88
CA GLY A 52 -2.04 -6.54 -11.91
C GLY A 52 -0.70 -7.21 -11.63
N LEU A 53 0.26 -6.97 -12.50
CA LEU A 53 1.59 -7.54 -12.35
C LEU A 53 2.39 -6.80 -11.29
N VAL A 54 2.97 -7.55 -10.35
CA VAL A 54 3.76 -6.95 -9.28
C VAL A 54 5.25 -7.04 -9.59
N ASP A 55 5.86 -5.89 -9.87
CA ASP A 55 7.28 -5.84 -10.18
C ASP A 55 8.11 -5.91 -8.91
N ALA A 56 7.81 -5.05 -7.96
CA ALA A 56 8.53 -5.00 -6.69
C ALA A 56 7.61 -4.59 -5.54
N LEU A 57 7.63 -5.37 -4.47
CA LEU A 57 6.80 -5.10 -3.30
C LEU A 57 7.66 -4.84 -2.07
N LEU A 58 7.74 -3.57 -1.67
CA LEU A 58 8.53 -3.18 -0.51
C LEU A 58 7.72 -3.34 0.78
N MET A 59 8.24 -4.13 1.70
CA MET A 59 7.57 -4.36 2.97
C MET A 59 8.50 -4.08 4.15
N PRO A 60 8.40 -2.87 4.71
CA PRO A 60 9.23 -2.45 5.84
C PRO A 60 8.87 -3.18 7.13
N PRO A 61 9.90 -3.58 7.90
CA PRO A 61 9.71 -4.29 9.16
C PRO A 61 9.12 -3.40 10.25
N ASN A 62 8.24 -3.98 11.07
CA ASN A 62 7.60 -3.24 12.16
C ASN A 62 6.89 -2.00 11.62
N LYS A 63 6.22 -2.16 10.49
CA LYS A 63 5.49 -1.06 9.87
C LYS A 63 4.12 -1.51 9.37
N PRO A 64 3.07 -0.86 9.87
CA PRO A 64 1.69 -1.17 9.48
C PRO A 64 1.37 -0.78 8.05
N TYR A 65 2.34 -0.15 7.40
CA TYR A 65 2.16 0.28 6.01
C TYR A 65 3.26 -0.29 5.12
N SER A 66 2.95 -0.46 3.84
CA SER A 66 3.91 -1.00 2.89
C SER A 66 3.82 -0.28 1.55
N PHE A 67 4.69 -0.65 0.61
CA PHE A 67 4.71 -0.03 -0.71
C PHE A 67 4.80 -1.09 -1.80
N ALA A 68 4.00 -0.92 -2.85
CA ALA A 68 3.99 -1.85 -3.96
C ALA A 68 4.33 -1.15 -5.28
N ARG A 69 5.04 -1.84 -6.15
CA ARG A 69 5.42 -1.29 -7.44
C ARG A 69 4.92 -2.16 -8.58
N TYR A 70 3.91 -1.66 -9.29
CA TYR A 70 3.33 -2.40 -10.41
C TYR A 70 4.17 -2.24 -11.67
N ARG A 71 3.82 -2.98 -12.71
CA ARG A 71 4.56 -2.92 -13.97
C ARG A 71 4.00 -1.82 -14.88
N THR A 72 2.71 -1.54 -14.72
CA THR A 72 2.06 -0.51 -15.52
C THR A 72 1.11 0.32 -14.67
N THR A 73 1.06 1.63 -14.94
CA THR A 73 0.19 2.53 -14.20
C THR A 73 -1.23 2.00 -14.15
N GLU A 74 -1.79 1.71 -15.32
CA GLU A 74 -3.16 1.20 -15.41
C GLU A 74 -3.46 0.25 -14.25
N GLU A 75 -2.59 -0.73 -14.05
CA GLU A 75 -2.77 -1.70 -12.98
C GLU A 75 -2.83 -1.00 -11.62
N SER A 76 -1.75 -0.31 -11.26
CA SER A 76 -1.68 0.40 -9.99
C SER A 76 -3.02 1.04 -9.66
N LYS A 77 -3.58 1.78 -10.62
CA LYS A 77 -4.86 2.44 -10.42
C LYS A 77 -5.97 1.43 -10.14
N ARG A 78 -6.10 0.44 -11.03
CA ARG A 78 -7.11 -0.60 -10.88
C ARG A 78 -7.12 -1.14 -9.46
N ALA A 79 -5.94 -1.38 -8.91
CA ALA A 79 -5.81 -1.90 -7.55
C ALA A 79 -6.09 -0.82 -6.51
N TYR A 80 -5.74 0.42 -6.85
CA TYR A 80 -5.95 1.54 -5.95
C TYR A 80 -7.44 1.79 -5.73
N VAL A 81 -8.23 1.60 -6.79
CA VAL A 81 -9.66 1.81 -6.73
C VAL A 81 -10.39 0.52 -6.31
N THR A 82 -9.70 -0.61 -6.50
CA THR A 82 -10.28 -1.91 -6.15
C THR A 82 -9.82 -2.36 -4.77
N LEU A 83 -8.52 -2.58 -4.62
CA LEU A 83 -7.96 -3.02 -3.35
C LEU A 83 -8.35 -2.06 -2.23
N ASN A 84 -8.14 -0.76 -2.45
CA ASN A 84 -8.47 0.24 -1.46
C ASN A 84 -9.90 0.07 -0.96
N GLY A 85 -10.05 -0.20 0.34
CA GLY A 85 -11.36 -0.38 0.91
C GLY A 85 -11.76 -1.84 0.99
N LYS A 86 -11.19 -2.65 0.12
CA LYS A 86 -11.49 -4.08 0.09
C LYS A 86 -11.08 -4.74 1.40
N GLU A 87 -11.69 -5.89 1.70
CA GLU A 87 -11.39 -6.62 2.93
C GLU A 87 -10.47 -7.81 2.64
N VAL A 88 -9.59 -8.11 3.58
CA VAL A 88 -8.66 -9.23 3.43
C VAL A 88 -8.46 -9.96 4.75
N VAL A 89 -8.43 -11.30 4.68
CA VAL A 89 -8.25 -12.11 5.87
C VAL A 89 -6.78 -12.16 6.29
N ASP A 90 -6.46 -11.46 7.38
CA ASP A 90 -5.10 -11.42 7.89
C ASP A 90 -4.65 -12.80 8.36
N ASP A 91 -3.45 -12.88 8.92
CA ASP A 91 -2.90 -14.14 9.42
C ASP A 91 -3.77 -14.70 10.54
N LEU A 92 -4.23 -13.82 11.42
CA LEU A 92 -5.08 -14.24 12.54
C LEU A 92 -6.38 -14.85 12.04
N GLY A 93 -6.84 -14.40 10.87
CA GLY A 93 -8.06 -14.93 10.30
C GLY A 93 -9.20 -13.93 10.34
N GLN A 94 -8.86 -12.65 10.50
CA GLN A 94 -9.85 -11.59 10.56
C GLN A 94 -9.79 -10.71 9.32
N LYS A 95 -10.95 -10.25 8.86
CA LYS A 95 -11.03 -9.40 7.68
C LYS A 95 -10.65 -7.96 8.03
N ILE A 96 -9.65 -7.43 7.33
CA ILE A 96 -9.20 -6.07 7.57
C ILE A 96 -9.37 -5.21 6.32
N THR A 97 -9.61 -3.91 6.52
CA THR A 97 -9.80 -2.99 5.42
C THR A 97 -8.54 -2.18 5.16
N LEU A 98 -7.85 -2.50 4.07
CA LEU A 98 -6.62 -1.80 3.71
C LEU A 98 -6.92 -0.63 2.78
N TYR A 99 -6.14 0.44 2.91
CA TYR A 99 -6.31 1.62 2.09
C TYR A 99 -5.06 1.90 1.26
N LEU A 100 -5.21 1.90 -0.06
CA LEU A 100 -4.10 2.15 -0.96
C LEU A 100 -4.10 3.60 -1.43
N ASN A 101 -2.96 4.28 -1.27
CA ASN A 101 -2.83 5.67 -1.68
C ASN A 101 -1.76 5.82 -2.75
N PHE A 102 -1.97 6.75 -3.66
CA PHE A 102 -1.01 7.00 -4.74
C PHE A 102 0.23 7.72 -4.21
N VAL A 103 1.38 7.06 -4.33
CA VAL A 103 2.64 7.64 -3.85
C VAL A 103 3.69 7.66 -4.96
N GLU A 104 4.55 8.67 -4.93
CA GLU A 104 5.60 8.81 -5.94
C GLU A 104 6.98 8.58 -5.33
N LYS A 105 7.16 9.06 -4.10
CA LYS A 105 8.43 8.91 -3.40
C LYS A 105 8.34 7.80 -2.35
N VAL A 106 9.34 6.93 -2.34
CA VAL A 106 9.40 5.83 -1.39
C VAL A 106 10.82 5.32 -1.20
N GLN A 107 11.19 5.07 0.05
CA GLN A 107 12.52 4.59 0.37
C GLN A 107 12.69 3.13 -0.03
N TRP A 108 12.70 2.88 -1.34
CA TRP A 108 12.84 1.53 -1.86
C TRP A 108 14.12 0.88 -1.35
N SER A 109 15.26 1.50 -1.65
CA SER A 109 16.55 0.98 -1.22
C SER A 109 17.68 1.94 -1.60
N GLY A 110 18.61 2.15 -0.67
CA GLY A 110 19.72 3.04 -0.93
C GLY A 110 20.06 3.91 0.28
N PRO A 111 21.36 4.16 0.48
CA PRO A 111 21.83 4.99 1.59
C PRO A 111 21.46 6.46 1.44
N SER A 112 21.04 6.83 0.23
CA SER A 112 20.65 8.21 -0.06
C SER A 112 19.93 8.82 1.14
N SER A 113 20.67 9.59 1.93
CA SER A 113 20.10 10.24 3.11
C SER A 113 21.08 11.25 3.70
N GLY A 114 20.55 12.26 4.39
CA GLY A 114 21.39 13.27 4.99
C GLY A 114 21.20 13.36 6.49
N GLY A 1 4.59 15.05 -2.00
CA GLY A 1 3.18 14.92 -2.33
C GLY A 1 2.28 15.74 -1.42
N SER A 2 0.98 15.61 -1.61
CA SER A 2 0.01 16.36 -0.80
C SER A 2 -0.38 15.57 0.44
N SER A 3 -0.18 16.17 1.61
CA SER A 3 -0.51 15.52 2.87
C SER A 3 -1.94 14.97 2.84
N GLY A 4 -2.89 15.83 2.51
CA GLY A 4 -4.28 15.42 2.44
C GLY A 4 -4.60 14.63 1.19
N SER A 5 -5.21 13.47 1.36
CA SER A 5 -5.57 12.62 0.22
C SER A 5 -6.38 11.41 0.68
N SER A 6 -6.75 10.56 -0.28
CA SER A 6 -7.53 9.37 0.04
C SER A 6 -6.74 8.42 0.92
N GLY A 7 -7.40 7.33 1.35
CA GLY A 7 -6.73 6.36 2.19
C GLY A 7 -7.45 6.17 3.52
N ALA A 8 -6.74 5.62 4.50
CA ALA A 8 -7.31 5.39 5.82
C ALA A 8 -7.37 6.68 6.62
N LYS A 9 -8.16 6.67 7.70
CA LYS A 9 -8.31 7.84 8.55
C LYS A 9 -7.60 7.64 9.89
N HIS A 10 -6.96 6.48 10.04
CA HIS A 10 -6.25 6.16 11.28
C HIS A 10 -5.06 7.10 11.48
N THR A 11 -4.83 7.50 12.72
CA THR A 11 -3.73 8.40 13.04
C THR A 11 -2.38 7.72 12.83
N LEU A 12 -2.40 6.40 12.73
CA LEU A 12 -1.18 5.62 12.53
C LEU A 12 -0.35 6.22 11.41
N LEU A 13 -1.01 6.88 10.47
CA LEU A 13 -0.33 7.50 9.33
C LEU A 13 0.42 8.76 9.77
N ARG A 14 -0.32 9.74 10.27
CA ARG A 14 0.28 10.99 10.72
C ARG A 14 1.56 10.73 11.51
N HIS A 15 1.41 10.13 12.69
CA HIS A 15 2.56 9.81 13.54
C HIS A 15 3.76 9.40 12.70
N GLU A 16 3.58 8.41 11.84
CA GLU A 16 4.65 7.93 10.98
C GLU A 16 5.18 9.04 10.10
N GLY A 17 4.30 9.65 9.31
CA GLY A 17 4.68 10.72 8.42
C GLY A 17 4.73 10.29 6.97
N ILE A 18 3.61 9.79 6.47
CA ILE A 18 3.52 9.34 5.08
C ILE A 18 2.72 10.32 4.23
N GLU A 19 3.34 10.80 3.16
CA GLU A 19 2.68 11.74 2.27
C GLU A 19 2.44 11.11 0.90
N THR A 20 1.18 11.12 0.47
CA THR A 20 0.81 10.55 -0.83
C THR A 20 0.19 11.61 -1.74
N VAL A 21 0.40 11.45 -3.04
CA VAL A 21 -0.13 12.39 -4.02
C VAL A 21 -1.55 12.02 -4.43
N SER A 22 -2.13 12.81 -5.32
CA SER A 22 -3.49 12.56 -5.80
C SER A 22 -3.47 11.88 -7.16
N TYR A 23 -2.62 12.38 -8.05
CA TYR A 23 -2.51 11.82 -9.39
C TYR A 23 -2.08 10.36 -9.35
N ALA A 24 -2.35 9.63 -10.43
CA ALA A 24 -1.98 8.22 -10.51
C ALA A 24 -0.47 8.05 -10.50
N THR A 25 0.02 7.11 -9.70
CA THR A 25 1.44 6.84 -9.59
C THR A 25 1.73 5.35 -9.59
N GLN A 26 2.82 4.96 -10.26
CA GLN A 26 3.20 3.55 -10.33
C GLN A 26 3.36 2.96 -8.93
N SER A 27 3.80 3.78 -7.99
CA SER A 27 4.00 3.34 -6.62
C SER A 27 2.72 3.49 -5.80
N LEU A 28 2.49 2.56 -4.90
CA LEU A 28 1.31 2.60 -4.05
C LEU A 28 1.64 2.17 -2.62
N VAL A 29 1.04 2.85 -1.65
CA VAL A 29 1.26 2.55 -0.25
C VAL A 29 0.06 1.84 0.38
N VAL A 30 0.30 0.67 0.93
CA VAL A 30 -0.77 -0.11 1.56
C VAL A 30 -0.98 0.31 3.01
N ALA A 31 -2.16 0.87 3.30
CA ALA A 31 -2.48 1.32 4.65
C ALA A 31 -3.19 0.22 5.43
N ASN A 32 -2.95 0.19 6.74
CA ASN A 32 -3.56 -0.81 7.61
C ASN A 32 -3.05 -2.21 7.27
N GLY A 33 -1.84 -2.28 6.73
CA GLY A 33 -1.25 -3.55 6.38
C GLY A 33 0.15 -3.72 6.92
N GLY A 34 1.09 -4.02 6.04
CA GLY A 34 2.47 -4.21 6.46
C GLY A 34 2.63 -5.36 7.44
N LEU A 35 3.82 -5.93 7.49
CA LEU A 35 4.11 -7.04 8.39
C LEU A 35 3.50 -6.80 9.76
N GLY A 36 3.74 -5.61 10.31
CA GLY A 36 3.22 -5.27 11.61
C GLY A 36 1.78 -5.72 11.79
N ASN A 37 0.99 -5.62 10.72
CA ASN A 37 -0.41 -6.02 10.77
C ASN A 37 -0.57 -7.51 10.49
N GLY A 38 0.42 -8.29 10.93
CA GLY A 38 0.38 -9.73 10.71
C GLY A 38 0.14 -10.09 9.26
N VAL A 39 0.35 -9.13 8.37
CA VAL A 39 0.16 -9.34 6.94
C VAL A 39 1.48 -9.73 6.27
N SER A 40 1.59 -11.00 5.89
CA SER A 40 2.79 -11.50 5.24
C SER A 40 2.80 -11.13 3.76
N ARG A 41 3.98 -11.20 3.16
CA ARG A 41 4.13 -10.88 1.74
C ARG A 41 3.34 -11.85 0.87
N ASN A 42 3.38 -13.13 1.23
CA ASN A 42 2.67 -14.16 0.49
C ASN A 42 1.17 -14.07 0.75
N GLN A 43 0.78 -13.17 1.64
CA GLN A 43 -0.63 -13.00 1.97
C GLN A 43 -1.17 -11.68 1.41
N LEU A 44 -0.25 -10.77 1.08
CA LEU A 44 -0.63 -9.47 0.52
C LEU A 44 -0.33 -9.42 -0.98
N LEU A 45 0.79 -9.99 -1.38
CA LEU A 45 1.18 -10.01 -2.79
C LEU A 45 0.09 -10.65 -3.64
N PRO A 46 -0.48 -11.76 -3.15
CA PRO A 46 -1.54 -12.48 -3.85
C PRO A 46 -2.64 -11.57 -4.35
N VAL A 47 -3.01 -10.60 -3.53
CA VAL A 47 -4.05 -9.64 -3.88
C VAL A 47 -3.53 -8.60 -4.88
N LEU A 48 -2.24 -8.30 -4.80
CA LEU A 48 -1.62 -7.33 -5.68
C LEU A 48 -1.31 -7.95 -7.03
N GLU A 49 -1.38 -9.27 -7.10
CA GLU A 49 -1.10 -9.99 -8.34
C GLU A 49 -2.38 -10.23 -9.14
N LYS A 50 -3.43 -10.68 -8.44
CA LYS A 50 -4.71 -10.95 -9.09
C LYS A 50 -5.20 -9.72 -9.85
N CYS A 51 -4.85 -8.54 -9.35
CA CYS A 51 -5.26 -7.29 -10.00
C CYS A 51 -4.33 -6.95 -11.16
N GLY A 52 -3.05 -6.77 -10.86
CA GLY A 52 -2.09 -6.44 -11.89
C GLY A 52 -0.76 -7.15 -11.70
N LEU A 53 0.26 -6.71 -12.43
CA LEU A 53 1.58 -7.31 -12.33
C LEU A 53 2.40 -6.64 -11.23
N VAL A 54 2.89 -7.45 -10.30
CA VAL A 54 3.69 -6.93 -9.19
C VAL A 54 5.18 -7.06 -9.49
N ASP A 55 5.78 -5.97 -9.95
CA ASP A 55 7.20 -5.96 -10.27
C ASP A 55 8.04 -6.01 -9.00
N ALA A 56 7.68 -5.19 -8.02
CA ALA A 56 8.40 -5.15 -6.75
C ALA A 56 7.48 -4.73 -5.61
N LEU A 57 7.53 -5.48 -4.52
CA LEU A 57 6.70 -5.19 -3.36
C LEU A 57 7.55 -4.93 -2.12
N LEU A 58 7.69 -3.66 -1.75
CA LEU A 58 8.48 -3.29 -0.59
C LEU A 58 7.67 -3.44 0.70
N MET A 59 8.22 -4.20 1.65
CA MET A 59 7.55 -4.42 2.92
C MET A 59 8.48 -4.12 4.08
N PRO A 60 8.38 -2.89 4.62
CA PRO A 60 9.21 -2.44 5.74
C PRO A 60 8.84 -3.15 7.04
N PRO A 61 9.88 -3.57 7.80
CA PRO A 61 9.69 -4.27 9.08
C PRO A 61 9.15 -3.35 10.16
N ASN A 62 8.25 -3.88 10.98
CA ASN A 62 7.65 -3.12 12.07
C ASN A 62 6.94 -1.88 11.53
N LYS A 63 6.23 -2.05 10.42
CA LYS A 63 5.50 -0.95 9.80
C LYS A 63 4.14 -1.41 9.30
N PRO A 64 3.07 -0.78 9.81
CA PRO A 64 1.69 -1.11 9.42
C PRO A 64 1.38 -0.69 7.99
N TYR A 65 2.37 -0.10 7.31
CA TYR A 65 2.19 0.35 5.94
C TYR A 65 3.30 -0.20 5.05
N SER A 66 2.95 -0.53 3.81
CA SER A 66 3.91 -1.06 2.85
C SER A 66 3.86 -0.30 1.53
N PHE A 67 4.73 -0.68 0.60
CA PHE A 67 4.77 -0.02 -0.71
C PHE A 67 4.89 -1.06 -1.82
N ALA A 68 4.02 -0.95 -2.82
CA ALA A 68 4.03 -1.87 -3.94
C ALA A 68 4.41 -1.16 -5.24
N ARG A 69 4.96 -1.90 -6.19
CA ARG A 69 5.37 -1.34 -7.47
C ARG A 69 4.84 -2.18 -8.63
N TYR A 70 3.79 -1.69 -9.28
CA TYR A 70 3.20 -2.40 -10.40
C TYR A 70 4.06 -2.27 -11.65
N ARG A 71 3.63 -2.92 -12.73
CA ARG A 71 4.36 -2.88 -13.99
C ARG A 71 3.92 -1.69 -14.84
N THR A 72 2.63 -1.37 -14.78
CA THR A 72 2.09 -0.26 -15.54
C THR A 72 1.08 0.53 -14.71
N THR A 73 1.13 1.85 -14.82
CA THR A 73 0.24 2.72 -14.08
C THR A 73 -1.18 2.15 -14.05
N GLU A 74 -1.76 1.94 -15.23
CA GLU A 74 -3.10 1.39 -15.34
C GLU A 74 -3.37 0.39 -14.22
N GLU A 75 -2.62 -0.71 -14.22
CA GLU A 75 -2.78 -1.75 -13.20
C GLU A 75 -2.83 -1.13 -11.81
N SER A 76 -1.79 -0.40 -11.45
CA SER A 76 -1.72 0.25 -10.13
C SER A 76 -3.06 0.88 -9.76
N LYS A 77 -3.53 1.79 -10.61
CA LYS A 77 -4.80 2.47 -10.38
C LYS A 77 -5.92 1.46 -10.11
N ARG A 78 -6.03 0.47 -10.98
CA ARG A 78 -7.05 -0.55 -10.85
C ARG A 78 -7.08 -1.10 -9.43
N ALA A 79 -5.90 -1.37 -8.87
CA ALA A 79 -5.78 -1.90 -7.52
C ALA A 79 -6.06 -0.82 -6.48
N TYR A 80 -5.68 0.41 -6.80
CA TYR A 80 -5.88 1.53 -5.89
C TYR A 80 -7.37 1.80 -5.69
N VAL A 81 -8.15 1.64 -6.75
CA VAL A 81 -9.59 1.85 -6.69
C VAL A 81 -10.33 0.58 -6.31
N THR A 82 -9.70 -0.56 -6.56
CA THR A 82 -10.29 -1.85 -6.25
C THR A 82 -9.88 -2.33 -4.86
N LEU A 83 -8.57 -2.50 -4.66
CA LEU A 83 -8.05 -2.94 -3.37
C LEU A 83 -8.45 -1.99 -2.26
N ASN A 84 -8.13 -0.72 -2.43
CA ASN A 84 -8.47 0.30 -1.45
C ASN A 84 -9.90 0.13 -0.95
N GLY A 85 -10.05 -0.34 0.29
CA GLY A 85 -11.36 -0.55 0.86
C GLY A 85 -11.83 -1.99 0.74
N LYS A 86 -10.89 -2.89 0.46
CA LYS A 86 -11.22 -4.30 0.32
C LYS A 86 -10.96 -5.06 1.63
N GLU A 87 -11.67 -6.15 1.83
CA GLU A 87 -11.51 -6.96 3.02
C GLU A 87 -10.60 -8.16 2.76
N VAL A 88 -9.65 -8.38 3.66
CA VAL A 88 -8.71 -9.49 3.52
C VAL A 88 -8.48 -10.18 4.86
N VAL A 89 -8.51 -11.50 4.85
CA VAL A 89 -8.31 -12.29 6.07
C VAL A 89 -6.82 -12.33 6.44
N ASP A 90 -6.47 -11.61 7.50
CA ASP A 90 -5.09 -11.57 7.97
C ASP A 90 -4.70 -12.89 8.65
N ASP A 91 -3.44 -13.00 9.02
CA ASP A 91 -2.93 -14.20 9.68
C ASP A 91 -3.84 -14.59 10.86
N LEU A 92 -4.28 -13.60 11.62
CA LEU A 92 -5.15 -13.83 12.76
C LEU A 92 -6.45 -14.49 12.32
N GLY A 93 -6.88 -14.19 11.10
CA GLY A 93 -8.11 -14.76 10.58
C GLY A 93 -9.24 -13.75 10.51
N GLN A 94 -8.90 -12.48 10.73
CA GLN A 94 -9.89 -11.41 10.70
C GLN A 94 -9.84 -10.67 9.36
N LYS A 95 -11.00 -10.24 8.88
CA LYS A 95 -11.09 -9.52 7.61
C LYS A 95 -10.82 -8.03 7.83
N ILE A 96 -9.59 -7.61 7.54
CA ILE A 96 -9.21 -6.21 7.70
C ILE A 96 -9.41 -5.44 6.40
N THR A 97 -9.51 -4.12 6.50
CA THR A 97 -9.70 -3.27 5.34
C THR A 97 -8.45 -2.45 5.03
N LEU A 98 -7.65 -2.94 4.10
CA LEU A 98 -6.42 -2.25 3.72
C LEU A 98 -6.70 -1.18 2.66
N TYR A 99 -6.03 -0.04 2.80
CA TYR A 99 -6.20 1.06 1.86
C TYR A 99 -4.98 1.23 0.97
N LEU A 100 -5.11 2.06 -0.05
CA LEU A 100 -4.01 2.31 -0.98
C LEU A 100 -3.96 3.77 -1.40
N ASN A 101 -2.81 4.40 -1.24
CA ASN A 101 -2.64 5.80 -1.62
C ASN A 101 -1.56 5.95 -2.68
N PHE A 102 -1.84 6.80 -3.68
CA PHE A 102 -0.90 7.03 -4.76
C PHE A 102 0.35 7.74 -4.27
N VAL A 103 1.49 7.07 -4.37
CA VAL A 103 2.76 7.64 -3.94
C VAL A 103 3.73 7.78 -5.09
N GLU A 104 4.66 8.73 -4.98
CA GLU A 104 5.65 8.97 -6.02
C GLU A 104 7.06 8.73 -5.49
N LYS A 105 7.28 9.07 -4.22
CA LYS A 105 8.58 8.89 -3.59
C LYS A 105 8.52 7.85 -2.49
N VAL A 106 9.25 6.74 -2.69
CA VAL A 106 9.27 5.67 -1.71
C VAL A 106 10.70 5.16 -1.49
N GLN A 107 11.08 5.01 -0.23
CA GLN A 107 12.42 4.53 0.11
C GLN A 107 12.58 3.06 -0.25
N TRP A 108 12.69 2.78 -1.55
CA TRP A 108 12.85 1.42 -2.04
C TRP A 108 14.19 0.84 -1.60
N SER A 109 14.28 -0.48 -1.58
CA SER A 109 15.50 -1.17 -1.18
C SER A 109 16.48 -1.27 -2.35
N GLY A 110 15.96 -1.66 -3.51
CA GLY A 110 16.79 -1.80 -4.68
C GLY A 110 17.01 -0.48 -5.40
N PRO A 111 17.87 -0.48 -6.42
CA PRO A 111 18.17 0.72 -7.21
C PRO A 111 17.00 1.17 -8.08
N SER A 112 16.50 2.38 -7.81
CA SER A 112 15.38 2.92 -8.56
C SER A 112 15.72 4.29 -9.14
N SER A 113 15.41 4.49 -10.41
CA SER A 113 15.69 5.75 -11.08
C SER A 113 14.82 5.91 -12.34
N GLY A 114 14.20 7.07 -12.47
CA GLY A 114 13.36 7.32 -13.63
C GLY A 114 14.09 8.06 -14.73
N GLY A 1 -12.30 22.06 -10.61
CA GLY A 1 -13.27 21.36 -11.44
C GLY A 1 -14.10 20.36 -10.65
N SER A 2 -13.43 19.60 -9.78
CA SER A 2 -14.11 18.61 -8.97
C SER A 2 -13.32 18.31 -7.69
N SER A 3 -14.00 18.42 -6.56
CA SER A 3 -13.35 18.18 -5.26
C SER A 3 -13.67 16.77 -4.76
N GLY A 4 -12.98 16.36 -3.70
CA GLY A 4 -13.18 15.03 -3.14
C GLY A 4 -12.49 14.85 -1.81
N SER A 5 -11.67 13.81 -1.71
CA SER A 5 -10.95 13.52 -0.49
C SER A 5 -9.56 14.16 -0.51
N SER A 6 -9.40 15.22 0.29
CA SER A 6 -8.13 15.93 0.36
C SER A 6 -6.97 14.95 0.56
N GLY A 7 -7.01 14.20 1.66
CA GLY A 7 -5.97 13.24 1.94
C GLY A 7 -6.51 11.89 2.34
N ALA A 8 -5.70 11.10 3.04
CA ALA A 8 -6.11 9.78 3.49
C ALA A 8 -7.43 9.84 4.26
N LYS A 9 -7.84 8.71 4.80
CA LYS A 9 -9.09 8.63 5.55
C LYS A 9 -8.81 8.56 7.05
N HIS A 10 -7.63 8.06 7.41
CA HIS A 10 -7.24 7.93 8.80
C HIS A 10 -6.01 8.78 9.10
N THR A 11 -5.62 8.84 10.38
CA THR A 11 -4.46 9.61 10.79
C THR A 11 -3.22 8.72 10.89
N LEU A 12 -3.43 7.46 11.26
CA LEU A 12 -2.33 6.51 11.39
C LEU A 12 -1.26 6.78 10.33
N LEU A 13 -1.69 7.14 9.14
CA LEU A 13 -0.76 7.43 8.04
C LEU A 13 0.03 8.70 8.32
N ARG A 14 -0.68 9.82 8.42
CA ARG A 14 -0.04 11.10 8.68
C ARG A 14 1.02 10.97 9.78
N HIS A 15 0.61 10.43 10.91
CA HIS A 15 1.52 10.26 12.04
C HIS A 15 2.86 9.71 11.58
N GLU A 16 2.85 8.51 11.00
CA GLU A 16 4.06 7.88 10.51
C GLU A 16 4.90 8.87 9.70
N GLY A 17 4.23 9.65 8.87
CA GLY A 17 4.93 10.63 8.04
C GLY A 17 5.05 10.19 6.60
N ILE A 18 3.92 9.80 6.01
CA ILE A 18 3.90 9.36 4.62
C ILE A 18 3.30 10.43 3.70
N GLU A 19 3.99 10.71 2.60
CA GLU A 19 3.51 11.71 1.66
C GLU A 19 3.01 11.06 0.37
N THR A 20 1.70 11.10 0.16
CA THR A 20 1.09 10.52 -1.02
C THR A 20 0.47 11.59 -1.91
N VAL A 21 0.65 11.44 -3.22
CA VAL A 21 0.10 12.40 -4.18
C VAL A 21 -1.35 12.07 -4.50
N SER A 22 -1.97 12.94 -5.30
CA SER A 22 -3.37 12.76 -5.68
C SER A 22 -3.48 11.96 -6.97
N TYR A 23 -2.67 12.33 -7.96
CA TYR A 23 -2.67 11.66 -9.25
C TYR A 23 -2.19 10.22 -9.12
N ALA A 24 -2.31 9.46 -10.21
CA ALA A 24 -1.89 8.06 -10.21
C ALA A 24 -0.37 7.95 -10.20
N THR A 25 0.14 6.89 -9.58
CA THR A 25 1.58 6.66 -9.50
C THR A 25 1.90 5.17 -9.54
N GLN A 26 2.79 4.79 -10.46
CA GLN A 26 3.19 3.40 -10.60
C GLN A 26 3.34 2.73 -9.24
N SER A 27 3.75 3.51 -8.24
CA SER A 27 3.95 2.99 -6.90
C SER A 27 2.69 3.22 -6.06
N LEU A 28 2.56 2.43 -4.99
CA LEU A 28 1.41 2.54 -4.09
C LEU A 28 1.79 2.16 -2.67
N VAL A 29 0.99 2.62 -1.71
CA VAL A 29 1.24 2.33 -0.30
C VAL A 29 0.03 1.67 0.35
N VAL A 30 0.24 0.46 0.88
CA VAL A 30 -0.83 -0.28 1.53
C VAL A 30 -1.00 0.16 2.98
N ALA A 31 -2.17 0.71 3.30
CA ALA A 31 -2.45 1.17 4.66
C ALA A 31 -3.10 0.07 5.49
N ASN A 32 -3.09 0.23 6.80
CA ASN A 32 -3.67 -0.75 7.71
C ASN A 32 -3.16 -2.15 7.39
N GLY A 33 -1.97 -2.22 6.80
CA GLY A 33 -1.38 -3.51 6.46
C GLY A 33 0.03 -3.66 6.99
N GLY A 34 0.96 -4.02 6.12
CA GLY A 34 2.33 -4.20 6.53
C GLY A 34 2.50 -5.36 7.49
N LEU A 35 3.71 -5.92 7.53
CA LEU A 35 3.99 -7.04 8.42
C LEU A 35 3.41 -6.81 9.81
N GLY A 36 3.73 -5.65 10.39
CA GLY A 36 3.23 -5.32 11.72
C GLY A 36 1.78 -5.71 11.90
N ASN A 37 1.02 -5.69 10.81
CA ASN A 37 -0.39 -6.05 10.86
C ASN A 37 -0.60 -7.53 10.57
N GLY A 38 0.38 -8.34 10.96
CA GLY A 38 0.30 -9.77 10.73
C GLY A 38 0.02 -10.11 9.28
N VAL A 39 0.45 -9.25 8.37
CA VAL A 39 0.24 -9.46 6.95
C VAL A 39 1.54 -9.88 6.26
N SER A 40 1.58 -11.14 5.82
CA SER A 40 2.75 -11.67 5.15
C SER A 40 2.78 -11.24 3.68
N ARG A 41 3.96 -11.36 3.06
CA ARG A 41 4.12 -10.98 1.66
C ARG A 41 3.36 -11.93 0.74
N ASN A 42 3.39 -13.21 1.09
CA ASN A 42 2.71 -14.22 0.29
C ASN A 42 1.20 -14.14 0.49
N GLN A 43 0.77 -13.29 1.41
CA GLN A 43 -0.65 -13.11 1.69
C GLN A 43 -1.14 -11.76 1.17
N LEU A 44 -0.21 -10.84 0.96
CA LEU A 44 -0.54 -9.51 0.46
C LEU A 44 -0.25 -9.39 -1.03
N LEU A 45 0.87 -9.96 -1.45
CA LEU A 45 1.27 -9.91 -2.87
C LEU A 45 0.17 -10.50 -3.75
N PRO A 46 -0.40 -11.63 -3.30
CA PRO A 46 -1.47 -12.31 -4.04
C PRO A 46 -2.56 -11.35 -4.51
N VAL A 47 -3.03 -10.51 -3.59
CA VAL A 47 -4.07 -9.53 -3.91
C VAL A 47 -3.57 -8.47 -4.87
N LEU A 48 -2.25 -8.23 -4.84
CA LEU A 48 -1.65 -7.24 -5.71
C LEU A 48 -1.35 -7.83 -7.09
N GLU A 49 -1.38 -9.15 -7.17
CA GLU A 49 -1.11 -9.85 -8.43
C GLU A 49 -2.38 -9.99 -9.25
N LYS A 50 -3.46 -10.42 -8.61
CA LYS A 50 -4.74 -10.59 -9.28
C LYS A 50 -5.15 -9.31 -10.01
N CYS A 51 -4.86 -8.17 -9.40
CA CYS A 51 -5.19 -6.89 -9.99
C CYS A 51 -4.26 -6.55 -11.15
N GLY A 52 -2.97 -6.53 -10.87
CA GLY A 52 -1.99 -6.23 -11.90
C GLY A 52 -0.68 -6.96 -11.70
N LEU A 53 0.34 -6.58 -12.46
CA LEU A 53 1.65 -7.21 -12.36
C LEU A 53 2.51 -6.50 -11.32
N VAL A 54 2.98 -7.25 -10.32
CA VAL A 54 3.82 -6.71 -9.27
C VAL A 54 5.29 -6.81 -9.63
N ASP A 55 5.88 -5.69 -10.02
CA ASP A 55 7.29 -5.66 -10.39
C ASP A 55 8.18 -5.67 -9.14
N ALA A 56 7.71 -5.02 -8.09
CA ALA A 56 8.46 -4.95 -6.84
C ALA A 56 7.55 -4.59 -5.67
N LEU A 57 7.62 -5.39 -4.60
CA LEU A 57 6.81 -5.16 -3.42
C LEU A 57 7.68 -4.95 -2.19
N LEU A 58 7.79 -3.70 -1.74
CA LEU A 58 8.59 -3.37 -0.58
C LEU A 58 7.75 -3.46 0.70
N MET A 59 8.23 -4.23 1.67
CA MET A 59 7.53 -4.40 2.94
C MET A 59 8.46 -4.10 4.11
N PRO A 60 8.37 -2.88 4.65
CA PRO A 60 9.19 -2.43 5.78
C PRO A 60 8.81 -3.14 7.08
N PRO A 61 9.82 -3.60 7.82
CA PRO A 61 9.61 -4.29 9.10
C PRO A 61 9.10 -3.36 10.19
N ASN A 62 8.22 -3.89 11.04
CA ASN A 62 7.64 -3.10 12.13
C ASN A 62 6.88 -1.89 11.59
N LYS A 63 6.29 -2.05 10.41
CA LYS A 63 5.52 -0.99 9.78
C LYS A 63 4.17 -1.49 9.30
N PRO A 64 3.09 -0.87 9.80
CA PRO A 64 1.72 -1.24 9.43
C PRO A 64 1.40 -0.87 7.99
N TYR A 65 2.36 -0.26 7.30
CA TYR A 65 2.16 0.15 5.91
C TYR A 65 3.28 -0.40 5.03
N SER A 66 2.94 -0.69 3.77
CA SER A 66 3.91 -1.22 2.82
C SER A 66 3.88 -0.43 1.52
N PHE A 67 4.73 -0.83 0.57
CA PHE A 67 4.80 -0.17 -0.72
C PHE A 67 4.82 -1.19 -1.86
N ALA A 68 3.94 -0.98 -2.84
CA ALA A 68 3.87 -1.88 -3.98
C ALA A 68 4.25 -1.17 -5.28
N ARG A 69 4.88 -1.91 -6.18
CA ARG A 69 5.31 -1.35 -7.46
C ARG A 69 4.78 -2.17 -8.62
N TYR A 70 3.91 -1.57 -9.42
CA TYR A 70 3.32 -2.24 -10.57
C TYR A 70 4.16 -2.00 -11.83
N ARG A 71 3.85 -2.76 -12.88
CA ARG A 71 4.57 -2.63 -14.14
C ARG A 71 4.06 -1.43 -14.94
N THR A 72 2.76 -1.18 -14.84
CA THR A 72 2.15 -0.07 -15.56
C THR A 72 1.15 0.67 -14.67
N THR A 73 1.03 1.98 -14.89
CA THR A 73 0.10 2.79 -14.11
C THR A 73 -1.30 2.20 -14.12
N GLU A 74 -1.85 2.03 -15.32
CA GLU A 74 -3.20 1.48 -15.46
C GLU A 74 -3.48 0.45 -14.38
N GLU A 75 -2.58 -0.54 -14.26
CA GLU A 75 -2.74 -1.60 -13.27
C GLU A 75 -2.82 -1.02 -11.87
N SER A 76 -1.80 -0.24 -11.50
CA SER A 76 -1.76 0.38 -10.17
C SER A 76 -3.12 0.96 -9.80
N LYS A 77 -3.66 1.79 -10.68
CA LYS A 77 -4.96 2.41 -10.44
C LYS A 77 -6.03 1.36 -10.18
N ARG A 78 -6.09 0.34 -11.04
CA ARG A 78 -7.07 -0.72 -10.91
C ARG A 78 -7.05 -1.29 -9.49
N ALA A 79 -5.85 -1.49 -8.96
CA ALA A 79 -5.69 -2.03 -7.61
C ALA A 79 -5.97 -0.96 -6.55
N TYR A 80 -5.66 0.28 -6.89
CA TYR A 80 -5.88 1.40 -5.97
C TYR A 80 -7.37 1.65 -5.76
N VAL A 81 -8.15 1.51 -6.81
CA VAL A 81 -9.59 1.71 -6.74
C VAL A 81 -10.31 0.41 -6.38
N THR A 82 -9.65 -0.71 -6.62
CA THR A 82 -10.24 -2.01 -6.33
C THR A 82 -9.85 -2.49 -4.93
N LEU A 83 -8.55 -2.70 -4.72
CA LEU A 83 -8.04 -3.15 -3.43
C LEU A 83 -8.47 -2.21 -2.32
N ASN A 84 -8.16 -0.92 -2.49
CA ASN A 84 -8.51 0.09 -1.50
C ASN A 84 -9.92 -0.14 -0.96
N GLY A 85 -10.01 -0.54 0.30
CA GLY A 85 -11.30 -0.79 0.91
C GLY A 85 -11.72 -2.24 0.78
N LYS A 86 -10.77 -3.13 0.54
CA LYS A 86 -11.06 -4.54 0.40
C LYS A 86 -10.87 -5.28 1.72
N GLU A 87 -11.64 -6.35 1.90
CA GLU A 87 -11.55 -7.14 3.13
C GLU A 87 -10.69 -8.37 2.93
N VAL A 88 -9.62 -8.49 3.70
CA VAL A 88 -8.70 -9.62 3.61
C VAL A 88 -8.44 -10.23 4.98
N VAL A 89 -8.59 -11.55 5.07
CA VAL A 89 -8.36 -12.25 6.33
C VAL A 89 -6.89 -12.24 6.71
N ASP A 90 -6.58 -11.58 7.81
CA ASP A 90 -5.20 -11.50 8.28
C ASP A 90 -4.79 -12.79 8.99
N ASP A 91 -3.57 -12.79 9.55
CA ASP A 91 -3.07 -13.97 10.24
C ASP A 91 -3.99 -14.38 11.39
N LEU A 92 -4.48 -13.38 12.12
CA LEU A 92 -5.37 -13.64 13.24
C LEU A 92 -6.66 -14.32 12.77
N GLY A 93 -7.06 -14.02 11.53
CA GLY A 93 -8.26 -14.60 10.99
C GLY A 93 -9.40 -13.59 10.86
N GLN A 94 -9.06 -12.31 10.99
CA GLN A 94 -10.05 -11.25 10.89
C GLN A 94 -9.93 -10.51 9.56
N LYS A 95 -11.07 -10.10 9.02
CA LYS A 95 -11.10 -9.38 7.75
C LYS A 95 -10.77 -7.91 7.95
N ILE A 96 -9.54 -7.53 7.62
CA ILE A 96 -9.11 -6.14 7.76
C ILE A 96 -9.32 -5.36 6.46
N THR A 97 -9.52 -4.05 6.59
CA THR A 97 -9.73 -3.19 5.43
C THR A 97 -8.49 -2.39 5.11
N LEU A 98 -7.66 -2.92 4.22
CA LEU A 98 -6.42 -2.25 3.81
C LEU A 98 -6.70 -1.19 2.76
N TYR A 99 -5.99 -0.07 2.87
CA TYR A 99 -6.16 1.03 1.93
C TYR A 99 -4.96 1.15 1.01
N LEU A 100 -5.08 2.00 -0.01
CA LEU A 100 -4.00 2.21 -0.97
C LEU A 100 -3.93 3.66 -1.42
N ASN A 101 -2.75 4.26 -1.27
CA ASN A 101 -2.56 5.65 -1.67
C ASN A 101 -1.50 5.78 -2.76
N PHE A 102 -1.71 6.71 -3.67
CA PHE A 102 -0.78 6.93 -4.78
C PHE A 102 0.48 7.65 -4.29
N VAL A 103 1.64 7.06 -4.56
CA VAL A 103 2.91 7.64 -4.15
C VAL A 103 3.84 7.84 -5.34
N GLU A 104 4.32 9.06 -5.52
CA GLU A 104 5.21 9.38 -6.62
C GLU A 104 6.57 8.73 -6.42
N LYS A 105 7.06 8.75 -5.19
CA LYS A 105 8.35 8.16 -4.87
C LYS A 105 8.29 7.40 -3.54
N VAL A 106 9.32 6.62 -3.27
CA VAL A 106 9.39 5.85 -2.02
C VAL A 106 10.81 5.43 -1.71
N GLN A 107 11.16 5.43 -0.42
CA GLN A 107 12.50 5.04 0.01
C GLN A 107 12.74 3.55 -0.22
N TRP A 108 12.87 3.17 -1.48
CA TRP A 108 13.10 1.77 -1.83
C TRP A 108 14.49 1.31 -1.36
N SER A 109 14.68 0.00 -1.28
CA SER A 109 15.95 -0.56 -0.84
C SER A 109 17.05 -0.23 -1.84
N GLY A 110 18.03 0.56 -1.40
CA GLY A 110 19.13 0.93 -2.26
C GLY A 110 19.02 2.36 -2.74
N PRO A 111 20.17 3.03 -2.91
CA PRO A 111 20.23 4.42 -3.39
C PRO A 111 19.82 4.55 -4.85
N SER A 112 19.92 3.45 -5.58
CA SER A 112 19.57 3.44 -7.01
C SER A 112 20.09 4.70 -7.70
N SER A 113 21.33 5.08 -7.37
CA SER A 113 21.94 6.27 -7.96
C SER A 113 22.75 5.90 -9.20
N GLY A 114 23.56 4.86 -9.09
CA GLY A 114 24.37 4.42 -10.21
C GLY A 114 25.77 4.02 -9.79
N GLY A 1 -0.35 28.60 1.58
CA GLY A 1 0.94 28.09 1.99
C GLY A 1 1.02 26.58 1.88
N SER A 2 0.01 25.89 2.40
CA SER A 2 -0.02 24.43 2.36
C SER A 2 -1.03 23.94 1.32
N SER A 3 -0.51 23.40 0.23
CA SER A 3 -1.37 22.89 -0.85
C SER A 3 -1.16 21.39 -1.03
N GLY A 4 -1.98 20.79 -1.90
CA GLY A 4 -1.88 19.37 -2.16
C GLY A 4 -1.75 18.56 -0.88
N SER A 5 -2.88 18.22 -0.27
CA SER A 5 -2.90 17.45 0.96
C SER A 5 -3.91 16.31 0.88
N SER A 6 -3.59 15.19 1.53
CA SER A 6 -4.47 14.03 1.52
C SER A 6 -4.41 13.31 2.86
N GLY A 7 -5.53 12.70 3.24
CA GLY A 7 -5.60 12.00 4.50
C GLY A 7 -6.21 10.62 4.36
N ALA A 8 -6.68 10.06 5.48
CA ALA A 8 -7.30 8.74 5.48
C ALA A 8 -8.42 8.66 6.51
N LYS A 9 -9.16 7.55 6.47
CA LYS A 9 -10.26 7.34 7.40
C LYS A 9 -9.74 7.23 8.84
N HIS A 10 -8.45 6.98 8.98
CA HIS A 10 -7.83 6.85 10.29
C HIS A 10 -6.66 7.82 10.43
N THR A 11 -6.27 8.09 11.68
CA THR A 11 -5.16 8.99 11.96
C THR A 11 -3.88 8.23 12.22
N LEU A 12 -3.74 7.08 11.57
CA LEU A 12 -2.54 6.25 11.72
C LEU A 12 -1.48 6.64 10.71
N LEU A 13 -1.92 7.16 9.57
CA LEU A 13 -0.99 7.57 8.51
C LEU A 13 -0.23 8.82 8.92
N ARG A 14 -0.94 9.78 9.50
CA ARG A 14 -0.33 11.04 9.94
C ARG A 14 0.79 10.77 10.94
N HIS A 15 0.48 9.99 11.97
CA HIS A 15 1.45 9.66 13.01
C HIS A 15 2.74 9.13 12.39
N GLU A 16 2.60 8.18 11.47
CA GLU A 16 3.75 7.59 10.80
C GLU A 16 4.51 8.64 9.98
N GLY A 17 3.79 9.29 9.07
CA GLY A 17 4.40 10.31 8.23
C GLY A 17 4.57 9.84 6.79
N ILE A 18 3.46 9.55 6.13
CA ILE A 18 3.49 9.11 4.75
C ILE A 18 2.85 10.13 3.81
N GLU A 19 3.59 10.52 2.77
CA GLU A 19 3.09 11.50 1.81
C GLU A 19 2.54 10.80 0.57
N THR A 20 1.26 11.05 0.28
CA THR A 20 0.62 10.45 -0.87
C THR A 20 0.01 11.51 -1.79
N VAL A 21 0.24 11.37 -3.09
CA VAL A 21 -0.28 12.33 -4.06
C VAL A 21 -1.70 11.98 -4.45
N SER A 22 -2.26 12.75 -5.39
CA SER A 22 -3.62 12.52 -5.85
C SER A 22 -3.63 11.76 -7.17
N TYR A 23 -2.82 12.22 -8.12
CA TYR A 23 -2.74 11.58 -9.43
C TYR A 23 -2.28 10.13 -9.30
N ALA A 24 -2.37 9.39 -10.40
CA ALA A 24 -1.97 8.00 -10.41
C ALA A 24 -0.45 7.86 -10.41
N THR A 25 0.06 6.90 -9.63
CA THR A 25 1.50 6.68 -9.54
C THR A 25 1.82 5.19 -9.53
N GLN A 26 2.75 4.78 -10.39
CA GLN A 26 3.15 3.38 -10.49
C GLN A 26 3.30 2.77 -9.10
N SER A 27 3.71 3.58 -8.13
CA SER A 27 3.89 3.11 -6.76
C SER A 27 2.60 3.26 -5.97
N LEU A 28 2.45 2.41 -4.95
CA LEU A 28 1.26 2.44 -4.10
C LEU A 28 1.60 2.06 -2.67
N VAL A 29 0.92 2.70 -1.72
CA VAL A 29 1.15 2.43 -0.30
C VAL A 29 -0.03 1.69 0.31
N VAL A 30 0.25 0.53 0.89
CA VAL A 30 -0.79 -0.27 1.52
C VAL A 30 -0.99 0.13 2.98
N ALA A 31 -2.14 0.72 3.28
CA ALA A 31 -2.45 1.14 4.64
C ALA A 31 -3.11 0.02 5.43
N ASN A 32 -3.05 0.12 6.75
CA ASN A 32 -3.65 -0.89 7.63
C ASN A 32 -3.12 -2.27 7.28
N GLY A 33 -1.92 -2.33 6.72
CA GLY A 33 -1.33 -3.60 6.34
C GLY A 33 0.07 -3.77 6.91
N GLY A 34 1.03 -4.08 6.05
CA GLY A 34 2.39 -4.26 6.49
C GLY A 34 2.55 -5.44 7.44
N LEU A 35 3.76 -5.96 7.54
CA LEU A 35 4.03 -7.10 8.42
C LEU A 35 3.38 -6.88 9.79
N GLY A 36 3.68 -5.75 10.40
CA GLY A 36 3.13 -5.44 11.71
C GLY A 36 1.68 -5.88 11.84
N ASN A 37 0.95 -5.81 10.73
CA ASN A 37 -0.46 -6.20 10.73
C ASN A 37 -0.61 -7.68 10.40
N GLY A 38 0.34 -8.49 10.85
CA GLY A 38 0.29 -9.91 10.58
C GLY A 38 0.05 -10.22 9.12
N VAL A 39 0.37 -9.26 8.25
CA VAL A 39 0.18 -9.44 6.82
C VAL A 39 1.49 -9.87 6.16
N SER A 40 1.57 -11.14 5.78
CA SER A 40 2.75 -11.68 5.13
C SER A 40 2.78 -11.32 3.65
N ARG A 41 3.99 -11.27 3.09
CA ARG A 41 4.15 -10.94 1.67
C ARG A 41 3.36 -11.90 0.79
N ASN A 42 3.44 -13.19 1.11
CA ASN A 42 2.75 -14.21 0.34
C ASN A 42 1.24 -14.16 0.61
N GLN A 43 0.84 -13.27 1.51
CA GLN A 43 -0.58 -13.12 1.86
C GLN A 43 -1.14 -11.82 1.29
N LEU A 44 -0.26 -10.86 1.02
CA LEU A 44 -0.66 -9.58 0.48
C LEU A 44 -0.39 -9.50 -1.02
N LEU A 45 0.75 -10.05 -1.43
CA LEU A 45 1.14 -10.04 -2.84
C LEU A 45 0.07 -10.69 -3.70
N PRO A 46 -0.48 -11.82 -3.21
CA PRO A 46 -1.52 -12.57 -3.92
C PRO A 46 -2.65 -11.66 -4.41
N VAL A 47 -2.98 -10.65 -3.60
CA VAL A 47 -4.04 -9.72 -3.95
C VAL A 47 -3.53 -8.64 -4.91
N LEU A 48 -2.24 -8.35 -4.83
CA LEU A 48 -1.63 -7.34 -5.69
C LEU A 48 -1.30 -7.93 -7.06
N GLU A 49 -1.21 -9.25 -7.13
CA GLU A 49 -0.89 -9.93 -8.38
C GLU A 49 -2.17 -10.21 -9.17
N LYS A 50 -3.19 -10.72 -8.48
CA LYS A 50 -4.46 -11.04 -9.12
C LYS A 50 -4.99 -9.84 -9.90
N CYS A 51 -4.80 -8.65 -9.35
CA CYS A 51 -5.27 -7.42 -10.01
C CYS A 51 -4.36 -7.07 -11.18
N GLY A 52 -3.07 -6.93 -10.91
CA GLY A 52 -2.12 -6.59 -11.96
C GLY A 52 -0.76 -7.21 -11.73
N LEU A 53 0.23 -6.75 -12.50
CA LEU A 53 1.59 -7.26 -12.37
C LEU A 53 2.33 -6.54 -11.25
N VAL A 54 3.04 -7.31 -10.43
CA VAL A 54 3.81 -6.75 -9.32
C VAL A 54 5.30 -6.78 -9.62
N ASP A 55 5.88 -5.60 -9.83
CA ASP A 55 7.30 -5.49 -10.12
C ASP A 55 8.13 -5.66 -8.84
N ALA A 56 7.79 -4.89 -7.82
CA ALA A 56 8.50 -4.96 -6.54
C ALA A 56 7.60 -4.55 -5.39
N LEU A 57 7.45 -5.45 -4.42
CA LEU A 57 6.60 -5.18 -3.25
C LEU A 57 7.45 -4.92 -2.01
N LEU A 58 7.65 -3.64 -1.69
CA LEU A 58 8.43 -3.25 -0.52
C LEU A 58 7.62 -3.39 0.75
N MET A 59 8.14 -4.16 1.70
CA MET A 59 7.47 -4.37 2.98
C MET A 59 8.41 -4.11 4.15
N PRO A 60 8.34 -2.89 4.71
CA PRO A 60 9.18 -2.49 5.83
C PRO A 60 8.81 -3.21 7.13
N PRO A 61 9.84 -3.60 7.91
CA PRO A 61 9.64 -4.30 9.18
C PRO A 61 9.03 -3.40 10.25
N ASN A 62 8.22 -4.00 11.12
CA ASN A 62 7.57 -3.24 12.20
C ASN A 62 6.84 -2.03 11.64
N LYS A 63 6.23 -2.19 10.48
CA LYS A 63 5.49 -1.10 9.84
C LYS A 63 4.13 -1.58 9.34
N PRO A 64 3.06 -0.96 9.83
CA PRO A 64 1.69 -1.31 9.45
C PRO A 64 1.37 -0.92 8.01
N TYR A 65 2.33 -0.26 7.36
CA TYR A 65 2.15 0.18 5.98
C TYR A 65 3.25 -0.37 5.09
N SER A 66 2.95 -0.50 3.80
CA SER A 66 3.91 -1.03 2.84
C SER A 66 3.89 -0.23 1.54
N PHE A 67 4.72 -0.62 0.59
CA PHE A 67 4.79 0.05 -0.71
C PHE A 67 4.98 -0.94 -1.84
N ALA A 68 4.01 -0.98 -2.75
CA ALA A 68 4.08 -1.90 -3.89
C ALA A 68 4.37 -1.14 -5.18
N ARG A 69 5.02 -1.82 -6.12
CA ARG A 69 5.37 -1.22 -7.40
C ARG A 69 4.89 -2.08 -8.56
N TYR A 70 3.95 -1.55 -9.33
CA TYR A 70 3.40 -2.27 -10.47
C TYR A 70 4.23 -2.01 -11.72
N ARG A 71 3.84 -2.66 -12.83
CA ARG A 71 4.55 -2.52 -14.09
C ARG A 71 3.98 -1.35 -14.89
N THR A 72 2.66 -1.29 -14.99
CA THR A 72 1.99 -0.23 -15.73
C THR A 72 0.97 0.49 -14.87
N THR A 73 1.08 1.81 -14.80
CA THR A 73 0.16 2.62 -14.00
C THR A 73 -1.23 2.02 -14.00
N GLU A 74 -1.76 1.75 -15.19
CA GLU A 74 -3.09 1.17 -15.33
C GLU A 74 -3.36 0.15 -14.22
N GLU A 75 -2.46 -0.83 -14.08
CA GLU A 75 -2.60 -1.86 -13.07
C GLU A 75 -2.72 -1.24 -11.68
N SER A 76 -1.74 -0.41 -11.32
CA SER A 76 -1.73 0.23 -10.01
C SER A 76 -3.10 0.85 -9.71
N LYS A 77 -3.60 1.66 -10.63
CA LYS A 77 -4.89 2.31 -10.45
C LYS A 77 -5.99 1.28 -10.21
N ARG A 78 -6.05 0.27 -11.07
CA ARG A 78 -7.05 -0.79 -10.95
C ARG A 78 -7.11 -1.31 -9.52
N ALA A 79 -5.94 -1.49 -8.91
CA ALA A 79 -5.86 -1.99 -7.54
C ALA A 79 -6.16 -0.87 -6.53
N TYR A 80 -5.74 0.34 -6.87
CA TYR A 80 -5.96 1.49 -5.99
C TYR A 80 -7.46 1.77 -5.82
N VAL A 81 -8.21 1.57 -6.90
CA VAL A 81 -9.65 1.80 -6.87
C VAL A 81 -10.39 0.55 -6.45
N THR A 82 -9.73 -0.61 -6.57
CA THR A 82 -10.34 -1.88 -6.21
C THR A 82 -9.90 -2.32 -4.82
N LEU A 83 -8.60 -2.57 -4.67
CA LEU A 83 -8.05 -3.00 -3.39
C LEU A 83 -8.43 -2.02 -2.28
N ASN A 84 -8.23 -0.73 -2.54
CA ASN A 84 -8.54 0.30 -1.56
C ASN A 84 -9.97 0.15 -1.04
N GLY A 85 -10.11 0.00 0.27
CA GLY A 85 -11.42 -0.15 0.86
C GLY A 85 -11.83 -1.61 0.99
N LYS A 86 -11.16 -2.49 0.25
CA LYS A 86 -11.46 -3.91 0.30
C LYS A 86 -10.95 -4.54 1.59
N GLU A 87 -11.56 -5.64 2.00
CA GLU A 87 -11.17 -6.33 3.22
C GLU A 87 -10.40 -7.61 2.88
N VAL A 88 -9.51 -8.01 3.79
CA VAL A 88 -8.71 -9.22 3.60
C VAL A 88 -8.47 -9.93 4.93
N VAL A 89 -8.43 -11.26 4.87
CA VAL A 89 -8.20 -12.06 6.07
C VAL A 89 -6.72 -12.14 6.40
N ASP A 90 -6.33 -11.51 7.51
CA ASP A 90 -4.93 -11.51 7.95
C ASP A 90 -4.56 -12.86 8.55
N ASP A 91 -3.32 -12.96 9.04
CA ASP A 91 -2.84 -14.19 9.64
C ASP A 91 -3.72 -14.62 10.81
N LEU A 92 -4.18 -13.64 11.59
CA LEU A 92 -5.04 -13.91 12.74
C LEU A 92 -6.35 -14.55 12.29
N GLY A 93 -6.77 -14.24 11.07
CA GLY A 93 -8.00 -14.81 10.55
C GLY A 93 -9.15 -13.80 10.57
N GLN A 94 -8.81 -12.53 10.71
CA GLN A 94 -9.81 -11.47 10.76
C GLN A 94 -9.76 -10.62 9.50
N LYS A 95 -10.91 -10.08 9.10
CA LYS A 95 -10.98 -9.24 7.91
C LYS A 95 -10.54 -7.81 8.23
N ILE A 96 -9.44 -7.37 7.63
CA ILE A 96 -8.93 -6.03 7.85
C ILE A 96 -9.12 -5.16 6.62
N THR A 97 -9.42 -3.88 6.84
CA THR A 97 -9.63 -2.94 5.74
C THR A 97 -8.35 -2.19 5.41
N LEU A 98 -7.82 -2.44 4.22
CA LEU A 98 -6.58 -1.78 3.78
C LEU A 98 -6.90 -0.64 2.81
N TYR A 99 -6.13 0.44 2.91
CA TYR A 99 -6.33 1.59 2.04
C TYR A 99 -5.08 1.85 1.20
N LEU A 100 -5.23 1.82 -0.11
CA LEU A 100 -4.12 2.05 -1.02
C LEU A 100 -4.10 3.50 -1.49
N ASN A 101 -2.95 4.15 -1.36
CA ASN A 101 -2.80 5.54 -1.77
C ASN A 101 -1.73 5.67 -2.85
N PHE A 102 -1.94 6.61 -3.77
CA PHE A 102 -0.99 6.84 -4.86
C PHE A 102 0.25 7.58 -4.34
N VAL A 103 1.41 6.94 -4.48
CA VAL A 103 2.66 7.53 -4.05
C VAL A 103 3.59 7.80 -5.23
N GLU A 104 4.14 9.01 -5.28
CA GLU A 104 5.04 9.39 -6.37
C GLU A 104 6.44 8.82 -6.14
N LYS A 105 6.88 8.85 -4.89
CA LYS A 105 8.20 8.34 -4.53
C LYS A 105 8.12 7.48 -3.27
N VAL A 106 9.11 6.60 -3.10
CA VAL A 106 9.15 5.72 -1.94
C VAL A 106 10.57 5.25 -1.67
N GLN A 107 11.01 5.37 -0.41
CA GLN A 107 12.34 4.95 -0.02
C GLN A 107 12.53 3.45 -0.22
N TRP A 108 12.72 3.04 -1.46
CA TRP A 108 12.91 1.63 -1.78
C TRP A 108 14.25 1.12 -1.25
N SER A 109 14.52 -0.16 -1.49
CA SER A 109 15.76 -0.77 -1.03
C SER A 109 16.60 -1.25 -2.21
N GLY A 110 17.73 -0.60 -2.44
CA GLY A 110 18.60 -0.97 -3.53
C GLY A 110 19.95 -1.48 -3.06
N PRO A 111 20.50 -2.48 -3.77
CA PRO A 111 21.79 -3.06 -3.43
C PRO A 111 22.95 -2.12 -3.70
N SER A 112 23.79 -1.91 -2.69
CA SER A 112 24.94 -1.02 -2.81
C SER A 112 26.23 -1.81 -2.95
N SER A 113 27.30 -1.14 -3.36
CA SER A 113 28.59 -1.78 -3.54
C SER A 113 29.72 -0.89 -3.02
N GLY A 114 30.84 -1.51 -2.66
CA GLY A 114 31.98 -0.77 -2.14
C GLY A 114 33.03 -0.52 -3.19
N GLY A 1 -5.78 18.47 8.44
CA GLY A 1 -5.71 18.46 9.89
C GLY A 1 -7.07 18.55 10.54
N SER A 2 -7.70 19.71 10.41
CA SER A 2 -9.02 19.92 11.00
C SER A 2 -9.94 18.73 10.73
N SER A 3 -9.92 18.25 9.48
CA SER A 3 -10.76 17.12 9.09
C SER A 3 -9.92 16.07 8.36
N GLY A 4 -9.10 16.52 7.43
CA GLY A 4 -8.26 15.60 6.67
C GLY A 4 -8.12 16.03 5.21
N SER A 5 -6.97 16.61 4.88
CA SER A 5 -6.71 17.06 3.52
C SER A 5 -6.06 15.95 2.70
N SER A 6 -6.87 15.28 1.89
CA SER A 6 -6.38 14.18 1.05
C SER A 6 -5.44 13.27 1.83
N GLY A 7 -5.80 12.98 3.08
CA GLY A 7 -4.99 12.13 3.91
C GLY A 7 -5.34 10.66 3.78
N ALA A 8 -5.75 10.05 4.89
CA ALA A 8 -6.12 8.65 4.89
C ALA A 8 -7.33 8.40 5.78
N LYS A 9 -7.72 7.14 5.91
CA LYS A 9 -8.87 6.77 6.73
C LYS A 9 -8.59 7.03 8.21
N HIS A 10 -7.35 6.77 8.62
CA HIS A 10 -6.96 6.98 10.01
C HIS A 10 -5.76 7.92 10.10
N THR A 11 -5.40 8.31 11.32
CA THR A 11 -4.28 9.21 11.54
C THR A 11 -2.95 8.47 11.40
N LEU A 12 -2.96 7.18 11.70
CA LEU A 12 -1.76 6.36 11.60
C LEU A 12 -0.87 6.83 10.46
N LEU A 13 -1.49 7.22 9.35
CA LEU A 13 -0.75 7.70 8.19
C LEU A 13 -0.05 9.02 8.49
N ARG A 14 -0.84 10.06 8.75
CA ARG A 14 -0.30 11.38 9.05
C ARG A 14 0.91 11.26 9.99
N HIS A 15 0.68 10.65 11.15
CA HIS A 15 1.74 10.48 12.14
C HIS A 15 3.02 9.97 11.48
N GLU A 16 3.04 8.69 11.12
CA GLU A 16 4.19 8.08 10.48
C GLU A 16 4.90 9.08 9.57
N GLY A 17 4.11 9.83 8.80
CA GLY A 17 4.68 10.82 7.90
C GLY A 17 4.73 10.33 6.47
N ILE A 18 3.65 9.68 6.03
CA ILE A 18 3.57 9.16 4.67
C ILE A 18 2.93 10.17 3.73
N GLU A 19 3.70 10.66 2.77
CA GLU A 19 3.20 11.64 1.80
C GLU A 19 2.72 10.95 0.54
N THR A 20 1.44 11.13 0.22
CA THR A 20 0.85 10.52 -0.96
C THR A 20 0.26 11.58 -1.90
N VAL A 21 0.55 11.44 -3.18
CA VAL A 21 0.06 12.39 -4.19
C VAL A 21 -1.40 12.10 -4.53
N SER A 22 -1.93 12.85 -5.49
CA SER A 22 -3.30 12.69 -5.92
C SER A 22 -3.38 11.96 -7.25
N TYR A 23 -2.51 12.34 -8.18
CA TYR A 23 -2.47 11.72 -9.49
C TYR A 23 -2.12 10.24 -9.40
N ALA A 24 -2.17 9.55 -10.53
CA ALA A 24 -1.85 8.13 -10.58
C ALA A 24 -0.34 7.91 -10.61
N THR A 25 0.14 6.98 -9.78
CA THR A 25 1.56 6.68 -9.72
C THR A 25 1.80 5.17 -9.77
N GLN A 26 2.91 4.78 -10.39
CA GLN A 26 3.25 3.36 -10.50
C GLN A 26 3.45 2.73 -9.12
N SER A 27 3.66 3.57 -8.12
CA SER A 27 3.86 3.10 -6.75
C SER A 27 2.62 3.34 -5.90
N LEU A 28 2.42 2.49 -4.89
CA LEU A 28 1.27 2.62 -4.01
C LEU A 28 1.67 2.30 -2.56
N VAL A 29 0.82 2.71 -1.62
CA VAL A 29 1.07 2.46 -0.21
C VAL A 29 -0.11 1.76 0.45
N VAL A 30 0.14 0.57 0.99
CA VAL A 30 -0.89 -0.20 1.65
C VAL A 30 -1.05 0.21 3.11
N ALA A 31 -2.21 0.73 3.47
CA ALA A 31 -2.48 1.16 4.84
C ALA A 31 -3.11 0.03 5.65
N ASN A 32 -3.04 0.15 6.96
CA ASN A 32 -3.61 -0.86 7.86
C ASN A 32 -3.09 -2.24 7.51
N GLY A 33 -1.91 -2.29 6.88
CA GLY A 33 -1.32 -3.56 6.50
C GLY A 33 0.09 -3.73 7.04
N GLY A 34 1.02 -4.03 6.14
CA GLY A 34 2.41 -4.22 6.55
C GLY A 34 2.58 -5.41 7.48
N LEU A 35 3.78 -5.98 7.47
CA LEU A 35 4.07 -7.14 8.32
C LEU A 35 3.50 -6.94 9.72
N GLY A 36 3.78 -5.78 10.32
CA GLY A 36 3.27 -5.49 11.65
C GLY A 36 1.84 -5.94 11.84
N ASN A 37 1.04 -5.82 10.78
CA ASN A 37 -0.37 -6.21 10.84
C ASN A 37 -0.53 -7.69 10.54
N GLY A 38 0.51 -8.47 10.86
CA GLY A 38 0.45 -9.90 10.62
C GLY A 38 0.20 -10.23 9.16
N VAL A 39 0.41 -9.26 8.28
CA VAL A 39 0.21 -9.46 6.85
C VAL A 39 1.52 -9.80 6.15
N SER A 40 1.71 -11.07 5.83
CA SER A 40 2.92 -11.52 5.15
C SER A 40 2.90 -11.11 3.68
N ARG A 41 4.06 -11.19 3.03
CA ARG A 41 4.19 -10.83 1.63
C ARG A 41 3.46 -11.84 0.75
N ASN A 42 3.55 -13.11 1.11
CA ASN A 42 2.90 -14.17 0.34
C ASN A 42 1.39 -14.16 0.59
N GLN A 43 0.95 -13.29 1.49
CA GLN A 43 -0.48 -13.19 1.81
C GLN A 43 -1.07 -11.89 1.27
N LEU A 44 -0.19 -10.95 0.91
CA LEU A 44 -0.63 -9.68 0.37
C LEU A 44 -0.32 -9.59 -1.12
N LEU A 45 0.84 -10.10 -1.51
CA LEU A 45 1.24 -10.07 -2.91
C LEU A 45 0.20 -10.76 -3.80
N PRO A 46 -0.31 -11.90 -3.33
CA PRO A 46 -1.31 -12.67 -4.06
C PRO A 46 -2.47 -11.80 -4.56
N VAL A 47 -2.86 -10.82 -3.75
CA VAL A 47 -3.94 -9.92 -4.10
C VAL A 47 -3.45 -8.82 -5.05
N LEU A 48 -2.17 -8.49 -4.95
CA LEU A 48 -1.57 -7.46 -5.79
C LEU A 48 -1.26 -8.01 -7.18
N GLU A 49 -1.23 -9.34 -7.29
CA GLU A 49 -0.94 -9.99 -8.56
C GLU A 49 -2.22 -10.23 -9.36
N LYS A 50 -3.23 -10.75 -8.68
CA LYS A 50 -4.52 -11.04 -9.32
C LYS A 50 -5.03 -9.81 -10.06
N CYS A 51 -4.73 -8.63 -9.53
CA CYS A 51 -5.16 -7.38 -10.15
C CYS A 51 -4.20 -6.97 -11.26
N GLY A 52 -2.92 -6.87 -10.93
CA GLY A 52 -1.92 -6.48 -11.91
C GLY A 52 -0.55 -7.05 -11.61
N LEU A 53 0.35 -6.98 -12.58
CA LEU A 53 1.70 -7.48 -12.41
C LEU A 53 2.45 -6.69 -11.35
N VAL A 54 3.07 -7.39 -10.41
CA VAL A 54 3.83 -6.75 -9.34
C VAL A 54 5.32 -6.75 -9.64
N ASP A 55 5.84 -5.59 -10.03
CA ASP A 55 7.25 -5.45 -10.35
C ASP A 55 8.12 -5.56 -9.09
N ALA A 56 7.77 -4.78 -8.08
CA ALA A 56 8.51 -4.80 -6.82
C ALA A 56 7.61 -4.40 -5.65
N LEU A 57 7.59 -5.23 -4.62
CA LEU A 57 6.76 -4.98 -3.44
C LEU A 57 7.64 -4.76 -2.21
N LEU A 58 7.69 -3.51 -1.74
CA LEU A 58 8.48 -3.17 -0.57
C LEU A 58 7.67 -3.34 0.72
N MET A 59 8.20 -4.11 1.66
CA MET A 59 7.52 -4.34 2.93
C MET A 59 8.46 -4.07 4.10
N PRO A 60 8.35 -2.85 4.67
CA PRO A 60 9.18 -2.44 5.81
C PRO A 60 8.82 -3.18 7.09
N PRO A 61 9.86 -3.65 7.81
CA PRO A 61 9.66 -4.39 9.06
C PRO A 61 9.16 -3.49 10.19
N ASN A 62 8.27 -4.03 11.01
CA ASN A 62 7.71 -3.28 12.13
C ASN A 62 6.95 -2.05 11.64
N LYS A 63 6.30 -2.19 10.48
CA LYS A 63 5.54 -1.09 9.90
C LYS A 63 4.18 -1.57 9.40
N PRO A 64 3.11 -0.94 9.90
CA PRO A 64 1.74 -1.30 9.52
C PRO A 64 1.42 -0.91 8.08
N TYR A 65 2.35 -0.21 7.44
CA TYR A 65 2.16 0.23 6.06
C TYR A 65 3.26 -0.34 5.16
N SER A 66 2.94 -0.51 3.88
CA SER A 66 3.89 -1.05 2.92
C SER A 66 3.79 -0.30 1.59
N PHE A 67 4.66 -0.67 0.65
CA PHE A 67 4.67 -0.03 -0.66
C PHE A 67 4.75 -1.08 -1.76
N ALA A 68 3.98 -0.87 -2.83
CA ALA A 68 3.97 -1.79 -3.95
C ALA A 68 4.27 -1.07 -5.26
N ARG A 69 4.97 -1.75 -6.17
CA ARG A 69 5.33 -1.17 -7.46
C ARG A 69 4.81 -2.04 -8.60
N TYR A 70 3.80 -1.54 -9.30
CA TYR A 70 3.21 -2.28 -10.41
C TYR A 70 4.05 -2.10 -11.68
N ARG A 71 3.81 -2.96 -12.66
CA ARG A 71 4.54 -2.91 -13.93
C ARG A 71 3.94 -1.87 -14.86
N THR A 72 2.64 -1.64 -14.72
CA THR A 72 1.94 -0.68 -15.56
C THR A 72 0.99 0.19 -14.73
N THR A 73 1.02 1.49 -14.98
CA THR A 73 0.16 2.43 -14.26
C THR A 73 -1.28 1.93 -14.22
N GLU A 74 -1.81 1.55 -15.38
CA GLU A 74 -3.18 1.07 -15.47
C GLU A 74 -3.48 0.09 -14.33
N GLU A 75 -2.54 -0.81 -14.06
CA GLU A 75 -2.71 -1.79 -12.98
C GLU A 75 -2.79 -1.10 -11.62
N SER A 76 -1.77 -0.32 -11.30
CA SER A 76 -1.71 0.39 -10.03
C SER A 76 -3.06 1.02 -9.71
N LYS A 77 -3.60 1.79 -10.65
CA LYS A 77 -4.89 2.43 -10.47
C LYS A 77 -5.98 1.42 -10.18
N ARG A 78 -6.07 0.39 -11.02
CA ARG A 78 -7.08 -0.65 -10.86
C ARG A 78 -7.08 -1.18 -9.42
N ALA A 79 -5.89 -1.46 -8.91
CA ALA A 79 -5.76 -1.97 -7.55
C ALA A 79 -6.06 -0.89 -6.52
N TYR A 80 -5.70 0.35 -6.85
CA TYR A 80 -5.93 1.47 -5.95
C TYR A 80 -7.43 1.69 -5.72
N VAL A 81 -8.22 1.48 -6.76
CA VAL A 81 -9.66 1.65 -6.67
C VAL A 81 -10.35 0.35 -6.27
N THR A 82 -9.64 -0.76 -6.48
CA THR A 82 -10.18 -2.08 -6.14
C THR A 82 -9.75 -2.50 -4.74
N LEU A 83 -8.44 -2.65 -4.55
CA LEU A 83 -7.90 -3.05 -3.27
C LEU A 83 -8.33 -2.09 -2.16
N ASN A 84 -8.15 -0.79 -2.42
CA ASN A 84 -8.52 0.22 -1.44
C ASN A 84 -9.96 0.03 -0.97
N GLY A 85 -10.15 -0.05 0.33
CA GLY A 85 -11.48 -0.24 0.89
C GLY A 85 -11.88 -1.69 0.95
N LYS A 86 -11.12 -2.54 0.28
CA LYS A 86 -11.41 -3.97 0.25
C LYS A 86 -11.06 -4.62 1.59
N GLU A 87 -11.68 -5.76 1.86
CA GLU A 87 -11.44 -6.48 3.11
C GLU A 87 -10.62 -7.75 2.86
N VAL A 88 -9.65 -7.99 3.72
CA VAL A 88 -8.79 -9.17 3.60
C VAL A 88 -8.60 -9.86 4.95
N VAL A 89 -8.50 -11.18 4.92
CA VAL A 89 -8.31 -11.96 6.14
C VAL A 89 -6.83 -12.09 6.48
N ASP A 90 -6.41 -11.41 7.54
CA ASP A 90 -5.02 -11.46 7.97
C ASP A 90 -4.67 -12.82 8.56
N ASP A 91 -3.44 -12.98 9.01
CA ASP A 91 -2.98 -14.24 9.59
C ASP A 91 -3.88 -14.66 10.74
N LEU A 92 -4.34 -13.68 11.51
CA LEU A 92 -5.21 -13.94 12.66
C LEU A 92 -6.53 -14.54 12.20
N GLY A 93 -6.97 -14.17 11.00
CA GLY A 93 -8.22 -14.69 10.47
C GLY A 93 -9.34 -13.66 10.53
N GLN A 94 -8.97 -12.39 10.72
CA GLN A 94 -9.95 -11.32 10.80
C GLN A 94 -9.94 -10.48 9.53
N LYS A 95 -11.08 -9.90 9.19
CA LYS A 95 -11.20 -9.06 8.00
C LYS A 95 -10.75 -7.65 8.29
N ILE A 96 -9.68 -7.21 7.61
CA ILE A 96 -9.14 -5.88 7.79
C ILE A 96 -9.29 -5.05 6.52
N THR A 97 -9.64 -3.78 6.67
CA THR A 97 -9.81 -2.88 5.54
C THR A 97 -8.52 -2.10 5.26
N LEU A 98 -7.87 -2.43 4.15
CA LEU A 98 -6.63 -1.76 3.76
C LEU A 98 -6.91 -0.60 2.80
N TYR A 99 -6.20 0.50 2.98
CA TYR A 99 -6.37 1.67 2.13
C TYR A 99 -5.12 1.92 1.30
N LEU A 100 -5.25 1.84 -0.01
CA LEU A 100 -4.13 2.06 -0.92
C LEU A 100 -4.13 3.51 -1.43
N ASN A 101 -2.99 4.18 -1.27
CA ASN A 101 -2.85 5.55 -1.72
C ASN A 101 -1.75 5.68 -2.78
N PHE A 102 -1.88 6.69 -3.63
CA PHE A 102 -0.91 6.92 -4.69
C PHE A 102 0.33 7.64 -4.15
N VAL A 103 1.49 7.01 -4.31
CA VAL A 103 2.74 7.59 -3.84
C VAL A 103 3.74 7.76 -4.98
N GLU A 104 4.67 8.69 -4.81
CA GLU A 104 5.68 8.95 -5.83
C GLU A 104 7.09 8.70 -5.28
N LYS A 105 7.26 8.96 -3.98
CA LYS A 105 8.56 8.78 -3.34
C LYS A 105 8.50 7.65 -2.31
N VAL A 106 9.33 6.63 -2.51
CA VAL A 106 9.36 5.49 -1.60
C VAL A 106 10.79 4.97 -1.44
N GLN A 107 11.25 4.89 -0.20
CA GLN A 107 12.60 4.40 0.08
C GLN A 107 12.72 2.92 -0.28
N TRP A 108 12.77 2.63 -1.57
CA TRP A 108 12.88 1.25 -2.05
C TRP A 108 14.22 0.65 -1.64
N SER A 109 14.18 -0.58 -1.15
CA SER A 109 15.39 -1.27 -0.71
C SER A 109 15.82 -2.32 -1.74
N GLY A 110 16.95 -2.06 -2.39
CA GLY A 110 17.45 -2.99 -3.40
C GLY A 110 18.11 -2.28 -4.56
N PRO A 111 18.83 -3.04 -5.39
CA PRO A 111 19.53 -2.51 -6.56
C PRO A 111 18.57 -2.07 -7.65
N SER A 112 18.20 -0.80 -7.65
CA SER A 112 17.28 -0.25 -8.63
C SER A 112 18.02 0.64 -9.64
N SER A 113 18.18 0.13 -10.85
CA SER A 113 18.88 0.87 -11.91
C SER A 113 20.24 1.35 -11.42
N GLY A 114 20.95 0.48 -10.71
CA GLY A 114 22.27 0.82 -10.21
C GLY A 114 22.99 -0.37 -9.60
N GLY A 1 -19.62 15.23 -8.72
CA GLY A 1 -20.65 15.25 -7.68
C GLY A 1 -20.18 14.63 -6.39
N SER A 2 -19.79 15.47 -5.43
CA SER A 2 -19.31 14.99 -4.13
C SER A 2 -18.34 13.83 -4.31
N SER A 3 -17.44 13.95 -5.29
CA SER A 3 -16.46 12.93 -5.56
C SER A 3 -15.11 13.28 -4.95
N GLY A 4 -14.71 12.52 -3.93
CA GLY A 4 -13.45 12.78 -3.26
C GLY A 4 -13.43 12.26 -1.84
N SER A 5 -13.07 13.13 -0.90
CA SER A 5 -13.00 12.74 0.50
C SER A 5 -12.53 11.30 0.66
N SER A 6 -11.52 10.93 -0.13
CA SER A 6 -10.99 9.57 -0.09
C SER A 6 -9.72 9.53 0.76
N GLY A 7 -9.73 10.23 1.88
CA GLY A 7 -8.58 10.25 2.76
C GLY A 7 -8.67 9.22 3.87
N ALA A 8 -7.53 8.67 4.28
CA ALA A 8 -7.49 7.68 5.33
C ALA A 8 -8.52 7.99 6.42
N LYS A 9 -9.19 6.95 6.90
CA LYS A 9 -10.21 7.10 7.93
C LYS A 9 -9.59 6.97 9.32
N HIS A 10 -8.26 6.92 9.37
CA HIS A 10 -7.54 6.78 10.64
C HIS A 10 -6.40 7.79 10.73
N THR A 11 -5.81 7.90 11.91
CA THR A 11 -4.70 8.83 12.11
C THR A 11 -3.39 8.08 12.32
N LEU A 12 -3.29 6.90 11.71
CA LEU A 12 -2.08 6.08 11.83
C LEU A 12 -1.04 6.51 10.79
N LEU A 13 -1.50 7.07 9.70
CA LEU A 13 -0.62 7.52 8.63
C LEU A 13 0.22 8.70 9.09
N ARG A 14 -0.43 9.70 9.67
CA ARG A 14 0.26 10.89 10.16
C ARG A 14 1.41 10.51 11.09
N HIS A 15 1.07 9.91 12.23
CA HIS A 15 2.07 9.49 13.20
C HIS A 15 3.35 9.03 12.50
N GLU A 16 3.18 8.23 11.45
CA GLU A 16 4.32 7.71 10.70
C GLU A 16 4.94 8.80 9.82
N GLY A 17 4.08 9.55 9.13
CA GLY A 17 4.55 10.62 8.27
C GLY A 17 4.73 10.15 6.83
N ILE A 18 3.65 9.71 6.22
CA ILE A 18 3.70 9.24 4.83
C ILE A 18 3.06 10.26 3.88
N GLU A 19 3.77 10.58 2.82
CA GLU A 19 3.28 11.54 1.83
C GLU A 19 2.76 10.82 0.59
N THR A 20 1.49 11.07 0.25
CA THR A 20 0.87 10.45 -0.90
C THR A 20 0.35 11.50 -1.87
N VAL A 21 0.46 11.21 -3.17
CA VAL A 21 -0.01 12.12 -4.20
C VAL A 21 -1.47 11.86 -4.56
N SER A 22 -1.99 12.63 -5.51
CA SER A 22 -3.37 12.48 -5.95
C SER A 22 -3.44 11.75 -7.28
N TYR A 23 -2.54 12.11 -8.19
CA TYR A 23 -2.50 11.50 -9.51
C TYR A 23 -2.06 10.04 -9.42
N ALA A 24 -2.26 9.30 -10.51
CA ALA A 24 -1.88 7.90 -10.57
C ALA A 24 -0.36 7.73 -10.49
N THR A 25 0.09 6.72 -9.74
CA THR A 25 1.51 6.46 -9.58
C THR A 25 1.80 4.97 -9.58
N GLN A 26 2.75 4.55 -10.40
CA GLN A 26 3.12 3.14 -10.48
C GLN A 26 3.29 2.54 -9.09
N SER A 27 3.68 3.37 -8.14
CA SER A 27 3.89 2.92 -6.76
C SER A 27 2.64 3.18 -5.91
N LEU A 28 2.41 2.30 -4.94
CA LEU A 28 1.25 2.43 -4.06
C LEU A 28 1.62 2.10 -2.62
N VAL A 29 0.86 2.62 -1.68
CA VAL A 29 1.10 2.39 -0.26
C VAL A 29 -0.09 1.72 0.41
N VAL A 30 0.12 0.51 0.93
CA VAL A 30 -0.94 -0.22 1.59
C VAL A 30 -1.07 0.17 3.06
N ALA A 31 -2.22 0.71 3.42
CA ALA A 31 -2.47 1.15 4.79
C ALA A 31 -3.08 0.02 5.62
N ASN A 32 -3.06 0.18 6.93
CA ASN A 32 -3.61 -0.83 7.85
C ASN A 32 -3.11 -2.22 7.48
N GLY A 33 -1.92 -2.27 6.87
CA GLY A 33 -1.35 -3.55 6.47
C GLY A 33 0.07 -3.72 6.99
N GLY A 34 0.99 -4.03 6.09
CA GLY A 34 2.38 -4.22 6.47
C GLY A 34 2.56 -5.39 7.43
N LEU A 35 3.77 -5.94 7.48
CA LEU A 35 4.06 -7.07 8.36
C LEU A 35 3.46 -6.84 9.74
N GLY A 36 3.74 -5.69 10.32
CA GLY A 36 3.22 -5.36 11.65
C GLY A 36 1.79 -5.81 11.82
N ASN A 37 1.01 -5.72 10.75
CA ASN A 37 -0.39 -6.12 10.79
C ASN A 37 -0.55 -7.61 10.48
N GLY A 38 0.44 -8.40 10.88
CA GLY A 38 0.39 -9.83 10.63
C GLY A 38 0.12 -10.16 9.18
N VAL A 39 0.45 -9.22 8.29
CA VAL A 39 0.23 -9.43 6.86
C VAL A 39 1.54 -9.77 6.16
N SER A 40 1.72 -11.05 5.83
CA SER A 40 2.92 -11.51 5.16
C SER A 40 2.92 -11.09 3.69
N ARG A 41 4.07 -11.23 3.05
CA ARG A 41 4.21 -10.87 1.64
C ARG A 41 3.42 -11.82 0.75
N ASN A 42 3.49 -13.11 1.08
CA ASN A 42 2.78 -14.13 0.31
C ASN A 42 1.28 -14.09 0.59
N GLN A 43 0.89 -13.21 1.51
CA GLN A 43 -0.52 -13.07 1.87
C GLN A 43 -1.10 -11.76 1.33
N LEU A 44 -0.22 -10.84 0.97
CA LEU A 44 -0.63 -9.54 0.45
C LEU A 44 -0.34 -9.44 -1.04
N LEU A 45 0.80 -9.99 -1.46
CA LEU A 45 1.19 -9.97 -2.85
C LEU A 45 0.13 -10.62 -3.73
N PRO A 46 -0.40 -11.75 -3.27
CA PRO A 46 -1.44 -12.49 -3.99
C PRO A 46 -2.57 -11.59 -4.48
N VAL A 47 -2.91 -10.60 -3.67
CA VAL A 47 -3.98 -9.66 -4.02
C VAL A 47 -3.48 -8.61 -5.01
N LEU A 48 -2.19 -8.29 -4.92
CA LEU A 48 -1.59 -7.30 -5.80
C LEU A 48 -1.26 -7.91 -7.17
N GLU A 49 -1.09 -9.22 -7.20
CA GLU A 49 -0.78 -9.93 -8.44
C GLU A 49 -2.03 -10.15 -9.27
N LYS A 50 -3.09 -10.63 -8.61
CA LYS A 50 -4.35 -10.88 -9.29
C LYS A 50 -4.83 -9.65 -10.04
N CYS A 51 -4.64 -8.48 -9.44
CA CYS A 51 -5.05 -7.22 -10.06
C CYS A 51 -4.06 -6.79 -11.13
N GLY A 52 -2.79 -6.67 -10.75
CA GLY A 52 -1.77 -6.26 -11.69
C GLY A 52 -0.45 -6.96 -11.45
N LEU A 53 0.50 -6.77 -12.35
CA LEU A 53 1.81 -7.40 -12.24
C LEU A 53 2.68 -6.64 -11.24
N VAL A 54 3.05 -7.32 -10.16
CA VAL A 54 3.89 -6.72 -9.12
C VAL A 54 5.37 -6.84 -9.47
N ASP A 55 5.95 -5.73 -9.90
CA ASP A 55 7.36 -5.70 -10.28
C ASP A 55 8.25 -5.64 -9.03
N ALA A 56 7.77 -4.95 -8.01
CA ALA A 56 8.52 -4.82 -6.76
C ALA A 56 7.60 -4.48 -5.60
N LEU A 57 7.63 -5.32 -4.57
CA LEU A 57 6.78 -5.12 -3.40
C LEU A 57 7.64 -4.87 -2.15
N LEU A 58 7.75 -3.61 -1.75
CA LEU A 58 8.54 -3.24 -0.58
C LEU A 58 7.71 -3.38 0.68
N MET A 59 8.23 -4.16 1.64
CA MET A 59 7.54 -4.37 2.91
C MET A 59 8.46 -4.05 4.08
N PRO A 60 8.31 -2.84 4.64
CA PRO A 60 9.11 -2.39 5.78
C PRO A 60 8.77 -3.13 7.07
N PRO A 61 9.80 -3.56 7.81
CA PRO A 61 9.64 -4.28 9.07
C PRO A 61 9.09 -3.39 10.17
N ASN A 62 8.21 -3.96 11.00
CA ASN A 62 7.61 -3.23 12.10
C ASN A 62 6.87 -2.00 11.59
N LYS A 63 6.16 -2.16 10.47
CA LYS A 63 5.40 -1.06 9.88
C LYS A 63 4.04 -1.55 9.38
N PRO A 64 2.97 -0.91 9.87
CA PRO A 64 1.60 -1.26 9.48
C PRO A 64 1.28 -0.88 8.04
N TYR A 65 2.26 -0.27 7.37
CA TYR A 65 2.08 0.13 5.98
C TYR A 65 3.21 -0.41 5.11
N SER A 66 2.92 -0.59 3.83
CA SER A 66 3.91 -1.11 2.88
C SER A 66 3.83 -0.38 1.56
N PHE A 67 4.72 -0.72 0.64
CA PHE A 67 4.76 -0.08 -0.67
C PHE A 67 4.86 -1.13 -1.78
N ALA A 68 4.03 -0.97 -2.81
CA ALA A 68 4.04 -1.91 -3.93
C ALA A 68 4.37 -1.19 -5.24
N ARG A 69 4.86 -1.95 -6.21
CA ARG A 69 5.21 -1.39 -7.51
C ARG A 69 4.71 -2.28 -8.65
N TYR A 70 3.83 -1.73 -9.47
CA TYR A 70 3.27 -2.47 -10.60
C TYR A 70 4.10 -2.27 -11.85
N ARG A 71 3.80 -3.04 -12.89
CA ARG A 71 4.51 -2.94 -14.15
C ARG A 71 3.95 -1.81 -15.02
N THR A 72 2.67 -1.51 -14.82
CA THR A 72 2.02 -0.46 -15.59
C THR A 72 1.07 0.35 -14.71
N THR A 73 0.96 1.64 -15.00
CA THR A 73 0.10 2.54 -14.24
C THR A 73 -1.35 2.02 -14.23
N GLU A 74 -1.90 1.81 -15.42
CA GLU A 74 -3.27 1.33 -15.54
C GLU A 74 -3.58 0.29 -14.46
N GLU A 75 -2.69 -0.68 -14.30
CA GLU A 75 -2.87 -1.73 -13.30
C GLU A 75 -2.90 -1.14 -11.90
N SER A 76 -1.84 -0.41 -11.53
CA SER A 76 -1.76 0.20 -10.22
C SER A 76 -3.09 0.85 -9.82
N LYS A 77 -3.64 1.66 -10.72
CA LYS A 77 -4.90 2.33 -10.47
C LYS A 77 -6.01 1.32 -10.20
N ARG A 78 -6.11 0.31 -11.05
CA ARG A 78 -7.13 -0.73 -10.89
C ARG A 78 -7.14 -1.27 -9.47
N ALA A 79 -5.95 -1.45 -8.89
CA ALA A 79 -5.83 -1.95 -7.54
C ALA A 79 -6.13 -0.86 -6.51
N TYR A 80 -5.76 0.37 -6.85
CA TYR A 80 -5.98 1.51 -5.96
C TYR A 80 -7.47 1.75 -5.75
N VAL A 81 -8.25 1.56 -6.82
CA VAL A 81 -9.69 1.76 -6.76
C VAL A 81 -10.41 0.48 -6.31
N THR A 82 -9.72 -0.64 -6.46
CA THR A 82 -10.29 -1.93 -6.08
C THR A 82 -9.81 -2.37 -4.70
N LEU A 83 -8.50 -2.57 -4.58
CA LEU A 83 -7.90 -2.99 -3.32
C LEU A 83 -8.27 -2.03 -2.20
N ASN A 84 -8.12 -0.73 -2.46
CA ASN A 84 -8.45 0.29 -1.47
C ASN A 84 -9.87 0.14 -0.98
N GLY A 85 -10.03 -0.09 0.32
CA GLY A 85 -11.35 -0.25 0.90
C GLY A 85 -11.79 -1.71 0.95
N LYS A 86 -11.01 -2.57 0.32
CA LYS A 86 -11.32 -4.00 0.29
C LYS A 86 -10.90 -4.68 1.60
N GLU A 87 -11.63 -5.72 1.98
CA GLU A 87 -11.32 -6.45 3.20
C GLU A 87 -10.50 -7.70 2.90
N VAL A 88 -9.60 -8.04 3.83
CA VAL A 88 -8.74 -9.21 3.67
C VAL A 88 -8.54 -9.92 5.00
N VAL A 89 -8.58 -11.25 4.97
CA VAL A 89 -8.39 -12.06 6.16
C VAL A 89 -6.91 -12.16 6.52
N ASP A 90 -6.53 -11.53 7.63
CA ASP A 90 -5.15 -11.56 8.09
C ASP A 90 -4.75 -12.96 8.54
N ASP A 91 -3.52 -13.08 9.04
CA ASP A 91 -3.02 -14.37 9.50
C ASP A 91 -3.88 -14.91 10.63
N LEU A 92 -4.33 -14.03 11.50
CA LEU A 92 -5.17 -14.42 12.64
C LEU A 92 -6.52 -14.95 12.16
N GLY A 93 -6.98 -14.44 11.03
CA GLY A 93 -8.25 -14.89 10.48
C GLY A 93 -9.31 -13.81 10.54
N GLN A 94 -8.89 -12.57 10.76
CA GLN A 94 -9.82 -11.45 10.85
C GLN A 94 -9.75 -10.59 9.59
N LYS A 95 -10.89 -10.01 9.22
CA LYS A 95 -10.96 -9.17 8.03
C LYS A 95 -10.55 -7.74 8.35
N ILE A 96 -9.58 -7.22 7.61
CA ILE A 96 -9.10 -5.86 7.82
C ILE A 96 -9.32 -5.01 6.58
N THR A 97 -9.58 -3.72 6.80
CA THR A 97 -9.81 -2.78 5.71
C THR A 97 -8.55 -1.99 5.38
N LEU A 98 -7.87 -2.38 4.31
CA LEU A 98 -6.65 -1.71 3.89
C LEU A 98 -6.97 -0.55 2.95
N TYR A 99 -6.11 0.47 2.97
CA TYR A 99 -6.30 1.64 2.12
C TYR A 99 -5.05 1.91 1.29
N LEU A 100 -5.20 1.85 -0.03
CA LEU A 100 -4.09 2.08 -0.95
C LEU A 100 -4.09 3.53 -1.44
N ASN A 101 -2.97 4.21 -1.26
CA ASN A 101 -2.83 5.59 -1.69
C ASN A 101 -1.73 5.75 -2.72
N PHE A 102 -1.96 6.60 -3.71
CA PHE A 102 -0.98 6.83 -4.77
C PHE A 102 0.26 7.54 -4.22
N VAL A 103 1.42 6.94 -4.46
CA VAL A 103 2.68 7.51 -3.99
C VAL A 103 3.71 7.55 -5.12
N GLU A 104 4.53 8.60 -5.11
CA GLU A 104 5.57 8.76 -6.13
C GLU A 104 6.95 8.50 -5.54
N LYS A 105 7.12 8.83 -4.28
CA LYS A 105 8.40 8.63 -3.60
C LYS A 105 8.29 7.51 -2.56
N VAL A 106 9.22 6.56 -2.61
CA VAL A 106 9.22 5.45 -1.67
C VAL A 106 10.64 4.92 -1.47
N GLN A 107 11.10 4.95 -0.22
CA GLN A 107 12.44 4.47 0.11
C GLN A 107 12.59 2.99 -0.24
N TRP A 108 12.77 2.70 -1.52
CA TRP A 108 12.93 1.33 -1.99
C TRP A 108 14.24 0.73 -1.49
N SER A 109 14.29 -0.59 -1.43
CA SER A 109 15.49 -1.28 -0.96
C SER A 109 16.36 -1.69 -2.14
N GLY A 110 17.53 -2.26 -1.84
CA GLY A 110 18.44 -2.70 -2.88
C GLY A 110 19.41 -3.75 -2.40
N PRO A 111 20.50 -3.95 -3.16
CA PRO A 111 21.53 -4.92 -2.83
C PRO A 111 22.35 -4.52 -1.61
N SER A 112 22.04 -3.35 -1.05
CA SER A 112 22.74 -2.84 0.11
C SER A 112 22.89 -3.92 1.17
N SER A 113 23.92 -3.80 2.01
CA SER A 113 24.15 -4.77 3.06
C SER A 113 22.87 -5.10 3.81
N GLY A 114 22.59 -6.38 3.97
CA GLY A 114 21.39 -6.80 4.67
C GLY A 114 20.17 -5.99 4.28
N GLY A 1 -22.66 18.79 14.90
CA GLY A 1 -22.33 19.23 13.56
C GLY A 1 -21.29 18.36 12.90
N SER A 2 -20.15 18.17 13.57
CA SER A 2 -19.07 17.35 13.03
C SER A 2 -19.62 16.17 12.24
N SER A 3 -19.08 15.97 11.04
CA SER A 3 -19.53 14.87 10.18
C SER A 3 -18.62 14.74 8.96
N GLY A 4 -18.39 13.50 8.54
CA GLY A 4 -17.54 13.26 7.39
C GLY A 4 -17.43 11.78 7.06
N SER A 5 -16.72 11.04 7.90
CA SER A 5 -16.52 9.61 7.68
C SER A 5 -16.36 9.29 6.20
N SER A 6 -15.44 10.00 5.55
CA SER A 6 -15.18 9.81 4.13
C SER A 6 -14.17 8.69 3.91
N GLY A 7 -12.98 8.87 4.45
CA GLY A 7 -11.94 7.87 4.30
C GLY A 7 -11.26 7.53 5.61
N ALA A 8 -10.24 6.67 5.55
CA ALA A 8 -9.51 6.28 6.75
C ALA A 8 -8.65 7.42 7.28
N LYS A 9 -7.56 7.71 6.58
CA LYS A 9 -6.65 8.77 6.97
C LYS A 9 -6.54 8.86 8.49
N HIS A 10 -6.23 7.73 9.12
CA HIS A 10 -6.09 7.68 10.56
C HIS A 10 -4.69 8.11 10.99
N THR A 11 -4.55 8.48 12.26
CA THR A 11 -3.27 8.93 12.79
C THR A 11 -2.12 8.11 12.21
N LEU A 12 -2.27 6.79 12.22
CA LEU A 12 -1.25 5.90 11.68
C LEU A 12 -0.54 6.54 10.49
N LEU A 13 -1.32 6.90 9.47
CA LEU A 13 -0.77 7.52 8.28
C LEU A 13 -0.01 8.80 8.62
N ARG A 14 -0.74 9.80 9.11
CA ARG A 14 -0.14 11.07 9.47
C ARG A 14 1.07 10.86 10.38
N HIS A 15 0.81 10.37 11.60
CA HIS A 15 1.87 10.12 12.56
C HIS A 15 3.14 9.63 11.86
N GLU A 16 3.06 8.43 11.28
CA GLU A 16 4.20 7.85 10.58
C GLU A 16 4.90 8.89 9.72
N GLY A 17 4.16 9.51 8.81
CA GLY A 17 4.73 10.52 7.94
C GLY A 17 4.77 10.09 6.49
N ILE A 18 3.61 9.67 5.98
CA ILE A 18 3.52 9.23 4.59
C ILE A 18 2.80 10.27 3.73
N GLU A 19 3.39 10.59 2.59
CA GLU A 19 2.81 11.57 1.67
C GLU A 19 2.34 10.90 0.39
N THR A 20 1.05 11.04 0.08
CA THR A 20 0.48 10.44 -1.11
C THR A 20 -0.02 11.52 -2.08
N VAL A 21 0.35 11.39 -3.34
CA VAL A 21 -0.06 12.35 -4.36
C VAL A 21 -1.52 12.14 -4.75
N SER A 22 -1.99 12.95 -5.70
CA SER A 22 -3.38 12.84 -6.16
C SER A 22 -3.45 12.05 -7.47
N TYR A 23 -2.57 12.37 -8.40
CA TYR A 23 -2.53 11.68 -9.69
C TYR A 23 -2.17 10.21 -9.51
N ALA A 24 -2.27 9.45 -10.59
CA ALA A 24 -1.96 8.03 -10.57
C ALA A 24 -0.45 7.81 -10.65
N THR A 25 0.09 7.09 -9.67
CA THR A 25 1.52 6.80 -9.63
C THR A 25 1.79 5.31 -9.82
N GLN A 26 2.97 4.99 -10.33
CA GLN A 26 3.36 3.59 -10.56
C GLN A 26 3.52 2.86 -9.24
N SER A 27 3.64 3.62 -8.15
CA SER A 27 3.81 3.04 -6.82
C SER A 27 2.57 3.27 -5.96
N LEU A 28 2.36 2.40 -4.98
CA LEU A 28 1.22 2.51 -4.09
C LEU A 28 1.62 2.22 -2.65
N VAL A 29 0.79 2.67 -1.70
CA VAL A 29 1.07 2.45 -0.29
C VAL A 29 -0.10 1.74 0.39
N VAL A 30 0.16 0.54 0.90
CA VAL A 30 -0.86 -0.24 1.57
C VAL A 30 -1.03 0.21 3.03
N ALA A 31 -2.24 0.62 3.37
CA ALA A 31 -2.54 1.07 4.72
C ALA A 31 -3.13 -0.05 5.56
N ASN A 32 -3.09 0.11 6.88
CA ASN A 32 -3.63 -0.89 7.79
C ASN A 32 -3.09 -2.28 7.45
N GLY A 33 -1.92 -2.32 6.81
CA GLY A 33 -1.32 -3.58 6.44
C GLY A 33 0.08 -3.73 6.99
N GLY A 34 1.03 -4.05 6.10
CA GLY A 34 2.41 -4.22 6.52
C GLY A 34 2.59 -5.40 7.45
N LEU A 35 3.79 -5.97 7.45
CA LEU A 35 4.09 -7.12 8.29
C LEU A 35 3.53 -6.92 9.70
N GLY A 36 3.81 -5.77 10.28
CA GLY A 36 3.32 -5.47 11.63
C GLY A 36 1.88 -5.91 11.82
N ASN A 37 1.07 -5.77 10.77
CA ASN A 37 -0.34 -6.14 10.84
C ASN A 37 -0.51 -7.63 10.56
N GLY A 38 0.51 -8.41 10.89
CA GLY A 38 0.44 -9.85 10.66
C GLY A 38 0.17 -10.20 9.21
N VAL A 39 0.48 -9.26 8.32
CA VAL A 39 0.26 -9.48 6.89
C VAL A 39 1.57 -9.86 6.19
N SER A 40 1.68 -11.13 5.83
CA SER A 40 2.88 -11.62 5.14
C SER A 40 2.86 -11.25 3.67
N ARG A 41 4.05 -11.20 3.07
CA ARG A 41 4.17 -10.85 1.66
C ARG A 41 3.41 -11.84 0.79
N ASN A 42 3.53 -13.12 1.12
CA ASN A 42 2.85 -14.17 0.36
C ASN A 42 1.35 -14.13 0.61
N GLN A 43 0.92 -13.23 1.48
CA GLN A 43 -0.50 -13.09 1.81
C GLN A 43 -1.08 -11.81 1.20
N LEU A 44 -0.21 -10.82 1.00
CA LEU A 44 -0.63 -9.54 0.44
C LEU A 44 -0.36 -9.50 -1.06
N LEU A 45 0.79 -10.04 -1.46
CA LEU A 45 1.18 -10.07 -2.87
C LEU A 45 0.11 -10.75 -3.72
N PRO A 46 -0.42 -11.87 -3.21
CA PRO A 46 -1.45 -12.64 -3.90
C PRO A 46 -2.59 -11.77 -4.40
N VAL A 47 -2.92 -10.73 -3.63
CA VAL A 47 -3.99 -9.81 -4.00
C VAL A 47 -3.50 -8.78 -5.02
N LEU A 48 -2.21 -8.46 -4.96
CA LEU A 48 -1.63 -7.49 -5.88
C LEU A 48 -1.34 -8.13 -7.24
N GLU A 49 -1.26 -9.46 -7.25
CA GLU A 49 -0.98 -10.19 -8.48
C GLU A 49 -2.26 -10.34 -9.31
N LYS A 50 -3.34 -10.76 -8.65
CA LYS A 50 -4.62 -10.96 -9.33
C LYS A 50 -5.04 -9.69 -10.06
N CYS A 51 -4.78 -8.54 -9.44
CA CYS A 51 -5.14 -7.26 -10.03
C CYS A 51 -4.25 -6.93 -11.23
N GLY A 52 -2.94 -6.82 -10.97
CA GLY A 52 -2.00 -6.52 -12.03
C GLY A 52 -0.63 -7.11 -11.77
N LEU A 53 0.31 -6.82 -12.67
CA LEU A 53 1.66 -7.34 -12.53
C LEU A 53 2.42 -6.61 -11.42
N VAL A 54 2.96 -7.40 -10.49
CA VAL A 54 3.71 -6.83 -9.36
C VAL A 54 5.20 -6.81 -9.66
N ASP A 55 5.72 -5.62 -9.97
CA ASP A 55 7.14 -5.47 -10.28
C ASP A 55 7.98 -5.63 -9.02
N ALA A 56 7.67 -4.84 -7.99
CA ALA A 56 8.40 -4.91 -6.74
C ALA A 56 7.51 -4.51 -5.57
N LEU A 57 7.43 -5.36 -4.55
CA LEU A 57 6.61 -5.10 -3.38
C LEU A 57 7.48 -4.85 -2.15
N LEU A 58 7.67 -3.58 -1.80
CA LEU A 58 8.49 -3.21 -0.66
C LEU A 58 7.68 -3.34 0.64
N MET A 59 8.18 -4.18 1.54
CA MET A 59 7.52 -4.41 2.83
C MET A 59 8.46 -4.11 3.99
N PRO A 60 8.37 -2.89 4.54
CA PRO A 60 9.21 -2.47 5.66
C PRO A 60 8.86 -3.19 6.95
N PRO A 61 9.89 -3.65 7.68
CA PRO A 61 9.71 -4.37 8.94
C PRO A 61 9.23 -3.45 10.06
N ASN A 62 8.34 -3.98 10.90
CA ASN A 62 7.79 -3.21 12.01
C ASN A 62 7.03 -1.99 11.50
N LYS A 63 6.38 -2.15 10.36
CA LYS A 63 5.59 -1.07 9.76
C LYS A 63 4.22 -1.56 9.32
N PRO A 64 3.17 -0.90 9.83
CA PRO A 64 1.79 -1.25 9.52
C PRO A 64 1.42 -0.91 8.07
N TYR A 65 2.35 -0.28 7.36
CA TYR A 65 2.13 0.10 5.97
C TYR A 65 3.22 -0.47 5.08
N SER A 66 2.92 -0.56 3.78
CA SER A 66 3.89 -1.09 2.82
C SER A 66 3.83 -0.30 1.51
N PHE A 67 4.69 -0.66 0.57
CA PHE A 67 4.74 0.01 -0.73
C PHE A 67 4.84 -1.01 -1.87
N ALA A 68 3.89 -0.95 -2.78
CA ALA A 68 3.87 -1.86 -3.93
C ALA A 68 4.19 -1.13 -5.22
N ARG A 69 4.94 -1.79 -6.09
CA ARG A 69 5.32 -1.19 -7.38
C ARG A 69 4.77 -2.01 -8.54
N TYR A 70 3.85 -1.42 -9.30
CA TYR A 70 3.25 -2.10 -10.44
C TYR A 70 4.06 -1.86 -11.70
N ARG A 71 3.94 -2.79 -12.65
CA ARG A 71 4.67 -2.68 -13.91
C ARG A 71 4.13 -1.54 -14.76
N THR A 72 2.81 -1.34 -14.71
CA THR A 72 2.17 -0.29 -15.48
C THR A 72 1.13 0.44 -14.64
N THR A 73 1.17 1.77 -14.67
CA THR A 73 0.24 2.59 -13.92
C THR A 73 -1.16 1.98 -13.93
N GLU A 74 -1.66 1.70 -15.13
CA GLU A 74 -2.99 1.12 -15.28
C GLU A 74 -3.30 0.17 -14.13
N GLU A 75 -2.43 -0.82 -13.94
CA GLU A 75 -2.62 -1.79 -12.87
C GLU A 75 -2.73 -1.10 -11.51
N SER A 76 -1.72 -0.31 -11.16
CA SER A 76 -1.70 0.39 -9.90
C SER A 76 -3.06 1.01 -9.60
N LYS A 77 -3.58 1.78 -10.55
CA LYS A 77 -4.89 2.42 -10.40
C LYS A 77 -5.97 1.39 -10.11
N ARG A 78 -6.03 0.35 -10.94
CA ARG A 78 -7.02 -0.70 -10.77
C ARG A 78 -7.01 -1.24 -9.35
N ALA A 79 -5.81 -1.42 -8.80
CA ALA A 79 -5.66 -1.94 -7.45
C ALA A 79 -5.98 -0.86 -6.42
N TYR A 80 -5.68 0.39 -6.75
CA TYR A 80 -5.95 1.50 -5.85
C TYR A 80 -7.45 1.70 -5.65
N VAL A 81 -8.21 1.51 -6.71
CA VAL A 81 -9.66 1.66 -6.65
C VAL A 81 -10.34 0.34 -6.28
N THR A 82 -9.61 -0.75 -6.46
CA THR A 82 -10.14 -2.08 -6.14
C THR A 82 -9.70 -2.54 -4.75
N LEU A 83 -8.39 -2.70 -4.58
CA LEU A 83 -7.83 -3.13 -3.30
C LEU A 83 -8.27 -2.19 -2.18
N ASN A 84 -8.10 -0.89 -2.40
CA ASN A 84 -8.47 0.11 -1.41
C ASN A 84 -9.91 -0.09 -0.95
N GLY A 85 -10.09 -0.27 0.36
CA GLY A 85 -11.42 -0.47 0.90
C GLY A 85 -11.87 -1.92 0.82
N LYS A 86 -11.00 -2.78 0.30
CA LYS A 86 -11.32 -4.19 0.17
C LYS A 86 -11.04 -4.93 1.48
N GLU A 87 -11.79 -6.01 1.71
CA GLU A 87 -11.63 -6.80 2.92
C GLU A 87 -10.69 -7.98 2.69
N VAL A 88 -9.71 -8.13 3.57
CA VAL A 88 -8.75 -9.22 3.45
C VAL A 88 -8.47 -9.85 4.81
N VAL A 89 -8.47 -11.19 4.84
CA VAL A 89 -8.22 -11.91 6.07
C VAL A 89 -6.72 -11.93 6.41
N ASP A 90 -6.39 -11.45 7.60
CA ASP A 90 -5.00 -11.42 8.04
C ASP A 90 -4.62 -12.72 8.73
N ASP A 91 -3.40 -12.75 9.27
CA ASP A 91 -2.91 -13.95 9.97
C ASP A 91 -3.89 -14.38 11.05
N LEU A 92 -4.39 -13.42 11.81
CA LEU A 92 -5.34 -13.70 12.89
C LEU A 92 -6.61 -14.32 12.34
N GLY A 93 -6.95 -13.99 11.10
CA GLY A 93 -8.14 -14.53 10.48
C GLY A 93 -9.27 -13.51 10.42
N GLN A 94 -8.97 -12.27 10.80
CA GLN A 94 -9.97 -11.21 10.78
C GLN A 94 -9.93 -10.44 9.47
N LYS A 95 -11.08 -9.89 9.08
CA LYS A 95 -11.18 -9.14 7.83
C LYS A 95 -10.83 -7.67 8.06
N ILE A 96 -9.66 -7.25 7.56
CA ILE A 96 -9.22 -5.87 7.70
C ILE A 96 -9.40 -5.10 6.41
N THR A 97 -9.66 -3.80 6.53
CA THR A 97 -9.85 -2.94 5.38
C THR A 97 -8.61 -2.10 5.10
N LEU A 98 -7.80 -2.54 4.14
CA LEU A 98 -6.58 -1.83 3.78
C LEU A 98 -6.87 -0.70 2.80
N TYR A 99 -6.20 0.42 2.97
CA TYR A 99 -6.39 1.57 2.09
C TYR A 99 -5.12 1.85 1.28
N LEU A 100 -5.26 1.79 -0.05
CA LEU A 100 -4.13 2.02 -0.94
C LEU A 100 -4.13 3.47 -1.44
N ASN A 101 -2.99 4.13 -1.30
CA ASN A 101 -2.85 5.52 -1.74
C ASN A 101 -1.75 5.66 -2.78
N PHE A 102 -1.91 6.61 -3.69
CA PHE A 102 -0.93 6.85 -4.74
C PHE A 102 0.29 7.58 -4.18
N VAL A 103 1.43 6.89 -4.21
CA VAL A 103 2.68 7.46 -3.70
C VAL A 103 3.71 7.59 -4.82
N GLU A 104 4.42 8.71 -4.84
CA GLU A 104 5.44 8.96 -5.85
C GLU A 104 6.84 8.76 -5.27
N LYS A 105 7.02 9.14 -4.01
CA LYS A 105 8.30 9.00 -3.35
C LYS A 105 8.26 7.88 -2.31
N VAL A 106 9.09 6.86 -2.52
CA VAL A 106 9.14 5.73 -1.60
C VAL A 106 10.58 5.27 -1.39
N GLN A 107 10.95 5.04 -0.13
CA GLN A 107 12.29 4.61 0.21
C GLN A 107 12.51 3.16 -0.21
N TRP A 108 12.60 2.94 -1.52
CA TRP A 108 12.81 1.60 -2.06
C TRP A 108 14.18 1.06 -1.66
N SER A 109 14.40 -0.23 -1.92
CA SER A 109 15.67 -0.86 -1.58
C SER A 109 15.95 -2.03 -2.52
N GLY A 110 17.23 -2.24 -2.82
CA GLY A 110 17.62 -3.32 -3.71
C GLY A 110 19.11 -3.38 -3.93
N PRO A 111 19.64 -4.61 -4.10
CA PRO A 111 21.08 -4.83 -4.31
C PRO A 111 21.53 -4.34 -5.68
N SER A 112 20.72 -4.61 -6.70
CA SER A 112 21.05 -4.20 -8.06
C SER A 112 20.85 -2.69 -8.24
N SER A 113 21.42 -2.15 -9.31
CA SER A 113 21.31 -0.72 -9.59
C SER A 113 20.96 -0.49 -11.06
N GLY A 114 21.83 -0.93 -11.95
CA GLY A 114 21.61 -0.76 -13.37
C GLY A 114 22.59 -1.55 -14.22
N GLY A 1 -14.77 19.57 4.09
CA GLY A 1 -15.89 19.32 3.22
C GLY A 1 -15.49 18.61 1.95
N SER A 2 -15.31 17.29 2.02
CA SER A 2 -14.91 16.50 0.87
C SER A 2 -13.70 17.12 0.17
N SER A 3 -12.74 17.58 0.97
CA SER A 3 -11.54 18.21 0.43
C SER A 3 -10.29 17.64 1.10
N GLY A 4 -9.36 17.14 0.28
CA GLY A 4 -8.13 16.57 0.81
C GLY A 4 -7.80 15.24 0.19
N SER A 5 -6.69 14.64 0.61
CA SER A 5 -6.26 13.36 0.09
C SER A 5 -7.24 12.26 0.47
N SER A 6 -7.66 11.47 -0.52
CA SER A 6 -8.60 10.38 -0.29
C SER A 6 -7.86 9.09 0.06
N GLY A 7 -7.46 8.97 1.32
CA GLY A 7 -6.76 7.79 1.76
C GLY A 7 -7.34 7.19 3.03
N ALA A 8 -6.48 6.81 3.96
CA ALA A 8 -6.93 6.23 5.22
C ALA A 8 -7.64 7.26 6.09
N LYS A 9 -8.27 6.80 7.16
CA LYS A 9 -8.99 7.68 8.06
C LYS A 9 -8.40 7.62 9.46
N HIS A 10 -7.17 7.10 9.56
CA HIS A 10 -6.50 6.98 10.85
C HIS A 10 -5.19 7.78 10.86
N THR A 11 -4.97 8.52 11.94
CA THR A 11 -3.76 9.33 12.08
C THR A 11 -2.52 8.52 11.73
N LEU A 12 -2.61 7.21 11.86
CA LEU A 12 -1.49 6.32 11.57
C LEU A 12 -0.66 6.86 10.40
N LEU A 13 -1.34 7.53 9.47
CA LEU A 13 -0.66 8.09 8.30
C LEU A 13 0.01 9.42 8.66
N ARG A 14 -0.80 10.42 8.97
CA ARG A 14 -0.28 11.74 9.32
C ARG A 14 0.89 11.62 10.29
N HIS A 15 0.66 10.93 11.40
CA HIS A 15 1.69 10.74 12.42
C HIS A 15 3.00 10.27 11.78
N GLU A 16 2.95 9.10 11.14
CA GLU A 16 4.13 8.54 10.48
C GLU A 16 4.80 9.58 9.59
N GLY A 17 4.00 10.22 8.74
CA GLY A 17 4.54 11.22 7.84
C GLY A 17 4.61 10.74 6.40
N ILE A 18 3.56 10.04 5.96
CA ILE A 18 3.51 9.51 4.60
C ILE A 18 2.80 10.48 3.67
N GLU A 19 3.49 10.86 2.59
CA GLU A 19 2.93 11.79 1.61
C GLU A 19 2.46 11.04 0.36
N THR A 20 1.17 11.16 0.05
CA THR A 20 0.61 10.50 -1.12
C THR A 20 0.06 11.51 -2.12
N VAL A 21 0.43 11.34 -3.39
CA VAL A 21 -0.03 12.24 -4.44
C VAL A 21 -1.45 11.91 -4.86
N SER A 22 -2.07 12.84 -5.60
CA SER A 22 -3.44 12.65 -6.07
C SER A 22 -3.46 11.93 -7.42
N TYR A 23 -2.55 12.33 -8.30
CA TYR A 23 -2.46 11.74 -9.63
C TYR A 23 -2.05 10.27 -9.54
N ALA A 24 -2.38 9.50 -10.58
CA ALA A 24 -2.04 8.08 -10.61
C ALA A 24 -0.52 7.87 -10.59
N THR A 25 -0.09 6.86 -9.86
CA THR A 25 1.33 6.56 -9.76
C THR A 25 1.58 5.04 -9.73
N GLN A 26 2.59 4.60 -10.47
CA GLN A 26 2.92 3.19 -10.54
C GLN A 26 3.05 2.59 -9.14
N SER A 27 3.65 3.36 -8.23
CA SER A 27 3.85 2.91 -6.87
C SER A 27 2.58 3.14 -6.03
N LEU A 28 2.42 2.35 -4.98
CA LEU A 28 1.26 2.47 -4.10
C LEU A 28 1.63 2.14 -2.66
N VAL A 29 0.86 2.67 -1.72
CA VAL A 29 1.11 2.42 -0.30
C VAL A 29 -0.06 1.70 0.34
N VAL A 30 0.21 0.53 0.91
CA VAL A 30 -0.83 -0.27 1.55
C VAL A 30 -1.01 0.16 3.00
N ALA A 31 -2.17 0.73 3.31
CA ALA A 31 -2.47 1.19 4.66
C ALA A 31 -3.09 0.05 5.49
N ASN A 32 -3.05 0.21 6.81
CA ASN A 32 -3.61 -0.79 7.71
C ASN A 32 -3.09 -2.19 7.35
N GLY A 33 -1.88 -2.25 6.82
CA GLY A 33 -1.29 -3.52 6.45
C GLY A 33 0.12 -3.69 7.00
N GLY A 34 1.05 -4.02 6.12
CA GLY A 34 2.43 -4.21 6.55
C GLY A 34 2.59 -5.37 7.50
N LEU A 35 3.79 -5.94 7.55
CA LEU A 35 4.07 -7.07 8.43
C LEU A 35 3.46 -6.85 9.82
N GLY A 36 3.73 -5.68 10.40
CA GLY A 36 3.20 -5.37 11.71
C GLY A 36 1.76 -5.79 11.87
N ASN A 37 0.99 -5.69 10.79
CA ASN A 37 -0.41 -6.07 10.81
C ASN A 37 -0.59 -7.56 10.49
N GLY A 38 0.38 -8.36 10.93
CA GLY A 38 0.32 -9.79 10.68
C GLY A 38 0.03 -10.12 9.23
N VAL A 39 0.45 -9.23 8.34
CA VAL A 39 0.23 -9.43 6.90
C VAL A 39 1.52 -9.84 6.20
N SER A 40 1.62 -11.11 5.86
CA SER A 40 2.81 -11.63 5.18
C SER A 40 2.80 -11.26 3.71
N ARG A 41 3.98 -11.24 3.10
CA ARG A 41 4.11 -10.90 1.69
C ARG A 41 3.32 -11.86 0.82
N ASN A 42 3.37 -13.15 1.16
CA ASN A 42 2.65 -14.16 0.42
C ASN A 42 1.16 -14.10 0.70
N GLN A 43 0.78 -13.22 1.62
CA GLN A 43 -0.63 -13.06 1.99
C GLN A 43 -1.19 -11.74 1.45
N LEU A 44 -0.29 -10.84 1.07
CA LEU A 44 -0.69 -9.55 0.53
C LEU A 44 -0.42 -9.47 -0.97
N LEU A 45 0.71 -10.02 -1.38
CA LEU A 45 1.09 -10.01 -2.79
C LEU A 45 0.02 -10.65 -3.65
N PRO A 46 -0.53 -11.77 -3.18
CA PRO A 46 -1.59 -12.50 -3.89
C PRO A 46 -2.71 -11.59 -4.36
N VAL A 47 -3.08 -10.63 -3.52
CA VAL A 47 -4.15 -9.69 -3.86
C VAL A 47 -3.65 -8.62 -4.82
N LEU A 48 -2.35 -8.34 -4.76
CA LEU A 48 -1.74 -7.34 -5.63
C LEU A 48 -1.43 -7.91 -7.00
N GLU A 49 -1.42 -9.24 -7.09
CA GLU A 49 -1.15 -9.93 -8.35
C GLU A 49 -2.43 -10.16 -9.15
N LYS A 50 -3.49 -10.52 -8.45
CA LYS A 50 -4.78 -10.76 -9.08
C LYS A 50 -5.26 -9.54 -9.84
N CYS A 51 -4.95 -8.36 -9.29
CA CYS A 51 -5.36 -7.10 -9.92
C CYS A 51 -4.48 -6.79 -11.13
N GLY A 52 -3.17 -6.87 -10.94
CA GLY A 52 -2.25 -6.60 -12.03
C GLY A 52 -0.91 -7.27 -11.84
N LEU A 53 0.13 -6.71 -12.45
CA LEU A 53 1.48 -7.27 -12.35
C LEU A 53 2.29 -6.53 -11.29
N VAL A 54 2.91 -7.30 -10.39
CA VAL A 54 3.71 -6.73 -9.31
C VAL A 54 5.20 -6.80 -9.65
N ASP A 55 5.80 -5.65 -9.93
CA ASP A 55 7.21 -5.59 -10.25
C ASP A 55 8.07 -5.71 -9.00
N ALA A 56 7.70 -4.97 -7.96
CA ALA A 56 8.43 -4.99 -6.71
C ALA A 56 7.53 -4.60 -5.53
N LEU A 57 7.55 -5.41 -4.49
CA LEU A 57 6.73 -5.15 -3.30
C LEU A 57 7.61 -4.89 -2.09
N LEU A 58 7.67 -3.64 -1.66
CA LEU A 58 8.47 -3.25 -0.50
C LEU A 58 7.66 -3.41 0.80
N MET A 59 8.19 -4.21 1.72
CA MET A 59 7.52 -4.43 2.99
C MET A 59 8.46 -4.13 4.16
N PRO A 60 8.38 -2.90 4.69
CA PRO A 60 9.22 -2.47 5.82
C PRO A 60 8.85 -3.16 7.12
N PRO A 61 9.87 -3.58 7.87
CA PRO A 61 9.68 -4.27 9.15
C PRO A 61 9.14 -3.34 10.23
N ASN A 62 8.26 -3.87 11.08
CA ASN A 62 7.67 -3.09 12.16
C ASN A 62 6.93 -1.86 11.61
N LYS A 63 6.28 -2.05 10.46
CA LYS A 63 5.54 -0.97 9.83
C LYS A 63 4.18 -1.45 9.35
N PRO A 64 3.10 -0.82 9.86
CA PRO A 64 1.73 -1.17 9.50
C PRO A 64 1.39 -0.78 8.07
N TYR A 65 2.36 -0.20 7.38
CA TYR A 65 2.17 0.23 5.99
C TYR A 65 3.27 -0.31 5.09
N SER A 66 2.95 -0.52 3.82
CA SER A 66 3.92 -1.04 2.86
C SER A 66 3.84 -0.27 1.54
N PHE A 67 4.77 -0.56 0.63
CA PHE A 67 4.81 0.10 -0.67
C PHE A 67 4.96 -0.92 -1.78
N ALA A 68 4.00 -0.93 -2.71
CA ALA A 68 4.04 -1.85 -3.83
C ALA A 68 4.33 -1.12 -5.14
N ARG A 69 4.99 -1.80 -6.06
CA ARG A 69 5.33 -1.21 -7.35
C ARG A 69 4.78 -2.06 -8.50
N TYR A 70 3.88 -1.48 -9.28
CA TYR A 70 3.29 -2.18 -10.41
C TYR A 70 4.10 -1.97 -11.68
N ARG A 71 3.91 -2.86 -12.65
CA ARG A 71 4.64 -2.77 -13.91
C ARG A 71 4.09 -1.64 -14.77
N THR A 72 2.77 -1.46 -14.76
CA THR A 72 2.13 -0.42 -15.53
C THR A 72 1.15 0.38 -14.67
N THR A 73 1.13 1.70 -14.86
CA THR A 73 0.24 2.56 -14.11
C THR A 73 -1.18 1.99 -14.06
N GLU A 74 -1.74 1.71 -15.23
CA GLU A 74 -3.08 1.16 -15.31
C GLU A 74 -3.33 0.15 -14.21
N GLU A 75 -2.50 -0.88 -14.15
CA GLU A 75 -2.62 -1.92 -13.13
C GLU A 75 -2.69 -1.31 -11.74
N SER A 76 -1.66 -0.53 -11.39
CA SER A 76 -1.60 0.11 -10.08
C SER A 76 -2.95 0.74 -9.72
N LYS A 77 -3.40 1.66 -10.57
CA LYS A 77 -4.66 2.35 -10.35
C LYS A 77 -5.78 1.35 -10.09
N ARG A 78 -5.90 0.36 -10.96
CA ARG A 78 -6.93 -0.66 -10.82
C ARG A 78 -6.97 -1.21 -9.40
N ALA A 79 -5.80 -1.53 -8.86
CA ALA A 79 -5.70 -2.07 -7.51
C ALA A 79 -6.00 -0.99 -6.47
N TYR A 80 -5.64 0.26 -6.79
CA TYR A 80 -5.87 1.38 -5.89
C TYR A 80 -7.36 1.64 -5.71
N VAL A 81 -8.10 1.51 -6.80
CA VAL A 81 -9.55 1.75 -6.77
C VAL A 81 -10.30 0.45 -6.47
N THR A 82 -9.61 -0.68 -6.63
CA THR A 82 -10.21 -1.98 -6.39
C THR A 82 -9.85 -2.49 -4.99
N LEU A 83 -8.55 -2.66 -4.74
CA LEU A 83 -8.09 -3.14 -3.44
C LEU A 83 -8.51 -2.19 -2.32
N ASN A 84 -8.19 -0.91 -2.48
CA ASN A 84 -8.53 0.09 -1.49
C ASN A 84 -9.98 -0.09 -1.02
N GLY A 85 -10.15 -0.21 0.30
CA GLY A 85 -11.49 -0.38 0.86
C GLY A 85 -11.85 -1.85 1.03
N LYS A 86 -11.33 -2.69 0.16
CA LYS A 86 -11.60 -4.12 0.22
C LYS A 86 -11.08 -4.71 1.53
N GLU A 87 -11.67 -5.84 1.94
CA GLU A 87 -11.27 -6.51 3.17
C GLU A 87 -10.42 -7.73 2.87
N VAL A 88 -9.35 -7.92 3.65
CA VAL A 88 -8.46 -9.05 3.47
C VAL A 88 -8.25 -9.80 4.78
N VAL A 89 -8.41 -11.12 4.72
CA VAL A 89 -8.25 -11.96 5.90
C VAL A 89 -6.77 -12.07 6.29
N ASP A 90 -6.40 -11.39 7.36
CA ASP A 90 -5.02 -11.41 7.85
C ASP A 90 -4.63 -12.81 8.32
N ASP A 91 -3.41 -12.94 8.80
CA ASP A 91 -2.91 -14.23 9.28
C ASP A 91 -3.77 -14.74 10.43
N LEU A 92 -4.18 -13.83 11.31
CA LEU A 92 -5.01 -14.18 12.46
C LEU A 92 -6.36 -14.73 12.01
N GLY A 93 -6.75 -14.40 10.78
CA GLY A 93 -8.02 -14.87 10.25
C GLY A 93 -9.11 -13.82 10.37
N GLN A 94 -8.71 -12.57 10.52
CA GLN A 94 -9.68 -11.48 10.66
C GLN A 94 -9.69 -10.61 9.40
N LYS A 95 -10.86 -10.09 9.06
CA LYS A 95 -11.01 -9.24 7.89
C LYS A 95 -10.57 -7.82 8.18
N ILE A 96 -9.45 -7.41 7.58
CA ILE A 96 -8.93 -6.07 7.78
C ILE A 96 -9.15 -5.20 6.55
N THR A 97 -9.37 -3.90 6.77
CA THR A 97 -9.60 -2.97 5.68
C THR A 97 -8.32 -2.20 5.34
N LEU A 98 -7.71 -2.53 4.21
CA LEU A 98 -6.49 -1.87 3.77
C LEU A 98 -6.81 -0.76 2.78
N TYR A 99 -6.14 0.38 2.94
CA TYR A 99 -6.34 1.53 2.06
C TYR A 99 -5.10 1.81 1.24
N LEU A 100 -5.25 1.81 -0.09
CA LEU A 100 -4.13 2.06 -0.98
C LEU A 100 -4.13 3.52 -1.44
N ASN A 101 -2.97 4.17 -1.30
CA ASN A 101 -2.83 5.56 -1.69
C ASN A 101 -1.74 5.72 -2.76
N PHE A 102 -1.97 6.63 -3.70
CA PHE A 102 -1.02 6.88 -4.77
C PHE A 102 0.22 7.60 -4.24
N VAL A 103 1.39 7.05 -4.51
CA VAL A 103 2.64 7.64 -4.06
C VAL A 103 3.65 7.72 -5.21
N GLU A 104 4.69 8.52 -5.02
CA GLU A 104 5.73 8.68 -6.03
C GLU A 104 7.11 8.48 -5.43
N LYS A 105 7.30 8.94 -4.20
CA LYS A 105 8.57 8.81 -3.51
C LYS A 105 8.49 7.77 -2.40
N VAL A 106 9.31 6.72 -2.52
CA VAL A 106 9.33 5.66 -1.52
C VAL A 106 10.73 5.10 -1.35
N GLN A 107 11.18 5.02 -0.10
CA GLN A 107 12.51 4.49 0.19
C GLN A 107 12.61 3.02 -0.17
N TRP A 108 12.73 2.73 -1.46
CA TRP A 108 12.84 1.35 -1.93
C TRP A 108 14.16 0.73 -1.50
N SER A 109 14.36 -0.54 -1.86
CA SER A 109 15.58 -1.25 -1.51
C SER A 109 16.66 -1.02 -2.56
N GLY A 110 17.47 0.00 -2.35
CA GLY A 110 18.54 0.30 -3.29
C GLY A 110 19.84 -0.39 -2.95
N PRO A 111 20.97 0.15 -3.44
CA PRO A 111 22.29 -0.42 -3.19
C PRO A 111 22.73 -0.24 -1.75
N SER A 112 21.92 0.48 -0.96
CA SER A 112 22.24 0.72 0.44
C SER A 112 20.96 0.96 1.25
N SER A 113 20.80 0.21 2.33
CA SER A 113 19.62 0.33 3.18
C SER A 113 19.98 1.03 4.48
N GLY A 114 18.95 1.51 5.19
CA GLY A 114 19.18 2.19 6.45
C GLY A 114 19.09 1.25 7.64
N GLY A 1 -21.68 21.38 10.70
CA GLY A 1 -21.05 20.07 10.82
C GLY A 1 -20.28 19.68 9.57
N SER A 2 -19.00 20.02 9.56
CA SER A 2 -18.14 19.71 8.41
C SER A 2 -18.10 18.20 8.16
N SER A 3 -18.15 17.82 6.90
CA SER A 3 -18.12 16.41 6.52
C SER A 3 -16.95 16.12 5.57
N GLY A 4 -15.87 15.59 6.14
CA GLY A 4 -14.71 15.27 5.35
C GLY A 4 -13.41 15.58 6.06
N SER A 5 -12.35 14.86 5.71
CA SER A 5 -11.04 15.06 6.34
C SER A 5 -9.92 14.64 5.39
N SER A 6 -8.97 15.54 5.19
CA SER A 6 -7.84 15.26 4.31
C SER A 6 -6.99 14.12 4.84
N GLY A 7 -6.24 13.48 3.95
CA GLY A 7 -5.40 12.36 4.35
C GLY A 7 -6.14 11.05 4.35
N ALA A 8 -5.57 10.04 5.01
CA ALA A 8 -6.18 8.72 5.08
C ALA A 8 -7.46 8.75 5.91
N LYS A 9 -8.16 7.62 5.97
CA LYS A 9 -9.40 7.51 6.72
C LYS A 9 -9.13 7.62 8.22
N HIS A 10 -7.99 7.09 8.66
CA HIS A 10 -7.62 7.13 10.06
C HIS A 10 -6.47 8.11 10.29
N THR A 11 -6.04 8.22 11.54
CA THR A 11 -4.94 9.12 11.89
C THR A 11 -3.67 8.33 12.20
N LEU A 12 -3.49 7.21 11.52
CA LEU A 12 -2.32 6.36 11.71
C LEU A 12 -1.22 6.71 10.71
N LEU A 13 -1.64 7.19 9.54
CA LEU A 13 -0.70 7.57 8.49
C LEU A 13 0.07 8.83 8.87
N ARG A 14 -0.66 9.85 9.32
CA ARG A 14 -0.04 11.11 9.71
C ARG A 14 1.02 10.88 10.78
N HIS A 15 0.70 10.04 11.76
CA HIS A 15 1.63 9.73 12.85
C HIS A 15 2.98 9.27 12.30
N GLU A 16 2.94 8.63 11.13
CA GLU A 16 4.16 8.13 10.50
C GLU A 16 4.84 9.23 9.68
N GLY A 17 4.07 9.86 8.79
CA GLY A 17 4.61 10.91 7.97
C GLY A 17 4.68 10.54 6.50
N ILE A 18 3.65 9.83 6.03
CA ILE A 18 3.59 9.41 4.64
C ILE A 18 2.87 10.44 3.78
N GLU A 19 3.55 10.91 2.73
CA GLU A 19 2.98 11.90 1.83
C GLU A 19 2.61 11.27 0.50
N THR A 20 1.32 11.08 0.27
CA THR A 20 0.83 10.49 -0.98
C THR A 20 0.33 11.55 -1.93
N VAL A 21 0.55 11.34 -3.22
CA VAL A 21 0.11 12.28 -4.24
C VAL A 21 -1.33 12.00 -4.66
N SER A 22 -1.89 12.90 -5.47
CA SER A 22 -3.26 12.75 -5.94
C SER A 22 -3.30 11.97 -7.26
N TYR A 23 -2.47 12.38 -8.21
CA TYR A 23 -2.42 11.73 -9.51
C TYR A 23 -2.04 10.25 -9.36
N ALA A 24 -2.31 9.48 -10.40
CA ALA A 24 -2.01 8.05 -10.39
C ALA A 24 -0.52 7.81 -10.63
N THR A 25 0.10 7.06 -9.73
CA THR A 25 1.53 6.76 -9.84
C THR A 25 1.76 5.25 -9.94
N GLN A 26 2.97 4.87 -10.36
CA GLN A 26 3.32 3.46 -10.49
C GLN A 26 3.50 2.81 -9.13
N SER A 27 3.80 3.62 -8.13
CA SER A 27 4.00 3.12 -6.77
C SER A 27 2.76 3.37 -5.92
N LEU A 28 2.50 2.46 -4.99
CA LEU A 28 1.35 2.56 -4.10
C LEU A 28 1.73 2.25 -2.66
N VAL A 29 0.89 2.66 -1.72
CA VAL A 29 1.15 2.42 -0.31
C VAL A 29 -0.04 1.74 0.36
N VAL A 30 0.20 0.56 0.94
CA VAL A 30 -0.86 -0.19 1.60
C VAL A 30 -1.05 0.29 3.04
N ALA A 31 -2.22 0.84 3.32
CA ALA A 31 -2.53 1.33 4.66
C ALA A 31 -3.22 0.25 5.50
N ASN A 32 -3.04 0.33 6.81
CA ASN A 32 -3.65 -0.64 7.71
C ASN A 32 -3.15 -2.05 7.42
N GLY A 33 -1.97 -2.14 6.84
CA GLY A 33 -1.40 -3.45 6.51
C GLY A 33 0.00 -3.62 7.05
N GLY A 34 0.94 -3.97 6.16
CA GLY A 34 2.32 -4.16 6.57
C GLY A 34 2.47 -5.32 7.54
N LEU A 35 3.68 -5.89 7.58
CA LEU A 35 3.96 -7.01 8.47
C LEU A 35 3.36 -6.77 9.86
N GLY A 36 3.65 -5.62 10.43
CA GLY A 36 3.13 -5.28 11.75
C GLY A 36 1.69 -5.70 11.93
N ASN A 37 0.92 -5.66 10.84
CA ASN A 37 -0.48 -6.05 10.88
C ASN A 37 -0.65 -7.53 10.55
N GLY A 38 0.32 -8.33 10.98
CA GLY A 38 0.25 -9.76 10.72
C GLY A 38 -0.03 -10.09 9.27
N VAL A 39 0.40 -9.20 8.38
CA VAL A 39 0.20 -9.39 6.94
C VAL A 39 1.50 -9.78 6.25
N SER A 40 1.60 -11.05 5.86
CA SER A 40 2.80 -11.54 5.19
C SER A 40 2.78 -11.17 3.71
N ARG A 41 3.95 -11.23 3.09
CA ARG A 41 4.08 -10.89 1.67
C ARG A 41 3.29 -11.88 0.80
N ASN A 42 3.36 -13.15 1.18
CA ASN A 42 2.66 -14.20 0.43
C ASN A 42 1.17 -14.14 0.70
N GLN A 43 0.75 -13.24 1.59
CA GLN A 43 -0.66 -13.09 1.92
C GLN A 43 -1.22 -11.78 1.35
N LEU A 44 -0.32 -10.88 0.99
CA LEU A 44 -0.73 -9.60 0.43
C LEU A 44 -0.43 -9.54 -1.07
N LEU A 45 0.71 -10.10 -1.46
CA LEU A 45 1.10 -10.11 -2.86
C LEU A 45 0.04 -10.78 -3.73
N PRO A 46 -0.50 -11.90 -3.23
CA PRO A 46 -1.54 -12.66 -3.93
C PRO A 46 -2.67 -11.76 -4.45
N VAL A 47 -3.03 -10.77 -3.65
CA VAL A 47 -4.09 -9.84 -4.04
C VAL A 47 -3.57 -8.78 -5.00
N LEU A 48 -2.30 -8.42 -4.86
CA LEU A 48 -1.69 -7.42 -5.72
C LEU A 48 -1.34 -8.01 -7.08
N GLU A 49 -1.39 -9.34 -7.17
CA GLU A 49 -1.08 -10.03 -8.42
C GLU A 49 -2.34 -10.22 -9.26
N LYS A 50 -3.43 -10.59 -8.60
CA LYS A 50 -4.70 -10.80 -9.29
C LYS A 50 -5.15 -9.54 -10.01
N CYS A 51 -4.93 -8.39 -9.36
CA CYS A 51 -5.32 -7.11 -9.95
C CYS A 51 -4.41 -6.75 -11.12
N GLY A 52 -3.11 -6.92 -10.93
CA GLY A 52 -2.16 -6.61 -11.98
C GLY A 52 -0.82 -7.31 -11.78
N LEU A 53 0.21 -6.78 -12.43
CA LEU A 53 1.55 -7.36 -12.32
C LEU A 53 2.36 -6.65 -11.25
N VAL A 54 2.90 -7.43 -10.31
CA VAL A 54 3.71 -6.87 -9.23
C VAL A 54 5.19 -6.95 -9.57
N ASP A 55 5.78 -5.80 -9.88
CA ASP A 55 7.20 -5.74 -10.21
C ASP A 55 8.05 -5.80 -8.95
N ALA A 56 7.70 -4.98 -7.96
CA ALA A 56 8.44 -4.95 -6.70
C ALA A 56 7.53 -4.55 -5.55
N LEU A 57 7.51 -5.39 -4.51
CA LEU A 57 6.68 -5.12 -3.34
C LEU A 57 7.54 -4.91 -2.10
N LEU A 58 7.67 -3.65 -1.69
CA LEU A 58 8.47 -3.31 -0.52
C LEU A 58 7.64 -3.42 0.76
N MET A 59 8.16 -4.16 1.72
CA MET A 59 7.46 -4.35 2.99
C MET A 59 8.40 -4.07 4.17
N PRO A 60 8.33 -2.84 4.71
CA PRO A 60 9.16 -2.43 5.84
C PRO A 60 8.76 -3.11 7.13
N PRO A 61 9.78 -3.55 7.91
CA PRO A 61 9.55 -4.23 9.18
C PRO A 61 9.01 -3.29 10.26
N ASN A 62 8.17 -3.83 11.13
CA ASN A 62 7.57 -3.05 12.20
C ASN A 62 6.83 -1.83 11.64
N LYS A 63 6.23 -2.00 10.47
CA LYS A 63 5.49 -0.93 9.82
C LYS A 63 4.14 -1.42 9.32
N PRO A 64 3.06 -0.80 9.83
CA PRO A 64 1.70 -1.17 9.45
C PRO A 64 1.37 -0.77 8.02
N TYR A 65 2.34 -0.18 7.33
CA TYR A 65 2.16 0.24 5.95
C TYR A 65 3.24 -0.33 5.05
N SER A 66 2.88 -0.58 3.80
CA SER A 66 3.82 -1.14 2.83
C SER A 66 3.81 -0.34 1.53
N PHE A 67 4.65 -0.75 0.58
CA PHE A 67 4.73 -0.07 -0.70
C PHE A 67 4.84 -1.08 -1.84
N ALA A 68 3.96 -0.96 -2.82
CA ALA A 68 3.95 -1.86 -3.97
C ALA A 68 4.32 -1.11 -5.25
N ARG A 69 4.95 -1.83 -6.17
CA ARG A 69 5.37 -1.24 -7.44
C ARG A 69 4.83 -2.05 -8.63
N TYR A 70 3.77 -1.56 -9.25
CA TYR A 70 3.16 -2.25 -10.38
C TYR A 70 4.00 -2.05 -11.64
N ARG A 71 3.84 -2.95 -12.60
CA ARG A 71 4.58 -2.89 -13.86
C ARG A 71 4.09 -1.72 -14.71
N THR A 72 2.78 -1.48 -14.69
CA THR A 72 2.18 -0.40 -15.46
C THR A 72 1.21 0.41 -14.61
N THR A 73 1.17 1.71 -14.82
CA THR A 73 0.29 2.60 -14.09
C THR A 73 -1.13 2.05 -14.07
N GLU A 74 -1.67 1.76 -15.25
CA GLU A 74 -3.02 1.23 -15.37
C GLU A 74 -3.32 0.24 -14.25
N GLU A 75 -2.59 -0.87 -14.24
CA GLU A 75 -2.79 -1.90 -13.23
C GLU A 75 -2.85 -1.28 -11.83
N SER A 76 -1.80 -0.54 -11.47
CA SER A 76 -1.74 0.11 -10.17
C SER A 76 -3.08 0.72 -9.80
N LYS A 77 -3.57 1.60 -10.65
CA LYS A 77 -4.85 2.27 -10.42
C LYS A 77 -5.96 1.25 -10.16
N ARG A 78 -6.05 0.25 -11.03
CA ARG A 78 -7.07 -0.78 -10.89
C ARG A 78 -7.11 -1.32 -9.46
N ALA A 79 -5.93 -1.49 -8.87
CA ALA A 79 -5.83 -1.99 -7.50
C ALA A 79 -6.11 -0.88 -6.49
N TYR A 80 -5.68 0.33 -6.82
CA TYR A 80 -5.89 1.48 -5.93
C TYR A 80 -7.37 1.75 -5.74
N VAL A 81 -8.16 1.53 -6.78
CA VAL A 81 -9.60 1.76 -6.72
C VAL A 81 -10.33 0.49 -6.28
N THR A 82 -9.67 -0.65 -6.42
CA THR A 82 -10.26 -1.93 -6.04
C THR A 82 -9.79 -2.35 -4.65
N LEU A 83 -8.49 -2.59 -4.51
CA LEU A 83 -7.92 -3.00 -3.23
C LEU A 83 -8.29 -2.02 -2.13
N ASN A 84 -8.18 -0.72 -2.43
CA ASN A 84 -8.50 0.32 -1.47
C ASN A 84 -9.93 0.16 -0.95
N GLY A 85 -10.06 -0.15 0.33
CA GLY A 85 -11.37 -0.32 0.92
C GLY A 85 -11.80 -1.77 0.97
N LYS A 86 -11.02 -2.64 0.34
CA LYS A 86 -11.33 -4.07 0.32
C LYS A 86 -10.91 -4.73 1.62
N GLU A 87 -11.53 -5.88 1.92
CA GLU A 87 -11.23 -6.61 3.15
C GLU A 87 -10.40 -7.85 2.85
N VAL A 88 -9.34 -8.05 3.64
CA VAL A 88 -8.47 -9.21 3.47
C VAL A 88 -8.21 -9.92 4.79
N VAL A 89 -8.49 -11.22 4.81
CA VAL A 89 -8.29 -12.02 6.02
C VAL A 89 -6.81 -12.18 6.34
N ASP A 90 -6.35 -11.52 7.40
CA ASP A 90 -4.97 -11.59 7.81
C ASP A 90 -4.60 -13.00 8.28
N ASP A 91 -3.36 -13.18 8.70
CA ASP A 91 -2.90 -14.47 9.18
C ASP A 91 -3.75 -14.96 10.34
N LEU A 92 -4.08 -14.06 11.26
CA LEU A 92 -4.89 -14.39 12.42
C LEU A 92 -6.26 -14.92 12.00
N GLY A 93 -6.69 -14.52 10.80
CA GLY A 93 -7.98 -14.96 10.30
C GLY A 93 -9.04 -13.89 10.39
N GLN A 94 -8.61 -12.65 10.62
CA GLN A 94 -9.54 -11.52 10.73
C GLN A 94 -9.48 -10.64 9.48
N LYS A 95 -10.63 -10.14 9.08
CA LYS A 95 -10.71 -9.27 7.90
C LYS A 95 -10.34 -7.84 8.26
N ILE A 96 -9.38 -7.28 7.53
CA ILE A 96 -8.94 -5.91 7.76
C ILE A 96 -9.10 -5.05 6.51
N THR A 97 -9.47 -3.79 6.70
CA THR A 97 -9.65 -2.88 5.58
C THR A 97 -8.37 -2.10 5.28
N LEU A 98 -7.76 -2.41 4.14
CA LEU A 98 -6.52 -1.74 3.75
C LEU A 98 -6.80 -0.64 2.73
N TYR A 99 -6.17 0.51 2.92
CA TYR A 99 -6.35 1.65 2.02
C TYR A 99 -5.08 1.90 1.21
N LEU A 100 -5.23 1.94 -0.11
CA LEU A 100 -4.09 2.17 -1.00
C LEU A 100 -4.05 3.63 -1.45
N ASN A 101 -2.90 4.27 -1.30
CA ASN A 101 -2.73 5.66 -1.70
C ASN A 101 -1.62 5.80 -2.74
N PHE A 102 -1.85 6.66 -3.72
CA PHE A 102 -0.87 6.89 -4.78
C PHE A 102 0.36 7.61 -4.23
N VAL A 103 1.53 6.99 -4.42
CA VAL A 103 2.78 7.57 -3.94
C VAL A 103 3.80 7.64 -5.08
N GLU A 104 4.64 8.68 -5.03
CA GLU A 104 5.66 8.87 -6.05
C GLU A 104 7.06 8.61 -5.48
N LYS A 105 7.26 9.04 -4.23
CA LYS A 105 8.55 8.85 -3.57
C LYS A 105 8.45 7.78 -2.49
N VAL A 106 9.33 6.78 -2.57
CA VAL A 106 9.34 5.70 -1.60
C VAL A 106 10.76 5.28 -1.27
N GLN A 107 10.99 4.90 -0.01
CA GLN A 107 12.32 4.47 0.44
C GLN A 107 12.58 3.03 0.01
N TRP A 108 12.68 2.80 -1.29
CA TRP A 108 12.94 1.47 -1.82
C TRP A 108 14.27 0.93 -1.30
N SER A 109 14.29 -0.36 -0.97
CA SER A 109 15.50 -0.99 -0.46
C SER A 109 15.95 -2.12 -1.39
N GLY A 110 15.11 -3.14 -1.52
CA GLY A 110 15.44 -4.27 -2.38
C GLY A 110 15.27 -5.60 -1.69
N PRO A 111 15.96 -6.63 -2.19
CA PRO A 111 15.89 -7.98 -1.62
C PRO A 111 16.58 -8.07 -0.26
N SER A 112 17.78 -7.52 -0.16
CA SER A 112 18.53 -7.55 1.08
C SER A 112 19.82 -6.73 0.96
N SER A 113 19.93 -5.68 1.76
CA SER A 113 21.09 -4.82 1.74
C SER A 113 22.28 -5.49 2.41
N GLY A 114 23.08 -6.22 1.63
CA GLY A 114 24.23 -6.91 2.17
C GLY A 114 25.54 -6.39 1.61
N GLY A 1 -14.71 24.92 -7.01
CA GLY A 1 -13.98 24.63 -5.80
C GLY A 1 -13.06 23.43 -5.94
N SER A 2 -11.93 23.64 -6.62
CA SER A 2 -10.97 22.57 -6.82
C SER A 2 -10.39 22.07 -5.50
N SER A 3 -9.83 23.00 -4.73
CA SER A 3 -9.24 22.66 -3.44
C SER A 3 -10.12 21.65 -2.69
N GLY A 4 -9.47 20.75 -1.95
CA GLY A 4 -10.21 19.74 -1.20
C GLY A 4 -9.34 19.06 -0.15
N SER A 5 -9.98 18.31 0.74
CA SER A 5 -9.27 17.61 1.79
C SER A 5 -8.81 16.23 1.31
N SER A 6 -7.49 16.08 1.18
CA SER A 6 -6.92 14.81 0.72
C SER A 6 -6.30 14.05 1.89
N GLY A 7 -5.80 12.85 1.60
CA GLY A 7 -5.18 12.04 2.64
C GLY A 7 -5.94 10.77 2.89
N ALA A 8 -5.42 9.94 3.80
CA ALA A 8 -6.07 8.68 4.13
C ALA A 8 -7.43 8.91 4.78
N LYS A 9 -8.11 7.82 5.14
CA LYS A 9 -9.42 7.91 5.77
C LYS A 9 -9.30 7.80 7.29
N HIS A 10 -8.10 7.50 7.76
CA HIS A 10 -7.85 7.36 9.19
C HIS A 10 -6.58 8.12 9.60
N THR A 11 -6.69 8.90 10.67
CA THR A 11 -5.55 9.68 11.15
C THR A 11 -4.31 8.80 11.32
N LEU A 12 -4.53 7.51 11.57
CA LEU A 12 -3.44 6.57 11.75
C LEU A 12 -2.30 6.85 10.77
N LEU A 13 -2.67 7.23 9.55
CA LEU A 13 -1.68 7.53 8.52
C LEU A 13 -1.02 8.88 8.78
N ARG A 14 -1.83 9.87 9.11
CA ARG A 14 -1.33 11.22 9.39
C ARG A 14 -0.11 11.15 10.32
N HIS A 15 -0.29 10.53 11.48
CA HIS A 15 0.79 10.40 12.44
C HIS A 15 2.04 9.83 11.79
N GLU A 16 1.95 8.58 11.34
CA GLU A 16 3.07 7.92 10.69
C GLU A 16 3.88 8.91 9.85
N GLY A 17 3.19 9.83 9.20
CA GLY A 17 3.86 10.81 8.38
C GLY A 17 4.03 10.36 6.94
N ILE A 18 2.97 9.81 6.36
CA ILE A 18 3.00 9.33 4.99
C ILE A 18 2.34 10.32 4.05
N GLU A 19 3.09 10.80 3.07
CA GLU A 19 2.57 11.75 2.10
C GLU A 19 2.21 11.06 0.79
N THR A 20 0.99 11.27 0.33
CA THR A 20 0.53 10.66 -0.91
C THR A 20 0.04 11.72 -1.90
N VAL A 21 0.28 11.48 -3.18
CA VAL A 21 -0.13 12.41 -4.22
C VAL A 21 -1.56 12.12 -4.69
N SER A 22 -2.04 12.93 -5.63
CA SER A 22 -3.38 12.76 -6.16
C SER A 22 -3.36 12.01 -7.49
N TYR A 23 -2.47 12.43 -8.38
CA TYR A 23 -2.34 11.79 -9.69
C TYR A 23 -1.94 10.33 -9.55
N ALA A 24 -2.20 9.55 -10.59
CA ALA A 24 -1.86 8.13 -10.59
C ALA A 24 -0.35 7.93 -10.55
N THR A 25 0.10 6.98 -9.73
CA THR A 25 1.52 6.68 -9.61
C THR A 25 1.77 5.18 -9.67
N GLN A 26 2.81 4.80 -10.42
CA GLN A 26 3.16 3.40 -10.57
C GLN A 26 3.29 2.72 -9.21
N SER A 27 3.66 3.50 -8.19
CA SER A 27 3.82 2.98 -6.85
C SER A 27 2.57 3.23 -6.02
N LEU A 28 2.44 2.49 -4.92
CA LEU A 28 1.29 2.63 -4.03
C LEU A 28 1.68 2.36 -2.58
N VAL A 29 0.80 2.73 -1.65
CA VAL A 29 1.06 2.51 -0.24
C VAL A 29 -0.13 1.84 0.44
N VAL A 30 0.09 0.63 0.93
CA VAL A 30 -0.97 -0.13 1.60
C VAL A 30 -1.11 0.31 3.06
N ALA A 31 -2.31 0.74 3.41
CA ALA A 31 -2.59 1.18 4.78
C ALA A 31 -3.16 0.05 5.63
N ASN A 32 -3.14 0.23 6.94
CA ASN A 32 -3.66 -0.78 7.86
C ASN A 32 -3.13 -2.17 7.50
N GLY A 33 -1.95 -2.20 6.88
CA GLY A 33 -1.36 -3.47 6.50
C GLY A 33 0.06 -3.63 7.01
N GLY A 34 0.98 -3.99 6.13
CA GLY A 34 2.36 -4.17 6.53
C GLY A 34 2.55 -5.32 7.49
N LEU A 35 3.76 -5.86 7.55
CA LEU A 35 4.05 -6.98 8.44
C LEU A 35 3.48 -6.74 9.82
N GLY A 36 3.79 -5.59 10.40
CA GLY A 36 3.30 -5.26 11.72
C GLY A 36 1.85 -5.69 11.93
N ASN A 37 1.07 -5.65 10.84
CA ASN A 37 -0.34 -6.04 10.91
C ASN A 37 -0.50 -7.52 10.58
N GLY A 38 0.46 -8.33 11.02
CA GLY A 38 0.40 -9.75 10.76
C GLY A 38 0.08 -10.07 9.31
N VAL A 39 0.54 -9.22 8.41
CA VAL A 39 0.30 -9.41 6.99
C VAL A 39 1.57 -9.85 6.27
N SER A 40 1.62 -11.12 5.88
CA SER A 40 2.78 -11.65 5.18
C SER A 40 2.78 -11.25 3.71
N ARG A 41 3.95 -11.28 3.09
CA ARG A 41 4.08 -10.92 1.68
C ARG A 41 3.28 -11.88 0.79
N ASN A 42 3.33 -13.16 1.13
CA ASN A 42 2.62 -14.18 0.38
C ASN A 42 1.12 -14.12 0.64
N GLN A 43 0.73 -13.25 1.57
CA GLN A 43 -0.68 -13.10 1.91
C GLN A 43 -1.22 -11.77 1.40
N LEU A 44 -0.31 -10.87 1.02
CA LEU A 44 -0.70 -9.56 0.51
C LEU A 44 -0.42 -9.46 -0.98
N LEU A 45 0.71 -10.00 -1.41
CA LEU A 45 1.10 -9.97 -2.81
C LEU A 45 0.02 -10.59 -3.68
N PRO A 46 -0.54 -11.72 -3.23
CA PRO A 46 -1.60 -12.44 -3.96
C PRO A 46 -2.70 -11.51 -4.42
N VAL A 47 -3.11 -10.59 -3.55
CA VAL A 47 -4.17 -9.65 -3.86
C VAL A 47 -3.69 -8.60 -4.86
N LEU A 48 -2.39 -8.31 -4.82
CA LEU A 48 -1.80 -7.33 -5.73
C LEU A 48 -1.53 -7.94 -7.10
N GLU A 49 -1.47 -9.28 -7.15
CA GLU A 49 -1.21 -9.98 -8.39
C GLU A 49 -2.50 -10.19 -9.17
N LYS A 50 -3.53 -10.66 -8.49
CA LYS A 50 -4.83 -10.91 -9.11
C LYS A 50 -5.31 -9.66 -9.85
N CYS A 51 -5.00 -8.49 -9.32
CA CYS A 51 -5.41 -7.24 -9.92
C CYS A 51 -4.49 -6.88 -11.09
N GLY A 52 -3.19 -6.93 -10.86
CA GLY A 52 -2.23 -6.61 -11.90
C GLY A 52 -0.87 -7.24 -11.64
N LEU A 53 0.09 -6.92 -12.51
CA LEU A 53 1.44 -7.46 -12.38
C LEU A 53 2.21 -6.73 -11.28
N VAL A 54 2.89 -7.51 -10.43
CA VAL A 54 3.67 -6.94 -9.34
C VAL A 54 5.16 -7.02 -9.63
N ASP A 55 5.77 -5.87 -9.89
CA ASP A 55 7.19 -5.81 -10.18
C ASP A 55 8.02 -5.96 -8.90
N ALA A 56 7.70 -5.15 -7.89
CA ALA A 56 8.41 -5.19 -6.63
C ALA A 56 7.52 -4.74 -5.48
N LEU A 57 7.42 -5.56 -4.44
CA LEU A 57 6.60 -5.24 -3.28
C LEU A 57 7.46 -4.98 -2.06
N LEU A 58 7.53 -3.71 -1.65
CA LEU A 58 8.32 -3.31 -0.49
C LEU A 58 7.53 -3.50 0.79
N MET A 59 8.10 -4.22 1.75
CA MET A 59 7.44 -4.46 3.03
C MET A 59 8.38 -4.13 4.20
N PRO A 60 8.27 -2.91 4.72
CA PRO A 60 9.10 -2.43 5.84
C PRO A 60 8.74 -3.13 7.15
N PRO A 61 9.78 -3.55 7.89
CA PRO A 61 9.60 -4.23 9.17
C PRO A 61 9.06 -3.30 10.26
N ASN A 62 8.18 -3.83 11.10
CA ASN A 62 7.59 -3.04 12.18
C ASN A 62 6.84 -1.83 11.63
N LYS A 63 6.18 -2.03 10.49
CA LYS A 63 5.42 -0.95 9.86
C LYS A 63 4.06 -1.46 9.39
N PRO A 64 2.98 -0.84 9.90
CA PRO A 64 1.61 -1.20 9.55
C PRO A 64 1.26 -0.82 8.11
N TYR A 65 2.23 -0.25 7.40
CA TYR A 65 2.02 0.16 6.02
C TYR A 65 3.16 -0.33 5.13
N SER A 66 2.83 -0.63 3.87
CA SER A 66 3.81 -1.12 2.92
C SER A 66 3.74 -0.35 1.61
N PHE A 67 4.65 -0.66 0.70
CA PHE A 67 4.69 0.02 -0.59
C PHE A 67 4.85 -0.99 -1.73
N ALA A 68 3.94 -0.95 -2.70
CA ALA A 68 3.99 -1.85 -3.84
C ALA A 68 4.36 -1.12 -5.12
N ARG A 69 5.01 -1.82 -6.02
CA ARG A 69 5.43 -1.23 -7.29
C ARG A 69 4.92 -2.05 -8.47
N TYR A 70 3.87 -1.57 -9.12
CA TYR A 70 3.27 -2.25 -10.26
C TYR A 70 4.14 -2.07 -11.51
N ARG A 71 4.01 -3.00 -12.45
CA ARG A 71 4.77 -2.93 -13.69
C ARG A 71 4.21 -1.86 -14.61
N THR A 72 2.91 -1.61 -14.51
CA THR A 72 2.25 -0.62 -15.35
C THR A 72 1.27 0.22 -14.53
N THR A 73 1.17 1.50 -14.86
CA THR A 73 0.27 2.41 -14.15
C THR A 73 -1.14 1.84 -14.11
N GLU A 74 -1.72 1.62 -15.30
CA GLU A 74 -3.08 1.09 -15.40
C GLU A 74 -3.36 0.11 -14.27
N GLU A 75 -2.58 -0.96 -14.21
CA GLU A 75 -2.75 -1.97 -13.17
C GLU A 75 -2.81 -1.34 -11.79
N SER A 76 -1.79 -0.55 -11.46
CA SER A 76 -1.72 0.13 -10.17
C SER A 76 -3.06 0.77 -9.82
N LYS A 77 -3.51 1.68 -10.67
CA LYS A 77 -4.77 2.37 -10.46
C LYS A 77 -5.90 1.38 -10.19
N ARG A 78 -6.03 0.38 -11.06
CA ARG A 78 -7.06 -0.63 -10.92
C ARG A 78 -7.10 -1.17 -9.49
N ALA A 79 -5.92 -1.40 -8.92
CA ALA A 79 -5.82 -1.91 -7.56
C ALA A 79 -6.10 -0.81 -6.54
N TYR A 80 -5.73 0.42 -6.87
CA TYR A 80 -5.93 1.55 -5.98
C TYR A 80 -7.42 1.82 -5.79
N VAL A 81 -8.20 1.66 -6.86
CA VAL A 81 -9.63 1.88 -6.81
C VAL A 81 -10.37 0.62 -6.38
N THR A 82 -9.69 -0.53 -6.48
CA THR A 82 -10.29 -1.80 -6.10
C THR A 82 -9.80 -2.24 -4.72
N LEU A 83 -8.51 -2.46 -4.60
CA LEU A 83 -7.92 -2.90 -3.34
C LEU A 83 -8.29 -1.93 -2.21
N ASN A 84 -8.11 -0.64 -2.47
CA ASN A 84 -8.43 0.38 -1.47
C ASN A 84 -9.87 0.25 -0.98
N GLY A 85 -10.03 -0.19 0.26
CA GLY A 85 -11.36 -0.36 0.82
C GLY A 85 -11.77 -1.82 0.89
N LYS A 86 -11.11 -2.66 0.10
CA LYS A 86 -11.42 -4.08 0.07
C LYS A 86 -10.97 -4.76 1.37
N GLU A 87 -11.70 -5.79 1.77
CA GLU A 87 -11.37 -6.52 2.99
C GLU A 87 -10.45 -7.71 2.68
N VAL A 88 -9.51 -7.96 3.58
CA VAL A 88 -8.56 -9.06 3.41
C VAL A 88 -8.31 -9.79 4.72
N VAL A 89 -8.26 -11.12 4.66
CA VAL A 89 -8.02 -11.93 5.85
C VAL A 89 -6.53 -12.00 6.18
N ASP A 90 -6.17 -11.46 7.34
CA ASP A 90 -4.78 -11.46 7.79
C ASP A 90 -4.35 -12.86 8.24
N ASP A 91 -3.10 -12.99 8.61
CA ASP A 91 -2.56 -14.27 9.07
C ASP A 91 -3.37 -14.80 10.25
N LEU A 92 -3.90 -13.89 11.06
CA LEU A 92 -4.68 -14.27 12.23
C LEU A 92 -6.01 -14.88 11.80
N GLY A 93 -6.53 -14.46 10.66
CA GLY A 93 -7.78 -14.98 10.16
C GLY A 93 -8.92 -13.99 10.29
N GLN A 94 -8.58 -12.71 10.40
CA GLN A 94 -9.58 -11.66 10.54
C GLN A 94 -9.58 -10.74 9.32
N LYS A 95 -10.73 -10.16 9.02
CA LYS A 95 -10.86 -9.26 7.88
C LYS A 95 -10.38 -7.86 8.24
N ILE A 96 -9.45 -7.34 7.45
CA ILE A 96 -8.91 -6.00 7.68
C ILE A 96 -9.10 -5.12 6.46
N THR A 97 -9.41 -3.85 6.70
CA THR A 97 -9.62 -2.89 5.62
C THR A 97 -8.34 -2.14 5.30
N LEU A 98 -7.73 -2.48 4.17
CA LEU A 98 -6.50 -1.84 3.73
C LEU A 98 -6.78 -0.74 2.72
N TYR A 99 -6.13 0.41 2.90
CA TYR A 99 -6.32 1.54 2.01
C TYR A 99 -5.05 1.82 1.20
N LEU A 100 -5.20 1.89 -0.12
CA LEU A 100 -4.06 2.13 -1.00
C LEU A 100 -4.05 3.58 -1.48
N ASN A 101 -2.93 4.26 -1.30
CA ASN A 101 -2.79 5.65 -1.72
C ASN A 101 -1.68 5.81 -2.75
N PHE A 102 -1.89 6.69 -3.71
CA PHE A 102 -0.91 6.94 -4.76
C PHE A 102 0.31 7.66 -4.20
N VAL A 103 1.49 7.09 -4.44
CA VAL A 103 2.74 7.67 -3.96
C VAL A 103 3.75 7.83 -5.10
N GLU A 104 4.62 8.82 -4.98
CA GLU A 104 5.64 9.08 -5.99
C GLU A 104 7.03 8.79 -5.45
N LYS A 105 7.23 9.05 -4.16
CA LYS A 105 8.51 8.82 -3.52
C LYS A 105 8.40 7.75 -2.44
N VAL A 106 9.19 6.69 -2.57
CA VAL A 106 9.18 5.60 -1.60
C VAL A 106 10.58 5.06 -1.37
N GLN A 107 10.95 4.93 -0.09
CA GLN A 107 12.27 4.42 0.26
C GLN A 107 12.42 2.96 -0.16
N TRP A 108 12.62 2.73 -1.45
CA TRP A 108 12.78 1.38 -1.98
C TRP A 108 14.14 0.80 -1.58
N SER A 109 14.23 -0.52 -1.59
CA SER A 109 15.47 -1.20 -1.23
C SER A 109 16.55 -0.95 -2.27
N GLY A 110 16.17 -1.03 -3.54
CA GLY A 110 17.12 -0.80 -4.63
C GLY A 110 18.31 -1.74 -4.55
N PRO A 111 18.96 -1.96 -5.70
CA PRO A 111 20.13 -2.83 -5.78
C PRO A 111 21.36 -2.24 -5.09
N SER A 112 22.04 -3.07 -4.29
CA SER A 112 23.22 -2.62 -3.57
C SER A 112 24.44 -3.47 -3.94
N SER A 113 24.24 -4.79 -3.99
CA SER A 113 25.31 -5.71 -4.32
C SER A 113 24.90 -6.65 -5.44
N GLY A 114 25.73 -6.74 -6.47
CA GLY A 114 25.42 -7.61 -7.60
C GLY A 114 25.63 -6.93 -8.93
N GLY A 1 0.08 22.36 6.22
CA GLY A 1 -1.18 22.06 5.57
C GLY A 1 -2.37 22.33 6.47
N SER A 2 -3.53 21.81 6.06
CA SER A 2 -4.76 22.00 6.84
C SER A 2 -5.75 20.88 6.56
N SER A 3 -6.33 20.33 7.63
CA SER A 3 -7.30 19.25 7.51
C SER A 3 -8.16 19.43 6.27
N GLY A 4 -8.12 18.45 5.37
CA GLY A 4 -8.91 18.52 4.16
C GLY A 4 -8.86 17.22 3.36
N SER A 5 -7.69 16.91 2.82
CA SER A 5 -7.52 15.69 2.04
C SER A 5 -8.18 14.50 2.72
N SER A 6 -9.13 13.88 2.02
CA SER A 6 -9.84 12.73 2.55
C SER A 6 -8.86 11.64 2.98
N GLY A 7 -8.08 11.16 2.01
CA GLY A 7 -7.12 10.11 2.30
C GLY A 7 -7.64 9.09 3.28
N ALA A 8 -6.75 8.47 4.04
CA ALA A 8 -7.13 7.47 5.02
C ALA A 8 -8.13 8.03 6.02
N LYS A 9 -8.47 7.22 7.03
CA LYS A 9 -9.41 7.65 8.05
C LYS A 9 -8.88 7.33 9.45
N HIS A 10 -7.58 7.09 9.54
CA HIS A 10 -6.95 6.77 10.82
C HIS A 10 -5.68 7.59 11.02
N THR A 11 -5.58 8.26 12.15
CA THR A 11 -4.43 9.08 12.46
C THR A 11 -3.14 8.27 12.38
N LEU A 12 -3.27 6.95 12.46
CA LEU A 12 -2.11 6.06 12.39
C LEU A 12 -1.11 6.55 11.35
N LEU A 13 -1.61 6.94 10.19
CA LEU A 13 -0.76 7.45 9.12
C LEU A 13 0.00 8.69 9.56
N ARG A 14 -0.69 9.57 10.28
CA ARG A 14 -0.08 10.80 10.77
C ARG A 14 1.26 10.52 11.44
N HIS A 15 1.21 9.83 12.57
CA HIS A 15 2.42 9.49 13.32
C HIS A 15 3.53 9.04 12.37
N GLU A 16 3.20 8.10 11.49
CA GLU A 16 4.17 7.58 10.54
C GLU A 16 4.67 8.68 9.61
N GLY A 17 3.79 9.62 9.29
CA GLY A 17 4.17 10.72 8.41
C GLY A 17 4.23 10.30 6.95
N ILE A 18 3.13 9.77 6.44
CA ILE A 18 3.07 9.34 5.05
C ILE A 18 2.21 10.27 4.21
N GLU A 19 2.80 10.83 3.17
CA GLU A 19 2.09 11.76 2.28
C GLU A 19 1.97 11.17 0.88
N THR A 20 0.74 11.10 0.39
CA THR A 20 0.48 10.57 -0.95
C THR A 20 -0.11 11.63 -1.87
N VAL A 21 0.16 11.50 -3.17
CA VAL A 21 -0.33 12.45 -4.15
C VAL A 21 -1.75 12.10 -4.59
N SER A 22 -2.31 12.90 -5.49
CA SER A 22 -3.66 12.69 -5.98
C SER A 22 -3.64 11.87 -7.27
N TYR A 23 -2.78 12.27 -8.20
CA TYR A 23 -2.66 11.58 -9.48
C TYR A 23 -2.14 10.16 -9.29
N ALA A 24 -2.37 9.32 -10.29
CA ALA A 24 -1.93 7.93 -10.23
C ALA A 24 -0.40 7.84 -10.23
N THR A 25 0.11 6.82 -9.53
CA THR A 25 1.55 6.62 -9.44
C THR A 25 1.91 5.15 -9.47
N GLN A 26 2.80 4.77 -10.38
CA GLN A 26 3.22 3.38 -10.52
C GLN A 26 3.35 2.72 -9.15
N SER A 27 3.72 3.51 -8.14
CA SER A 27 3.88 2.99 -6.79
C SER A 27 2.61 3.21 -5.97
N LEU A 28 2.44 2.42 -4.92
CA LEU A 28 1.28 2.52 -4.06
C LEU A 28 1.64 2.19 -2.61
N VAL A 29 0.89 2.76 -1.67
CA VAL A 29 1.13 2.52 -0.26
C VAL A 29 -0.06 1.82 0.40
N VAL A 30 0.18 0.65 0.96
CA VAL A 30 -0.88 -0.12 1.61
C VAL A 30 -1.03 0.29 3.07
N ALA A 31 -2.23 0.72 3.44
CA ALA A 31 -2.51 1.14 4.80
C ALA A 31 -3.14 0.01 5.61
N ASN A 32 -3.04 0.11 6.93
CA ASN A 32 -3.59 -0.91 7.81
C ASN A 32 -3.07 -2.29 7.44
N GLY A 33 -1.89 -2.32 6.83
CA GLY A 33 -1.29 -3.59 6.44
C GLY A 33 0.11 -3.77 6.99
N GLY A 34 1.06 -4.08 6.11
CA GLY A 34 2.42 -4.27 6.53
C GLY A 34 2.58 -5.44 7.48
N LEU A 35 3.79 -6.00 7.53
CA LEU A 35 4.07 -7.14 8.41
C LEU A 35 3.44 -6.94 9.78
N GLY A 36 3.71 -5.79 10.39
CA GLY A 36 3.17 -5.49 11.70
C GLY A 36 1.72 -5.93 11.84
N ASN A 37 0.97 -5.83 10.76
CA ASN A 37 -0.44 -6.21 10.76
C ASN A 37 -0.60 -7.70 10.45
N GLY A 38 0.39 -8.50 10.87
CA GLY A 38 0.34 -9.92 10.61
C GLY A 38 0.12 -10.26 9.16
N VAL A 39 0.39 -9.29 8.29
CA VAL A 39 0.23 -9.49 6.85
C VAL A 39 1.54 -9.86 6.19
N SER A 40 1.67 -11.12 5.80
CA SER A 40 2.87 -11.61 5.15
C SER A 40 2.88 -11.24 3.66
N ARG A 41 4.07 -11.25 3.07
CA ARG A 41 4.22 -10.92 1.65
C ARG A 41 3.43 -11.89 0.79
N ASN A 42 3.50 -13.17 1.13
CA ASN A 42 2.80 -14.21 0.38
C ASN A 42 1.30 -14.17 0.67
N GLN A 43 0.91 -13.29 1.59
CA GLN A 43 -0.50 -13.15 1.96
C GLN A 43 -1.08 -11.86 1.41
N LEU A 44 -0.21 -10.94 1.01
CA LEU A 44 -0.64 -9.66 0.47
C LEU A 44 -0.35 -9.57 -1.03
N LEU A 45 0.80 -10.11 -1.44
CA LEU A 45 1.19 -10.11 -2.84
C LEU A 45 0.12 -10.77 -3.71
N PRO A 46 -0.41 -11.91 -3.23
CA PRO A 46 -1.44 -12.66 -3.94
C PRO A 46 -2.58 -11.78 -4.44
N VAL A 47 -2.93 -10.77 -3.64
CA VAL A 47 -4.00 -9.85 -3.99
C VAL A 47 -3.50 -8.79 -4.97
N LEU A 48 -2.23 -8.45 -4.87
CA LEU A 48 -1.63 -7.45 -5.75
C LEU A 48 -1.30 -8.05 -7.12
N GLU A 49 -1.31 -9.38 -7.19
CA GLU A 49 -1.02 -10.07 -8.44
C GLU A 49 -2.29 -10.33 -9.24
N LYS A 50 -3.32 -10.81 -8.55
CA LYS A 50 -4.60 -11.10 -9.18
C LYS A 50 -5.10 -9.90 -9.97
N CYS A 51 -4.81 -8.70 -9.45
CA CYS A 51 -5.23 -7.47 -10.11
C CYS A 51 -4.27 -7.09 -11.24
N GLY A 52 -3.06 -6.70 -10.86
CA GLY A 52 -2.07 -6.31 -11.85
C GLY A 52 -0.73 -6.95 -11.59
N LEU A 53 0.26 -6.63 -12.45
CA LEU A 53 1.60 -7.19 -12.31
C LEU A 53 2.36 -6.49 -11.19
N VAL A 54 2.98 -7.27 -10.32
CA VAL A 54 3.75 -6.73 -9.20
C VAL A 54 5.24 -6.74 -9.52
N ASP A 55 5.79 -5.58 -9.84
CA ASP A 55 7.20 -5.44 -10.15
C ASP A 55 8.05 -5.59 -8.90
N ALA A 56 7.75 -4.78 -7.89
CA ALA A 56 8.48 -4.81 -6.64
C ALA A 56 7.58 -4.44 -5.46
N LEU A 57 7.50 -5.33 -4.48
CA LEU A 57 6.67 -5.11 -3.30
C LEU A 57 7.54 -4.86 -2.07
N LEU A 58 7.66 -3.61 -1.68
CA LEU A 58 8.46 -3.24 -0.51
C LEU A 58 7.66 -3.41 0.77
N MET A 59 8.20 -4.18 1.70
CA MET A 59 7.54 -4.42 2.98
C MET A 59 8.47 -4.11 4.15
N PRO A 60 8.35 -2.89 4.68
CA PRO A 60 9.17 -2.45 5.82
C PRO A 60 8.82 -3.16 7.12
N PRO A 61 9.85 -3.59 7.86
CA PRO A 61 9.67 -4.29 9.14
C PRO A 61 9.13 -3.38 10.23
N ASN A 62 8.26 -3.93 11.07
CA ASN A 62 7.68 -3.17 12.17
C ASN A 62 6.92 -1.95 11.63
N LYS A 63 6.26 -2.12 10.49
CA LYS A 63 5.49 -1.05 9.87
C LYS A 63 4.15 -1.55 9.38
N PRO A 64 3.06 -0.92 9.88
CA PRO A 64 1.70 -1.30 9.50
C PRO A 64 1.38 -0.92 8.05
N TYR A 65 2.32 -0.26 7.39
CA TYR A 65 2.14 0.15 6.01
C TYR A 65 3.23 -0.42 5.12
N SER A 66 2.92 -0.54 3.82
CA SER A 66 3.88 -1.09 2.86
C SER A 66 3.79 -0.35 1.53
N PHE A 67 4.74 -0.62 0.64
CA PHE A 67 4.78 0.02 -0.66
C PHE A 67 4.87 -1.03 -1.77
N ALA A 68 4.10 -0.83 -2.84
CA ALA A 68 4.10 -1.75 -3.97
C ALA A 68 4.43 -1.02 -5.27
N ARG A 69 5.00 -1.75 -6.22
CA ARG A 69 5.37 -1.17 -7.51
C ARG A 69 4.85 -2.03 -8.65
N TYR A 70 3.80 -1.54 -9.32
CA TYR A 70 3.20 -2.26 -10.44
C TYR A 70 4.03 -2.08 -11.71
N ARG A 71 3.86 -3.00 -12.65
CA ARG A 71 4.59 -2.95 -13.91
C ARG A 71 4.03 -1.86 -14.82
N THR A 72 2.77 -1.53 -14.64
CA THR A 72 2.11 -0.51 -15.44
C THR A 72 1.19 0.36 -14.58
N THR A 73 1.05 1.63 -14.97
CA THR A 73 0.20 2.55 -14.25
C THR A 73 -1.24 2.07 -14.21
N GLU A 74 -1.77 1.71 -15.38
CA GLU A 74 -3.14 1.23 -15.48
C GLU A 74 -3.45 0.23 -14.36
N GLU A 75 -2.56 -0.73 -14.17
CA GLU A 75 -2.74 -1.74 -13.13
C GLU A 75 -2.83 -1.10 -11.74
N SER A 76 -1.81 -0.35 -11.38
CA SER A 76 -1.77 0.33 -10.08
C SER A 76 -3.14 0.93 -9.74
N LYS A 77 -3.66 1.74 -10.65
CA LYS A 77 -4.96 2.37 -10.45
C LYS A 77 -6.04 1.33 -10.19
N ARG A 78 -6.09 0.31 -11.04
CA ARG A 78 -7.08 -0.75 -10.91
C ARG A 78 -7.10 -1.30 -9.49
N ALA A 79 -5.91 -1.43 -8.90
CA ALA A 79 -5.79 -1.95 -7.54
C ALA A 79 -6.10 -0.86 -6.51
N TYR A 80 -5.74 0.37 -6.84
CA TYR A 80 -5.97 1.51 -5.95
C TYR A 80 -7.47 1.73 -5.75
N VAL A 81 -8.25 1.51 -6.80
CA VAL A 81 -9.69 1.69 -6.75
C VAL A 81 -10.39 0.40 -6.31
N THR A 82 -9.69 -0.72 -6.45
CA THR A 82 -10.24 -2.02 -6.08
C THR A 82 -9.75 -2.46 -4.70
N LEU A 83 -8.44 -2.65 -4.58
CA LEU A 83 -7.85 -3.07 -3.31
C LEU A 83 -8.23 -2.10 -2.19
N ASN A 84 -8.08 -0.81 -2.46
CA ASN A 84 -8.42 0.22 -1.48
C ASN A 84 -9.85 0.05 -0.98
N GLY A 85 -10.00 -0.15 0.34
CA GLY A 85 -11.32 -0.32 0.90
C GLY A 85 -11.76 -1.77 0.95
N LYS A 86 -10.99 -2.63 0.28
CA LYS A 86 -11.30 -4.06 0.25
C LYS A 86 -10.91 -4.73 1.55
N GLU A 87 -11.69 -5.75 1.94
CA GLU A 87 -11.42 -6.47 3.18
C GLU A 87 -10.58 -7.72 2.90
N VAL A 88 -9.56 -7.93 3.72
CA VAL A 88 -8.69 -9.09 3.58
C VAL A 88 -8.44 -9.78 4.91
N VAL A 89 -8.60 -11.09 4.94
CA VAL A 89 -8.39 -11.86 6.16
C VAL A 89 -6.91 -12.02 6.47
N ASP A 90 -6.45 -11.33 7.51
CA ASP A 90 -5.05 -11.39 7.91
C ASP A 90 -4.68 -12.79 8.39
N ASP A 91 -3.41 -13.00 8.70
CA ASP A 91 -2.93 -14.29 9.17
C ASP A 91 -3.73 -14.76 10.38
N LEU A 92 -4.18 -13.80 11.19
CA LEU A 92 -4.96 -14.12 12.38
C LEU A 92 -6.33 -14.68 12.01
N GLY A 93 -6.88 -14.19 10.90
CA GLY A 93 -8.18 -14.66 10.45
C GLY A 93 -9.24 -13.58 10.53
N GLN A 94 -8.82 -12.34 10.79
CA GLN A 94 -9.74 -11.23 10.89
C GLN A 94 -9.71 -10.37 9.63
N LYS A 95 -10.88 -9.90 9.21
CA LYS A 95 -10.99 -9.08 8.01
C LYS A 95 -10.55 -7.64 8.30
N ILE A 96 -9.54 -7.17 7.57
CA ILE A 96 -9.04 -5.81 7.76
C ILE A 96 -9.21 -4.99 6.48
N THR A 97 -9.58 -3.72 6.65
CA THR A 97 -9.78 -2.83 5.52
C THR A 97 -8.49 -2.09 5.16
N LEU A 98 -7.85 -2.51 4.09
CA LEU A 98 -6.60 -1.89 3.64
C LEU A 98 -6.88 -0.73 2.70
N TYR A 99 -6.14 0.36 2.87
CA TYR A 99 -6.30 1.53 2.03
C TYR A 99 -5.05 1.81 1.21
N LEU A 100 -5.20 1.82 -0.11
CA LEU A 100 -4.08 2.08 -1.01
C LEU A 100 -4.10 3.52 -1.52
N ASN A 101 -2.96 4.20 -1.38
CA ASN A 101 -2.84 5.58 -1.83
C ASN A 101 -1.78 5.72 -2.91
N PHE A 102 -1.95 6.71 -3.79
CA PHE A 102 -0.99 6.94 -4.86
C PHE A 102 0.25 7.67 -4.35
N VAL A 103 1.36 6.94 -4.28
CA VAL A 103 2.62 7.51 -3.82
C VAL A 103 3.56 7.78 -4.98
N GLU A 104 4.18 8.96 -4.96
CA GLU A 104 5.11 9.35 -6.02
C GLU A 104 6.53 8.87 -5.69
N LYS A 105 6.93 9.04 -4.44
CA LYS A 105 8.26 8.63 -4.00
C LYS A 105 8.17 7.66 -2.83
N VAL A 106 9.02 6.63 -2.85
CA VAL A 106 9.03 5.64 -1.78
C VAL A 106 10.45 5.22 -1.43
N GLN A 107 10.72 5.02 -0.15
CA GLN A 107 12.05 4.61 0.31
C GLN A 107 12.31 3.14 -0.01
N TRP A 108 12.58 2.87 -1.29
CA TRP A 108 12.85 1.50 -1.73
C TRP A 108 14.17 1.00 -1.17
N SER A 109 14.22 -0.29 -0.84
CA SER A 109 15.43 -0.89 -0.29
C SER A 109 15.78 -2.17 -1.04
N GLY A 110 16.90 -2.78 -0.65
CA GLY A 110 17.34 -4.01 -1.29
C GLY A 110 18.74 -4.41 -0.89
N PRO A 111 19.00 -5.73 -0.90
CA PRO A 111 20.32 -6.27 -0.53
C PRO A 111 21.39 -5.94 -1.55
N SER A 112 21.00 -5.93 -2.82
CA SER A 112 21.94 -5.63 -3.90
C SER A 112 22.26 -4.14 -3.95
N SER A 113 23.44 -3.81 -4.48
CA SER A 113 23.86 -2.41 -4.58
C SER A 113 24.74 -2.20 -5.81
N GLY A 114 24.48 -1.11 -6.53
CA GLY A 114 25.25 -0.81 -7.72
C GLY A 114 25.94 0.53 -7.64
N GLY A 1 1.66 24.68 11.37
CA GLY A 1 1.05 23.43 10.97
C GLY A 1 -0.29 23.62 10.30
N SER A 2 -0.91 22.53 9.89
CA SER A 2 -2.20 22.58 9.21
C SER A 2 -3.00 21.30 9.45
N SER A 3 -4.29 21.46 9.73
CA SER A 3 -5.17 20.32 9.99
C SER A 3 -5.54 19.62 8.68
N GLY A 4 -4.75 18.63 8.30
CA GLY A 4 -5.01 17.90 7.07
C GLY A 4 -4.59 16.44 7.16
N SER A 5 -5.55 15.53 7.01
CA SER A 5 -5.26 14.11 7.07
C SER A 5 -4.87 13.56 5.69
N SER A 6 -4.17 12.44 5.69
CA SER A 6 -3.74 11.81 4.45
C SER A 6 -4.71 10.73 4.01
N GLY A 7 -5.99 11.08 3.95
CA GLY A 7 -7.01 10.12 3.54
C GLY A 7 -6.74 8.73 4.09
N ALA A 8 -7.25 8.46 5.29
CA ALA A 8 -7.07 7.17 5.92
C ALA A 8 -8.07 6.97 7.05
N LYS A 9 -7.98 5.83 7.72
CA LYS A 9 -8.87 5.51 8.83
C LYS A 9 -8.32 6.04 10.15
N HIS A 10 -7.13 5.56 10.52
CA HIS A 10 -6.50 5.99 11.76
C HIS A 10 -5.45 7.08 11.48
N THR A 11 -4.91 7.65 12.56
CA THR A 11 -3.90 8.70 12.43
C THR A 11 -2.50 8.10 12.33
N LEU A 12 -2.43 6.83 11.94
CA LEU A 12 -1.15 6.15 11.79
C LEU A 12 -0.47 6.53 10.49
N LEU A 13 -1.27 6.93 9.51
CA LEU A 13 -0.74 7.33 8.21
C LEU A 13 -0.10 8.71 8.27
N ARG A 14 -0.72 9.60 9.04
CA ARG A 14 -0.20 10.96 9.19
C ARG A 14 1.01 10.99 10.13
N HIS A 15 0.73 10.76 11.42
CA HIS A 15 1.80 10.77 12.43
C HIS A 15 3.09 10.19 11.86
N GLU A 16 3.05 8.90 11.49
CA GLU A 16 4.22 8.23 10.94
C GLU A 16 5.02 9.18 10.06
N GLY A 17 4.40 9.66 8.99
CA GLY A 17 5.08 10.58 8.09
C GLY A 17 5.07 10.09 6.65
N ILE A 18 3.87 9.80 6.14
CA ILE A 18 3.74 9.32 4.77
C ILE A 18 3.03 10.35 3.90
N GLU A 19 3.70 10.75 2.82
CA GLU A 19 3.14 11.74 1.90
C GLU A 19 2.67 11.07 0.61
N THR A 20 1.37 11.19 0.33
CA THR A 20 0.78 10.60 -0.86
C THR A 20 0.27 11.68 -1.80
N VAL A 21 0.35 11.40 -3.11
CA VAL A 21 -0.12 12.35 -4.11
C VAL A 21 -1.57 12.09 -4.48
N SER A 22 -2.12 12.94 -5.35
CA SER A 22 -3.51 12.82 -5.77
C SER A 22 -3.60 12.10 -7.12
N TYR A 23 -2.58 12.30 -7.95
CA TYR A 23 -2.55 11.69 -9.28
C TYR A 23 -2.18 10.21 -9.18
N ALA A 24 -2.22 9.51 -10.31
CA ALA A 24 -1.89 8.10 -10.35
C ALA A 24 -0.38 7.89 -10.39
N THR A 25 0.10 6.90 -9.64
CA THR A 25 1.52 6.59 -9.59
C THR A 25 1.77 5.09 -9.58
N GLN A 26 2.63 4.63 -10.47
CA GLN A 26 2.96 3.21 -10.56
C GLN A 26 3.11 2.59 -9.18
N SER A 27 3.62 3.38 -8.24
CA SER A 27 3.83 2.91 -6.87
C SER A 27 2.59 3.18 -6.02
N LEU A 28 2.41 2.36 -4.99
CA LEU A 28 1.26 2.50 -4.09
C LEU A 28 1.66 2.20 -2.66
N VAL A 29 0.86 2.67 -1.70
CA VAL A 29 1.12 2.45 -0.30
C VAL A 29 -0.06 1.75 0.38
N VAL A 30 0.20 0.55 0.91
CA VAL A 30 -0.84 -0.21 1.58
C VAL A 30 -1.01 0.24 3.03
N ALA A 31 -2.19 0.77 3.34
CA ALA A 31 -2.49 1.25 4.69
C ALA A 31 -3.13 0.15 5.53
N ASN A 32 -3.04 0.28 6.85
CA ASN A 32 -3.62 -0.70 7.76
C ASN A 32 -3.12 -2.09 7.43
N GLY A 33 -1.94 -2.18 6.84
CA GLY A 33 -1.36 -3.46 6.49
C GLY A 33 0.04 -3.65 7.05
N GLY A 34 0.98 -3.99 6.17
CA GLY A 34 2.35 -4.20 6.60
C GLY A 34 2.49 -5.35 7.58
N LEU A 35 3.68 -5.91 7.68
CA LEU A 35 3.94 -7.03 8.58
C LEU A 35 3.32 -6.76 9.95
N GLY A 36 3.61 -5.59 10.51
CA GLY A 36 3.08 -5.24 11.82
C GLY A 36 1.62 -5.65 11.97
N ASN A 37 0.87 -5.58 10.88
CA ASN A 37 -0.54 -5.94 10.90
C ASN A 37 -0.73 -7.43 10.60
N GLY A 38 0.24 -8.24 11.02
CA GLY A 38 0.17 -9.67 10.78
C GLY A 38 -0.13 -10.00 9.34
N VAL A 39 0.41 -9.20 8.42
CA VAL A 39 0.20 -9.41 6.99
C VAL A 39 1.49 -9.84 6.30
N SER A 40 1.58 -11.11 5.96
CA SER A 40 2.76 -11.64 5.30
C SER A 40 2.79 -11.24 3.82
N ARG A 41 3.96 -11.33 3.21
CA ARG A 41 4.13 -10.98 1.81
C ARG A 41 3.35 -11.95 0.92
N ASN A 42 3.41 -13.23 1.24
CA ASN A 42 2.72 -14.25 0.46
C ASN A 42 1.22 -14.20 0.72
N GLN A 43 0.80 -13.32 1.64
CA GLN A 43 -0.60 -13.17 1.98
C GLN A 43 -1.16 -11.86 1.44
N LEU A 44 -0.27 -10.92 1.14
CA LEU A 44 -0.67 -9.62 0.62
C LEU A 44 -0.38 -9.53 -0.88
N LEU A 45 0.76 -10.08 -1.29
CA LEU A 45 1.15 -10.04 -2.69
C LEU A 45 0.08 -10.69 -3.57
N PRO A 46 -0.47 -11.82 -3.11
CA PRO A 46 -1.51 -12.55 -3.83
C PRO A 46 -2.63 -11.65 -4.31
N VAL A 47 -2.98 -10.65 -3.49
CA VAL A 47 -4.04 -9.71 -3.83
C VAL A 47 -3.54 -8.66 -4.82
N LEU A 48 -2.24 -8.38 -4.77
CA LEU A 48 -1.64 -7.40 -5.66
C LEU A 48 -1.36 -8.00 -7.03
N GLU A 49 -1.34 -9.32 -7.10
CA GLU A 49 -1.09 -10.02 -8.36
C GLU A 49 -2.39 -10.24 -9.12
N LYS A 50 -3.42 -10.70 -8.42
CA LYS A 50 -4.72 -10.96 -9.03
C LYS A 50 -5.22 -9.72 -9.76
N CYS A 51 -4.85 -8.55 -9.27
CA CYS A 51 -5.26 -7.29 -9.88
C CYS A 51 -4.30 -6.89 -11.00
N GLY A 52 -3.03 -6.73 -10.66
CA GLY A 52 -2.04 -6.34 -11.66
C GLY A 52 -0.70 -7.01 -11.42
N LEU A 53 0.25 -6.78 -12.32
CA LEU A 53 1.57 -7.36 -12.22
C LEU A 53 2.41 -6.62 -11.17
N VAL A 54 2.84 -7.35 -10.14
CA VAL A 54 3.65 -6.75 -9.09
C VAL A 54 5.14 -6.83 -9.42
N ASP A 55 5.71 -5.69 -9.80
CA ASP A 55 7.12 -5.64 -10.15
C ASP A 55 8.00 -5.78 -8.91
N ALA A 56 7.61 -5.12 -7.83
CA ALA A 56 8.35 -5.18 -6.58
C ALA A 56 7.48 -4.75 -5.40
N LEU A 57 7.36 -5.63 -4.41
CA LEU A 57 6.56 -5.34 -3.22
C LEU A 57 7.45 -5.08 -2.01
N LEU A 58 7.55 -3.81 -1.62
CA LEU A 58 8.36 -3.43 -0.47
C LEU A 58 7.56 -3.53 0.83
N MET A 59 8.06 -4.33 1.76
CA MET A 59 7.40 -4.51 3.05
C MET A 59 8.34 -4.20 4.21
N PRO A 60 8.25 -2.97 4.73
CA PRO A 60 9.09 -2.52 5.84
C PRO A 60 8.74 -3.21 7.15
N PRO A 61 9.78 -3.60 7.92
CA PRO A 61 9.60 -4.28 9.20
C PRO A 61 9.04 -3.36 10.27
N ASN A 62 8.19 -3.90 11.13
CA ASN A 62 7.58 -3.13 12.21
C ASN A 62 6.87 -1.90 11.66
N LYS A 63 6.17 -2.08 10.54
CA LYS A 63 5.44 -0.98 9.90
C LYS A 63 4.08 -1.46 9.42
N PRO A 64 3.01 -0.79 9.89
CA PRO A 64 1.64 -1.12 9.52
C PRO A 64 1.33 -0.76 8.07
N TYR A 65 2.29 -0.14 7.40
CA TYR A 65 2.12 0.26 6.01
C TYR A 65 3.21 -0.35 5.13
N SER A 66 2.93 -0.44 3.84
CA SER A 66 3.88 -1.01 2.89
C SER A 66 3.83 -0.27 1.55
N PHE A 67 4.67 -0.69 0.62
CA PHE A 67 4.72 -0.07 -0.70
C PHE A 67 4.85 -1.12 -1.80
N ALA A 68 4.09 -0.95 -2.87
CA ALA A 68 4.11 -1.88 -3.99
C ALA A 68 4.37 -1.16 -5.30
N ARG A 69 4.98 -1.86 -6.26
CA ARG A 69 5.28 -1.28 -7.55
C ARG A 69 4.79 -2.19 -8.68
N TYR A 70 3.79 -1.72 -9.42
CA TYR A 70 3.23 -2.48 -10.52
C TYR A 70 4.08 -2.34 -11.78
N ARG A 71 3.66 -3.02 -12.85
CA ARG A 71 4.40 -2.96 -14.11
C ARG A 71 3.84 -1.86 -15.01
N THR A 72 2.55 -1.59 -14.89
CA THR A 72 1.89 -0.57 -15.69
C THR A 72 0.96 0.28 -14.84
N THR A 73 1.01 1.59 -15.04
CA THR A 73 0.16 2.52 -14.28
C THR A 73 -1.27 2.00 -14.20
N GLU A 74 -1.87 1.75 -15.36
CA GLU A 74 -3.24 1.26 -15.40
C GLU A 74 -3.50 0.26 -14.28
N GLU A 75 -2.63 -0.73 -14.15
CA GLU A 75 -2.76 -1.75 -13.12
C GLU A 75 -2.84 -1.11 -11.73
N SER A 76 -1.79 -0.37 -11.37
CA SER A 76 -1.73 0.29 -10.08
C SER A 76 -3.08 0.92 -9.73
N LYS A 77 -3.57 1.78 -10.61
CA LYS A 77 -4.85 2.44 -10.40
C LYS A 77 -5.96 1.43 -10.12
N ARG A 78 -6.04 0.40 -10.97
CA ARG A 78 -7.05 -0.64 -10.81
C ARG A 78 -7.06 -1.17 -9.38
N ALA A 79 -5.88 -1.38 -8.81
CA ALA A 79 -5.77 -1.89 -7.45
C ALA A 79 -6.08 -0.80 -6.43
N TYR A 80 -5.64 0.42 -6.74
CA TYR A 80 -5.87 1.55 -5.85
C TYR A 80 -7.37 1.81 -5.66
N VAL A 81 -8.14 1.62 -6.72
CA VAL A 81 -9.57 1.82 -6.67
C VAL A 81 -10.30 0.54 -6.28
N THR A 82 -9.62 -0.60 -6.47
CA THR A 82 -10.20 -1.89 -6.14
C THR A 82 -9.76 -2.36 -4.75
N LEU A 83 -8.46 -2.57 -4.60
CA LEU A 83 -7.91 -3.01 -3.33
C LEU A 83 -8.31 -2.07 -2.20
N ASN A 84 -8.13 -0.77 -2.42
CA ASN A 84 -8.47 0.24 -1.42
C ASN A 84 -9.90 0.04 -0.94
N GLY A 85 -10.06 -0.10 0.38
CA GLY A 85 -11.38 -0.29 0.95
C GLY A 85 -11.80 -1.75 0.99
N LYS A 86 -11.09 -2.58 0.24
CA LYS A 86 -11.38 -4.00 0.19
C LYS A 86 -10.96 -4.69 1.48
N GLU A 87 -11.58 -5.83 1.76
CA GLU A 87 -11.27 -6.59 2.98
C GLU A 87 -10.41 -7.80 2.64
N VAL A 88 -9.38 -8.03 3.45
CA VAL A 88 -8.48 -9.16 3.25
C VAL A 88 -8.25 -9.92 4.55
N VAL A 89 -8.27 -11.25 4.47
CA VAL A 89 -8.06 -12.09 5.64
C VAL A 89 -6.59 -12.09 6.06
N ASP A 90 -6.30 -11.42 7.17
CA ASP A 90 -4.94 -11.34 7.68
C ASP A 90 -4.46 -12.71 8.16
N ASP A 91 -3.21 -12.77 8.59
CA ASP A 91 -2.63 -14.02 9.08
C ASP A 91 -3.50 -14.64 10.17
N LEU A 92 -3.93 -13.82 11.12
CA LEU A 92 -4.77 -14.27 12.21
C LEU A 92 -6.05 -14.90 11.69
N GLY A 93 -6.50 -14.44 10.53
CA GLY A 93 -7.71 -14.97 9.93
C GLY A 93 -8.86 -13.97 9.95
N GLN A 94 -8.55 -12.74 10.38
CA GLN A 94 -9.56 -11.69 10.46
C GLN A 94 -9.46 -10.76 9.25
N LYS A 95 -10.60 -10.28 8.78
CA LYS A 95 -10.64 -9.37 7.64
C LYS A 95 -10.26 -7.96 8.05
N ILE A 96 -9.39 -7.33 7.26
CA ILE A 96 -8.95 -5.97 7.54
C ILE A 96 -9.14 -5.06 6.34
N THR A 97 -9.41 -3.79 6.60
CA THR A 97 -9.63 -2.82 5.53
C THR A 97 -8.36 -2.01 5.26
N LEU A 98 -7.66 -2.35 4.19
CA LEU A 98 -6.43 -1.67 3.83
C LEU A 98 -6.71 -0.58 2.80
N TYR A 99 -6.16 0.61 3.03
CA TYR A 99 -6.34 1.74 2.13
C TYR A 99 -5.08 1.99 1.31
N LEU A 100 -5.23 1.92 -0.02
CA LEU A 100 -4.11 2.15 -0.92
C LEU A 100 -4.08 3.58 -1.41
N ASN A 101 -2.93 4.23 -1.27
CA ASN A 101 -2.77 5.61 -1.70
C ASN A 101 -1.68 5.74 -2.76
N PHE A 102 -1.86 6.67 -3.69
CA PHE A 102 -0.90 6.88 -4.76
C PHE A 102 0.36 7.57 -4.23
N VAL A 103 1.51 7.01 -4.54
CA VAL A 103 2.79 7.57 -4.09
C VAL A 103 3.73 7.80 -5.27
N GLU A 104 4.30 9.00 -5.34
CA GLU A 104 5.23 9.34 -6.41
C GLU A 104 6.62 8.79 -6.13
N LYS A 105 7.00 8.76 -4.86
CA LYS A 105 8.30 8.26 -4.46
C LYS A 105 8.20 7.41 -3.19
N VAL A 106 9.20 6.56 -2.97
CA VAL A 106 9.21 5.70 -1.80
C VAL A 106 10.64 5.29 -1.43
N GLN A 107 10.85 5.00 -0.15
CA GLN A 107 12.18 4.60 0.33
C GLN A 107 12.44 3.13 0.03
N TRP A 108 12.39 2.75 -1.24
CA TRP A 108 12.62 1.38 -1.65
C TRP A 108 13.88 0.82 -1.00
N SER A 109 15.00 1.48 -1.24
CA SER A 109 16.28 1.05 -0.69
C SER A 109 17.38 2.06 -0.99
N GLY A 110 17.86 2.74 0.04
CA GLY A 110 18.90 3.73 -0.14
C GLY A 110 19.71 3.95 1.13
N PRO A 111 20.89 4.58 0.98
CA PRO A 111 21.79 4.86 2.11
C PRO A 111 21.22 5.93 3.04
N SER A 112 20.09 6.51 2.66
CA SER A 112 19.45 7.54 3.45
C SER A 112 20.23 8.85 3.38
N SER A 113 20.78 9.14 2.20
CA SER A 113 21.56 10.35 1.99
C SER A 113 20.66 11.52 1.63
N GLY A 114 21.23 12.72 1.61
CA GLY A 114 20.45 13.90 1.27
C GLY A 114 19.09 13.90 1.93
N GLY A 1 -11.81 26.63 15.64
CA GLY A 1 -12.73 26.53 14.52
C GLY A 1 -12.62 25.20 13.79
N SER A 2 -13.76 24.61 13.47
CA SER A 2 -13.79 23.32 12.78
C SER A 2 -13.79 23.51 11.27
N SER A 3 -13.69 22.42 10.53
CA SER A 3 -13.67 22.47 9.08
C SER A 3 -14.61 21.43 8.48
N GLY A 4 -14.57 20.21 9.03
CA GLY A 4 -15.42 19.15 8.54
C GLY A 4 -14.77 17.79 8.67
N SER A 5 -14.51 17.37 9.91
CA SER A 5 -13.88 16.07 10.16
C SER A 5 -14.56 14.97 9.34
N SER A 6 -13.84 14.44 8.37
CA SER A 6 -14.37 13.38 7.52
C SER A 6 -13.27 12.38 7.15
N GLY A 7 -13.68 11.26 6.55
CA GLY A 7 -12.73 10.24 6.16
C GLY A 7 -12.73 9.06 7.10
N ALA A 8 -11.70 8.22 7.01
CA ALA A 8 -11.59 7.04 7.86
C ALA A 8 -10.78 7.33 9.11
N LYS A 9 -10.77 8.61 9.52
CA LYS A 9 -10.04 9.02 10.71
C LYS A 9 -8.74 8.22 10.86
N HIS A 10 -8.17 7.82 9.73
CA HIS A 10 -6.93 7.05 9.74
C HIS A 10 -5.93 7.62 10.73
N THR A 11 -5.40 8.80 10.42
CA THR A 11 -4.43 9.47 11.28
C THR A 11 -3.32 8.51 11.69
N LEU A 12 -3.09 7.49 10.88
CA LEU A 12 -2.06 6.51 11.17
C LEU A 12 -0.89 6.65 10.19
N LEU A 13 -1.19 7.05 8.97
CA LEU A 13 -0.16 7.23 7.95
C LEU A 13 0.58 8.54 8.15
N ARG A 14 -0.07 9.50 8.80
CA ARG A 14 0.52 10.79 9.06
C ARG A 14 1.58 10.70 10.17
N HIS A 15 1.23 10.01 11.24
CA HIS A 15 2.13 9.83 12.38
C HIS A 15 3.45 9.18 11.93
N GLU A 16 3.37 8.41 10.84
CA GLU A 16 4.54 7.74 10.31
C GLU A 16 5.40 8.69 9.47
N GLY A 17 4.74 9.47 8.63
CA GLY A 17 5.45 10.42 7.79
C GLY A 17 5.52 9.97 6.34
N ILE A 18 4.36 9.65 5.76
CA ILE A 18 4.29 9.20 4.39
C ILE A 18 3.64 10.26 3.50
N GLU A 19 4.31 10.60 2.40
CA GLU A 19 3.80 11.60 1.47
C GLU A 19 3.16 10.94 0.26
N THR A 20 1.85 11.09 0.14
CA THR A 20 1.10 10.51 -0.98
C THR A 20 0.56 11.60 -1.91
N VAL A 21 0.51 11.28 -3.21
CA VAL A 21 0.02 12.23 -4.20
C VAL A 21 -1.41 11.91 -4.60
N SER A 22 -1.95 12.69 -5.54
CA SER A 22 -3.31 12.49 -6.01
C SER A 22 -3.32 11.73 -7.33
N TYR A 23 -2.50 12.20 -8.27
CA TYR A 23 -2.41 11.57 -9.59
C TYR A 23 -1.96 10.12 -9.47
N ALA A 24 -2.31 9.31 -10.47
CA ALA A 24 -1.94 7.92 -10.48
C ALA A 24 -0.42 7.74 -10.45
N THR A 25 0.04 6.70 -9.78
CA THR A 25 1.47 6.43 -9.67
C THR A 25 1.74 4.93 -9.56
N GLN A 26 2.59 4.42 -10.43
CA GLN A 26 2.94 3.01 -10.43
C GLN A 26 3.13 2.49 -9.01
N SER A 27 3.56 3.38 -8.12
CA SER A 27 3.79 3.01 -6.73
C SER A 27 2.53 3.25 -5.89
N LEU A 28 2.30 2.38 -4.91
CA LEU A 28 1.14 2.49 -4.05
C LEU A 28 1.50 2.15 -2.60
N VAL A 29 0.86 2.83 -1.65
CA VAL A 29 1.11 2.58 -0.24
C VAL A 29 -0.07 1.87 0.41
N VAL A 30 0.17 0.66 0.90
CA VAL A 30 -0.88 -0.12 1.55
C VAL A 30 -1.04 0.29 3.01
N ALA A 31 -2.21 0.81 3.34
CA ALA A 31 -2.51 1.25 4.70
C ALA A 31 -3.15 0.13 5.50
N ASN A 32 -3.06 0.23 6.83
CA ASN A 32 -3.64 -0.78 7.71
C ASN A 32 -3.13 -2.17 7.35
N GLY A 33 -1.94 -2.23 6.76
CA GLY A 33 -1.36 -3.51 6.36
C GLY A 33 0.03 -3.71 6.92
N GLY A 34 0.97 -4.05 6.05
CA GLY A 34 2.34 -4.26 6.48
C GLY A 34 2.47 -5.43 7.43
N LEU A 35 3.68 -5.99 7.52
CA LEU A 35 3.92 -7.13 8.40
C LEU A 35 3.28 -6.92 9.76
N GLY A 36 3.55 -5.78 10.38
CA GLY A 36 2.98 -5.48 11.68
C GLY A 36 1.53 -5.89 11.79
N ASN A 37 0.81 -5.80 10.68
CA ASN A 37 -0.60 -6.17 10.66
C ASN A 37 -0.77 -7.65 10.32
N GLY A 38 0.18 -8.46 10.75
CA GLY A 38 0.11 -9.89 10.49
C GLY A 38 -0.11 -10.20 9.02
N VAL A 39 0.32 -9.28 8.15
CA VAL A 39 0.17 -9.46 6.71
C VAL A 39 1.48 -9.86 6.07
N SER A 40 1.60 -11.15 5.72
CA SER A 40 2.81 -11.66 5.09
C SER A 40 2.84 -11.32 3.60
N ARG A 41 4.03 -11.32 3.02
CA ARG A 41 4.20 -11.01 1.61
C ARG A 41 3.44 -12.02 0.74
N ASN A 42 3.50 -13.29 1.13
CA ASN A 42 2.83 -14.35 0.39
C ASN A 42 1.32 -14.30 0.61
N GLN A 43 0.90 -13.42 1.52
CA GLN A 43 -0.51 -13.28 1.84
C GLN A 43 -1.06 -11.97 1.29
N LEU A 44 -0.17 -11.06 0.94
CA LEU A 44 -0.57 -9.76 0.39
C LEU A 44 -0.28 -9.69 -1.10
N LEU A 45 0.85 -10.24 -1.52
CA LEU A 45 1.24 -10.24 -2.92
C LEU A 45 0.17 -10.89 -3.78
N PRO A 46 -0.38 -12.03 -3.29
CA PRO A 46 -1.42 -12.77 -4.00
C PRO A 46 -2.54 -11.86 -4.50
N VAL A 47 -2.86 -10.84 -3.71
CA VAL A 47 -3.92 -9.91 -4.06
C VAL A 47 -3.42 -8.86 -5.06
N LEU A 48 -2.14 -8.52 -4.94
CA LEU A 48 -1.53 -7.54 -5.83
C LEU A 48 -1.19 -8.16 -7.18
N GLU A 49 -1.22 -9.48 -7.24
CA GLU A 49 -0.91 -10.20 -8.47
C GLU A 49 -2.16 -10.38 -9.34
N LYS A 50 -3.27 -10.73 -8.70
CA LYS A 50 -4.53 -10.93 -9.40
C LYS A 50 -4.99 -9.63 -10.05
N CYS A 51 -4.74 -8.51 -9.38
CA CYS A 51 -5.13 -7.21 -9.90
C CYS A 51 -4.22 -6.77 -11.04
N GLY A 52 -2.92 -6.93 -10.85
CA GLY A 52 -1.97 -6.55 -11.87
C GLY A 52 -0.60 -7.17 -11.65
N LEU A 53 0.35 -6.83 -12.51
CA LEU A 53 1.71 -7.35 -12.41
C LEU A 53 2.48 -6.66 -11.30
N VAL A 54 2.98 -7.44 -10.34
CA VAL A 54 3.73 -6.89 -9.22
C VAL A 54 5.23 -6.85 -9.53
N ASP A 55 5.74 -5.65 -9.82
CA ASP A 55 7.15 -5.47 -10.14
C ASP A 55 8.00 -5.62 -8.88
N ALA A 56 7.64 -4.89 -7.83
CA ALA A 56 8.37 -4.94 -6.57
C ALA A 56 7.49 -4.52 -5.41
N LEU A 57 7.34 -5.41 -4.43
CA LEU A 57 6.52 -5.13 -3.25
C LEU A 57 7.40 -4.91 -2.02
N LEU A 58 7.59 -3.64 -1.66
CA LEU A 58 8.40 -3.28 -0.50
C LEU A 58 7.60 -3.42 0.78
N MET A 59 8.09 -4.24 1.69
CA MET A 59 7.42 -4.47 2.98
C MET A 59 8.36 -4.17 4.14
N PRO A 60 8.28 -2.95 4.68
CA PRO A 60 9.11 -2.53 5.80
C PRO A 60 8.74 -3.23 7.09
N PRO A 61 9.76 -3.63 7.87
CA PRO A 61 9.57 -4.33 9.15
C PRO A 61 8.99 -3.41 10.22
N ASN A 62 8.17 -3.96 11.10
CA ASN A 62 7.55 -3.19 12.17
C ASN A 62 6.82 -1.97 11.61
N LYS A 63 6.18 -2.15 10.46
CA LYS A 63 5.44 -1.06 9.82
C LYS A 63 4.10 -1.55 9.31
N PRO A 64 3.01 -0.92 9.81
CA PRO A 64 1.64 -1.28 9.42
C PRO A 64 1.34 -0.89 7.98
N TYR A 65 2.28 -0.21 7.33
CA TYR A 65 2.11 0.22 5.95
C TYR A 65 3.18 -0.38 5.05
N SER A 66 2.87 -0.50 3.77
CA SER A 66 3.82 -1.06 2.80
C SER A 66 3.73 -0.33 1.47
N PHE A 67 4.68 -0.60 0.59
CA PHE A 67 4.71 0.03 -0.73
C PHE A 67 4.81 -1.02 -1.83
N ALA A 68 3.85 -1.00 -2.75
CA ALA A 68 3.84 -1.95 -3.86
C ALA A 68 4.10 -1.24 -5.19
N ARG A 69 4.91 -1.87 -6.04
CA ARG A 69 5.24 -1.30 -7.34
C ARG A 69 4.73 -2.19 -8.46
N TYR A 70 3.91 -1.62 -9.34
CA TYR A 70 3.35 -2.36 -10.47
C TYR A 70 4.21 -2.18 -11.71
N ARG A 71 3.76 -2.78 -12.82
CA ARG A 71 4.49 -2.68 -14.08
C ARG A 71 3.91 -1.58 -14.96
N THR A 72 2.60 -1.39 -14.88
CA THR A 72 1.92 -0.37 -15.67
C THR A 72 0.90 0.38 -14.82
N THR A 73 1.01 1.71 -14.81
CA THR A 73 0.09 2.54 -14.04
C THR A 73 -1.31 1.94 -14.02
N GLU A 74 -1.87 1.71 -15.20
CA GLU A 74 -3.21 1.13 -15.32
C GLU A 74 -3.46 0.11 -14.21
N GLU A 75 -2.52 -0.82 -14.05
CA GLU A 75 -2.63 -1.85 -13.02
C GLU A 75 -2.69 -1.23 -11.62
N SER A 76 -1.75 -0.33 -11.35
CA SER A 76 -1.69 0.34 -10.06
C SER A 76 -3.04 0.95 -9.69
N LYS A 77 -3.57 1.77 -10.59
CA LYS A 77 -4.85 2.42 -10.37
C LYS A 77 -5.94 1.39 -10.06
N ARG A 78 -6.01 0.35 -10.88
CA ARG A 78 -7.01 -0.70 -10.69
C ARG A 78 -6.99 -1.21 -9.25
N ALA A 79 -5.80 -1.45 -8.72
CA ALA A 79 -5.65 -1.93 -7.35
C ALA A 79 -5.96 -0.83 -6.34
N TYR A 80 -5.63 0.41 -6.70
CA TYR A 80 -5.88 1.55 -5.84
C TYR A 80 -7.38 1.77 -5.61
N VAL A 81 -8.15 1.58 -6.68
CA VAL A 81 -9.60 1.76 -6.61
C VAL A 81 -10.29 0.45 -6.23
N THR A 82 -9.58 -0.66 -6.40
CA THR A 82 -10.12 -1.97 -6.08
C THR A 82 -9.70 -2.40 -4.68
N LEU A 83 -8.41 -2.59 -4.49
CA LEU A 83 -7.87 -3.01 -3.20
C LEU A 83 -8.30 -2.05 -2.10
N ASN A 84 -8.06 -0.75 -2.32
CA ASN A 84 -8.42 0.26 -1.34
C ASN A 84 -9.86 0.07 -0.86
N GLY A 85 -10.01 -0.12 0.45
CA GLY A 85 -11.33 -0.32 1.02
C GLY A 85 -11.70 -1.79 1.13
N LYS A 86 -11.13 -2.60 0.24
CA LYS A 86 -11.42 -4.03 0.24
C LYS A 86 -11.00 -4.67 1.56
N GLU A 87 -11.60 -5.81 1.87
CA GLU A 87 -11.30 -6.53 3.10
C GLU A 87 -10.44 -7.77 2.83
N VAL A 88 -9.45 -8.00 3.67
CA VAL A 88 -8.57 -9.16 3.52
C VAL A 88 -8.32 -9.84 4.85
N VAL A 89 -8.33 -11.17 4.83
CA VAL A 89 -8.10 -11.95 6.04
C VAL A 89 -6.61 -11.98 6.41
N ASP A 90 -6.28 -11.35 7.53
CA ASP A 90 -4.90 -11.30 7.99
C ASP A 90 -4.46 -12.65 8.56
N ASP A 91 -3.23 -12.72 9.04
CA ASP A 91 -2.70 -13.95 9.62
C ASP A 91 -3.61 -14.48 10.72
N LEU A 92 -4.11 -13.57 11.55
CA LEU A 92 -4.99 -13.93 12.65
C LEU A 92 -6.29 -14.54 12.12
N GLY A 93 -6.67 -14.14 10.92
CA GLY A 93 -7.90 -14.66 10.31
C GLY A 93 -9.02 -13.64 10.31
N GLN A 94 -8.70 -12.42 10.71
CA GLN A 94 -9.70 -11.35 10.76
C GLN A 94 -9.58 -10.45 9.53
N LYS A 95 -10.73 -10.07 8.97
CA LYS A 95 -10.76 -9.21 7.80
C LYS A 95 -10.42 -7.77 8.16
N ILE A 96 -9.48 -7.18 7.44
CA ILE A 96 -9.07 -5.80 7.69
C ILE A 96 -9.21 -4.95 6.44
N THR A 97 -9.59 -3.69 6.63
CA THR A 97 -9.77 -2.76 5.51
C THR A 97 -8.47 -2.02 5.22
N LEU A 98 -7.85 -2.36 4.09
CA LEU A 98 -6.60 -1.71 3.68
C LEU A 98 -6.86 -0.57 2.71
N TYR A 99 -6.20 0.56 2.94
CA TYR A 99 -6.36 1.73 2.08
C TYR A 99 -5.09 2.01 1.28
N LEU A 100 -5.22 1.98 -0.04
CA LEU A 100 -4.09 2.23 -0.92
C LEU A 100 -4.08 3.67 -1.41
N ASN A 101 -2.94 4.34 -1.25
CA ASN A 101 -2.79 5.72 -1.67
C ASN A 101 -1.70 5.87 -2.73
N PHE A 102 -1.95 6.70 -3.73
CA PHE A 102 -0.98 6.92 -4.80
C PHE A 102 0.26 7.62 -4.27
N VAL A 103 1.42 7.00 -4.49
CA VAL A 103 2.69 7.56 -4.04
C VAL A 103 3.69 7.66 -5.18
N GLU A 104 4.50 8.70 -5.16
CA GLU A 104 5.50 8.92 -6.20
C GLU A 104 6.90 8.65 -5.67
N LYS A 105 7.11 8.92 -4.38
CA LYS A 105 8.40 8.69 -3.75
C LYS A 105 8.30 7.66 -2.64
N VAL A 106 9.16 6.65 -2.70
CA VAL A 106 9.17 5.59 -1.69
C VAL A 106 10.58 5.09 -1.42
N GLN A 107 10.95 5.04 -0.15
CA GLN A 107 12.28 4.58 0.25
C GLN A 107 12.46 3.09 -0.08
N TRP A 108 12.62 2.79 -1.36
CA TRP A 108 12.79 1.41 -1.80
C TRP A 108 14.08 0.82 -1.23
N SER A 109 15.20 1.49 -1.46
CA SER A 109 16.48 1.02 -0.97
C SER A 109 17.59 2.05 -1.28
N GLY A 110 18.12 2.67 -0.23
CA GLY A 110 19.16 3.65 -0.41
C GLY A 110 18.95 4.89 0.45
N PRO A 111 20.05 5.45 0.96
CA PRO A 111 20.00 6.65 1.81
C PRO A 111 19.60 7.90 1.03
N SER A 112 18.75 8.73 1.64
CA SER A 112 18.30 9.96 1.00
C SER A 112 19.36 11.04 1.06
N SER A 113 19.55 11.74 -0.07
CA SER A 113 20.54 12.79 -0.15
C SER A 113 19.88 14.15 -0.40
N GLY A 114 20.54 15.21 0.03
CA GLY A 114 20.00 16.55 -0.17
C GLY A 114 19.16 17.01 1.01
N GLY A 1 -9.66 21.96 -5.87
CA GLY A 1 -10.54 22.37 -4.80
C GLY A 1 -11.11 21.19 -4.03
N SER A 2 -10.23 20.25 -3.67
CA SER A 2 -10.65 19.07 -2.93
C SER A 2 -10.83 19.38 -1.44
N SER A 3 -12.07 19.61 -1.03
CA SER A 3 -12.37 19.93 0.36
C SER A 3 -11.65 18.97 1.31
N GLY A 4 -10.63 19.49 1.99
CA GLY A 4 -9.87 18.66 2.92
C GLY A 4 -8.38 18.79 2.71
N SER A 5 -7.61 18.13 3.58
CA SER A 5 -6.15 18.18 3.50
C SER A 5 -5.59 16.85 3.00
N SER A 6 -4.27 16.80 2.81
CA SER A 6 -3.62 15.60 2.34
C SER A 6 -3.63 14.51 3.40
N GLY A 7 -3.54 13.26 2.96
CA GLY A 7 -3.55 12.14 3.89
C GLY A 7 -4.74 11.23 3.69
N ALA A 8 -5.40 10.87 4.78
CA ALA A 8 -6.57 10.00 4.72
C ALA A 8 -7.50 10.25 5.89
N LYS A 9 -8.66 9.58 5.88
CA LYS A 9 -9.64 9.73 6.95
C LYS A 9 -9.04 9.35 8.30
N HIS A 10 -8.29 8.27 8.32
CA HIS A 10 -7.65 7.81 9.55
C HIS A 10 -6.28 8.44 9.73
N THR A 11 -6.09 9.13 10.84
CA THR A 11 -4.82 9.79 11.14
C THR A 11 -3.68 8.79 11.19
N LEU A 12 -4.02 7.51 11.36
CA LEU A 12 -3.02 6.45 11.42
C LEU A 12 -1.85 6.75 10.50
N LEU A 13 -2.16 7.22 9.29
CA LEU A 13 -1.13 7.55 8.31
C LEU A 13 -0.52 8.91 8.61
N ARG A 14 -1.36 9.87 8.99
CA ARG A 14 -0.89 11.21 9.31
C ARG A 14 0.22 11.18 10.35
N HIS A 15 0.02 10.37 11.39
CA HIS A 15 1.01 10.24 12.46
C HIS A 15 2.37 9.86 11.90
N GLU A 16 2.45 8.69 11.29
CA GLU A 16 3.70 8.21 10.71
C GLU A 16 4.37 9.30 9.88
N GLY A 17 3.57 10.01 9.09
CA GLY A 17 4.10 11.07 8.26
C GLY A 17 4.25 10.65 6.80
N ILE A 18 3.25 9.95 6.28
CA ILE A 18 3.28 9.49 4.91
C ILE A 18 2.49 10.43 4.00
N GLU A 19 3.17 10.95 2.98
CA GLU A 19 2.53 11.86 2.03
C GLU A 19 2.18 11.15 0.72
N THR A 20 0.93 11.27 0.31
CA THR A 20 0.46 10.63 -0.92
C THR A 20 -0.09 11.66 -1.89
N VAL A 21 0.24 11.50 -3.16
CA VAL A 21 -0.23 12.42 -4.21
C VAL A 21 -1.66 12.10 -4.61
N SER A 22 -2.23 12.95 -5.46
CA SER A 22 -3.60 12.76 -5.93
C SER A 22 -3.62 12.02 -7.26
N TYR A 23 -2.74 12.43 -8.18
CA TYR A 23 -2.66 11.81 -9.50
C TYR A 23 -2.28 10.34 -9.38
N ALA A 24 -2.44 9.61 -10.48
CA ALA A 24 -2.10 8.20 -10.50
C ALA A 24 -0.59 7.98 -10.46
N THR A 25 -0.17 6.93 -9.76
CA THR A 25 1.26 6.63 -9.63
C THR A 25 1.49 5.12 -9.73
N GLN A 26 2.64 4.75 -10.29
CA GLN A 26 2.99 3.34 -10.45
C GLN A 26 3.13 2.67 -9.09
N SER A 27 3.50 3.46 -8.08
CA SER A 27 3.67 2.93 -6.72
C SER A 27 2.41 3.14 -5.89
N LEU A 28 2.22 2.29 -4.89
CA LEU A 28 1.06 2.39 -4.02
C LEU A 28 1.42 2.01 -2.58
N VAL A 29 0.84 2.74 -1.62
CA VAL A 29 1.11 2.49 -0.22
C VAL A 29 -0.08 1.79 0.45
N VAL A 30 0.16 0.58 0.94
CA VAL A 30 -0.89 -0.20 1.60
C VAL A 30 -1.02 0.19 3.06
N ALA A 31 -2.15 0.79 3.42
CA ALA A 31 -2.41 1.20 4.80
C ALA A 31 -3.01 0.07 5.61
N ASN A 32 -3.03 0.24 6.93
CA ASN A 32 -3.59 -0.77 7.82
C ASN A 32 -3.08 -2.16 7.45
N GLY A 33 -1.89 -2.21 6.84
CA GLY A 33 -1.32 -3.48 6.44
C GLY A 33 0.09 -3.66 6.95
N GLY A 34 1.01 -4.01 6.05
CA GLY A 34 2.39 -4.20 6.42
C GLY A 34 2.58 -5.35 7.40
N LEU A 35 3.76 -5.94 7.41
CA LEU A 35 4.06 -7.05 8.30
C LEU A 35 3.51 -6.80 9.70
N GLY A 36 3.87 -5.65 10.27
CA GLY A 36 3.40 -5.30 11.60
C GLY A 36 1.95 -5.69 11.83
N ASN A 37 1.16 -5.62 10.77
CA ASN A 37 -0.27 -5.96 10.85
C ASN A 37 -0.49 -7.44 10.54
N GLY A 38 0.46 -8.27 10.96
CA GLY A 38 0.35 -9.71 10.71
C GLY A 38 0.03 -10.01 9.26
N VAL A 39 0.59 -9.22 8.34
CA VAL A 39 0.35 -9.42 6.92
C VAL A 39 1.63 -9.87 6.22
N SER A 40 1.65 -11.13 5.79
CA SER A 40 2.80 -11.70 5.11
C SER A 40 2.80 -11.33 3.63
N ARG A 41 3.97 -11.34 3.01
CA ARG A 41 4.09 -11.02 1.60
C ARG A 41 3.32 -12.00 0.73
N ASN A 42 3.39 -13.28 1.11
CA ASN A 42 2.70 -14.33 0.37
C ASN A 42 1.19 -14.25 0.60
N GLN A 43 0.78 -13.38 1.51
CA GLN A 43 -0.64 -13.20 1.81
C GLN A 43 -1.15 -11.87 1.27
N LEU A 44 -0.23 -10.94 1.04
CA LEU A 44 -0.59 -9.63 0.52
C LEU A 44 -0.37 -9.55 -0.98
N LEU A 45 0.75 -10.12 -1.43
CA LEU A 45 1.08 -10.12 -2.85
C LEU A 45 -0.04 -10.75 -3.68
N PRO A 46 -0.59 -11.86 -3.18
CA PRO A 46 -1.68 -12.58 -3.85
C PRO A 46 -2.80 -11.64 -4.30
N VAL A 47 -3.12 -10.67 -3.45
CA VAL A 47 -4.17 -9.71 -3.76
C VAL A 47 -3.69 -8.65 -4.73
N LEU A 48 -2.38 -8.37 -4.70
CA LEU A 48 -1.80 -7.38 -5.58
C LEU A 48 -1.51 -7.97 -6.96
N GLU A 49 -1.45 -9.30 -7.02
CA GLU A 49 -1.19 -9.99 -8.28
C GLU A 49 -2.48 -10.17 -9.08
N LYS A 50 -3.54 -10.59 -8.40
CA LYS A 50 -4.83 -10.79 -9.04
C LYS A 50 -5.27 -9.54 -9.80
N CYS A 51 -4.90 -8.38 -9.27
CA CYS A 51 -5.26 -7.11 -9.90
C CYS A 51 -4.30 -6.78 -11.04
N GLY A 52 -3.02 -6.65 -10.71
CA GLY A 52 -2.03 -6.33 -11.72
C GLY A 52 -0.71 -7.03 -11.48
N LEU A 53 0.28 -6.73 -12.31
CA LEU A 53 1.60 -7.35 -12.18
C LEU A 53 2.44 -6.63 -11.13
N VAL A 54 2.96 -7.39 -10.17
CA VAL A 54 3.79 -6.82 -9.12
C VAL A 54 5.27 -6.91 -9.46
N ASP A 55 5.87 -5.78 -9.80
CA ASP A 55 7.28 -5.73 -10.14
C ASP A 55 8.15 -5.75 -8.90
N ALA A 56 7.82 -4.91 -7.93
CA ALA A 56 8.56 -4.82 -6.68
C ALA A 56 7.66 -4.45 -5.51
N LEU A 57 7.65 -5.28 -4.48
CA LEU A 57 6.83 -5.04 -3.30
C LEU A 57 7.70 -4.82 -2.06
N LEU A 58 7.75 -3.58 -1.59
CA LEU A 58 8.54 -3.25 -0.41
C LEU A 58 7.72 -3.42 0.87
N MET A 59 8.22 -4.25 1.78
CA MET A 59 7.53 -4.49 3.04
C MET A 59 8.44 -4.20 4.22
N PRO A 60 8.34 -2.98 4.77
CA PRO A 60 9.15 -2.55 5.91
C PRO A 60 8.76 -3.27 7.21
N PRO A 61 9.76 -3.76 7.94
CA PRO A 61 9.55 -4.46 9.20
C PRO A 61 9.06 -3.54 10.32
N ASN A 62 8.12 -4.03 11.12
CA ASN A 62 7.58 -3.25 12.22
C ASN A 62 6.83 -2.02 11.69
N LYS A 63 6.21 -2.17 10.52
CA LYS A 63 5.46 -1.08 9.91
C LYS A 63 4.11 -1.56 9.41
N PRO A 64 3.03 -0.93 9.91
CA PRO A 64 1.66 -1.28 9.52
C PRO A 64 1.35 -0.88 8.08
N TYR A 65 2.33 -0.26 7.41
CA TYR A 65 2.15 0.17 6.03
C TYR A 65 3.26 -0.39 5.15
N SER A 66 2.94 -0.59 3.87
CA SER A 66 3.91 -1.13 2.92
C SER A 66 3.83 -0.38 1.59
N PHE A 67 4.73 -0.72 0.67
CA PHE A 67 4.76 -0.07 -0.64
C PHE A 67 4.86 -1.12 -1.75
N ALA A 68 3.97 -1.00 -2.74
CA ALA A 68 3.96 -1.93 -3.86
C ALA A 68 4.23 -1.20 -5.17
N ARG A 69 4.94 -1.88 -6.07
CA ARG A 69 5.28 -1.30 -7.38
C ARG A 69 4.76 -2.18 -8.51
N TYR A 70 3.87 -1.62 -9.31
CA TYR A 70 3.29 -2.34 -10.45
C TYR A 70 4.13 -2.15 -11.71
N ARG A 71 3.85 -2.96 -12.72
CA ARG A 71 4.58 -2.87 -13.98
C ARG A 71 4.06 -1.71 -14.83
N THR A 72 2.74 -1.53 -14.84
CA THR A 72 2.13 -0.47 -15.61
C THR A 72 1.19 0.37 -14.73
N THR A 73 1.10 1.67 -15.03
CA THR A 73 0.25 2.56 -14.28
C THR A 73 -1.17 2.02 -14.18
N GLU A 74 -1.79 1.77 -15.33
CA GLU A 74 -3.16 1.26 -15.36
C GLU A 74 -3.40 0.28 -14.21
N GLU A 75 -2.59 -0.78 -14.16
CA GLU A 75 -2.72 -1.78 -13.11
C GLU A 75 -2.81 -1.13 -11.74
N SER A 76 -1.78 -0.38 -11.38
CA SER A 76 -1.73 0.29 -10.08
C SER A 76 -3.10 0.88 -9.74
N LYS A 77 -3.60 1.76 -10.60
CA LYS A 77 -4.90 2.39 -10.40
C LYS A 77 -5.97 1.34 -10.13
N ARG A 78 -6.06 0.34 -10.99
CA ARG A 78 -7.05 -0.72 -10.84
C ARG A 78 -7.05 -1.27 -9.42
N ALA A 79 -5.86 -1.52 -8.88
CA ALA A 79 -5.72 -2.04 -7.53
C ALA A 79 -6.00 -0.96 -6.49
N TYR A 80 -5.68 0.28 -6.84
CA TYR A 80 -5.89 1.41 -5.94
C TYR A 80 -7.38 1.66 -5.73
N VAL A 81 -8.17 1.49 -6.78
CA VAL A 81 -9.61 1.69 -6.70
C VAL A 81 -10.33 0.41 -6.31
N THR A 82 -9.66 -0.73 -6.55
CA THR A 82 -10.24 -2.03 -6.21
C THR A 82 -9.82 -2.48 -4.82
N LEU A 83 -8.52 -2.69 -4.64
CA LEU A 83 -8.00 -3.13 -3.35
C LEU A 83 -8.41 -2.16 -2.24
N ASN A 84 -8.12 -0.88 -2.44
CA ASN A 84 -8.47 0.14 -1.46
C ASN A 84 -9.92 0.00 -1.01
N GLY A 85 -10.12 -0.17 0.29
CA GLY A 85 -11.45 -0.32 0.83
C GLY A 85 -11.88 -1.77 0.95
N LYS A 86 -11.26 -2.64 0.14
CA LYS A 86 -11.58 -4.05 0.16
C LYS A 86 -11.11 -4.70 1.45
N GLU A 87 -11.76 -5.79 1.83
CA GLU A 87 -11.40 -6.51 3.06
C GLU A 87 -10.55 -7.74 2.73
N VAL A 88 -9.56 -7.99 3.57
CA VAL A 88 -8.66 -9.12 3.39
C VAL A 88 -8.38 -9.83 4.71
N VAL A 89 -8.36 -11.16 4.68
CA VAL A 89 -8.10 -11.95 5.87
C VAL A 89 -6.60 -12.00 6.19
N ASP A 90 -6.20 -11.30 7.24
CA ASP A 90 -4.80 -11.27 7.65
C ASP A 90 -4.38 -12.60 8.27
N ASP A 91 -3.10 -12.71 8.60
CA ASP A 91 -2.58 -13.93 9.21
C ASP A 91 -3.40 -14.34 10.43
N LEU A 92 -3.93 -13.34 11.13
CA LEU A 92 -4.74 -13.59 12.32
C LEU A 92 -6.03 -14.31 11.96
N GLY A 93 -6.52 -14.07 10.74
CA GLY A 93 -7.74 -14.71 10.30
C GLY A 93 -8.92 -13.77 10.32
N GLN A 94 -8.66 -12.48 10.49
CA GLN A 94 -9.72 -11.47 10.53
C GLN A 94 -9.66 -10.57 9.31
N LYS A 95 -10.82 -10.21 8.79
CA LYS A 95 -10.90 -9.34 7.61
C LYS A 95 -10.58 -7.90 7.98
N ILE A 96 -9.58 -7.33 7.31
CA ILE A 96 -9.18 -5.95 7.56
C ILE A 96 -9.30 -5.10 6.30
N THR A 97 -9.76 -3.87 6.47
CA THR A 97 -9.93 -2.95 5.34
C THR A 97 -8.67 -2.13 5.12
N LEU A 98 -7.91 -2.49 4.08
CA LEU A 98 -6.68 -1.78 3.75
C LEU A 98 -6.96 -0.60 2.83
N TYR A 99 -6.14 0.44 2.95
CA TYR A 99 -6.31 1.63 2.12
C TYR A 99 -5.05 1.91 1.30
N LEU A 100 -5.19 1.87 -0.02
CA LEU A 100 -4.07 2.12 -0.92
C LEU A 100 -4.07 3.56 -1.40
N ASN A 101 -2.92 4.22 -1.26
CA ASN A 101 -2.78 5.61 -1.69
C ASN A 101 -1.70 5.74 -2.76
N PHE A 102 -1.94 6.62 -3.72
CA PHE A 102 -0.99 6.85 -4.81
C PHE A 102 0.26 7.54 -4.30
N VAL A 103 1.40 6.86 -4.39
CA VAL A 103 2.67 7.41 -3.93
C VAL A 103 3.65 7.55 -5.10
N GLU A 104 4.54 8.54 -4.99
CA GLU A 104 5.53 8.77 -6.03
C GLU A 104 6.94 8.52 -5.51
N LYS A 105 7.17 8.89 -4.25
CA LYS A 105 8.48 8.69 -3.63
C LYS A 105 8.40 7.66 -2.51
N VAL A 106 9.19 6.59 -2.63
CA VAL A 106 9.20 5.54 -1.63
C VAL A 106 10.63 5.03 -1.40
N GLN A 107 11.04 4.99 -0.14
CA GLN A 107 12.37 4.52 0.22
C GLN A 107 12.55 3.06 -0.16
N TRP A 108 12.81 2.82 -1.43
CA TRP A 108 13.01 1.45 -1.93
C TRP A 108 14.36 0.91 -1.47
N SER A 109 14.37 -0.37 -1.08
CA SER A 109 15.59 -1.01 -0.62
C SER A 109 16.51 -1.33 -1.79
N GLY A 110 17.57 -0.55 -1.95
CA GLY A 110 18.51 -0.77 -3.03
C GLY A 110 19.51 0.36 -3.16
N PRO A 111 20.72 0.03 -3.68
CA PRO A 111 21.79 1.01 -3.86
C PRO A 111 21.47 2.02 -4.98
N SER A 112 21.20 3.25 -4.59
CA SER A 112 20.88 4.30 -5.55
C SER A 112 21.69 5.56 -5.27
N SER A 113 21.87 6.38 -6.30
CA SER A 113 22.62 7.62 -6.16
C SER A 113 21.88 8.62 -5.28
N GLY A 114 22.06 8.49 -3.97
CA GLY A 114 21.40 9.39 -3.03
C GLY A 114 22.29 9.76 -1.86
N GLY A 1 9.83 21.16 2.68
CA GLY A 1 8.55 21.56 3.23
C GLY A 1 7.44 20.60 2.87
N SER A 2 6.84 19.96 3.87
CA SER A 2 5.76 19.02 3.64
C SER A 2 4.41 19.74 3.54
N SER A 3 3.99 20.00 2.31
CA SER A 3 2.72 20.69 2.06
C SER A 3 1.61 20.07 2.89
N GLY A 4 1.46 18.74 2.80
CA GLY A 4 0.43 18.05 3.54
C GLY A 4 -0.73 17.65 2.66
N SER A 5 -0.47 16.80 1.68
CA SER A 5 -1.51 16.34 0.76
C SER A 5 -1.84 14.87 1.01
N SER A 6 -3.05 14.63 1.52
CA SER A 6 -3.49 13.27 1.80
C SER A 6 -4.98 13.24 2.16
N GLY A 7 -5.66 12.20 1.72
CA GLY A 7 -7.08 12.07 2.01
C GLY A 7 -7.47 10.66 2.39
N ALA A 8 -6.79 10.10 3.38
CA ALA A 8 -7.07 8.76 3.85
C ALA A 8 -8.29 8.73 4.77
N LYS A 9 -8.60 7.56 5.32
CA LYS A 9 -9.73 7.40 6.23
C LYS A 9 -9.29 7.49 7.68
N HIS A 10 -8.08 7.01 7.96
CA HIS A 10 -7.53 7.04 9.30
C HIS A 10 -6.34 7.99 9.39
N THR A 11 -6.01 8.40 10.61
CA THR A 11 -4.89 9.32 10.83
C THR A 11 -3.61 8.55 11.16
N LEU A 12 -3.48 7.36 10.59
CA LEU A 12 -2.30 6.53 10.81
C LEU A 12 -1.20 6.88 9.84
N LEU A 13 -1.57 7.44 8.70
CA LEU A 13 -0.61 7.83 7.67
C LEU A 13 0.02 9.18 8.00
N ARG A 14 -0.83 10.15 8.36
CA ARG A 14 -0.36 11.49 8.70
C ARG A 14 0.69 11.42 9.80
N HIS A 15 0.32 10.86 10.94
CA HIS A 15 1.23 10.74 12.07
C HIS A 15 2.56 10.14 11.63
N GLU A 16 2.51 8.98 10.98
CA GLU A 16 3.71 8.30 10.51
C GLU A 16 4.60 9.26 9.73
N GLY A 17 4.02 9.94 8.74
CA GLY A 17 4.78 10.88 7.94
C GLY A 17 4.95 10.41 6.50
N ILE A 18 3.86 9.98 5.89
CA ILE A 18 3.88 9.51 4.52
C ILE A 18 3.27 10.52 3.56
N GLU A 19 3.98 10.83 2.49
CA GLU A 19 3.50 11.79 1.50
C GLU A 19 2.88 11.08 0.30
N THR A 20 1.58 11.27 0.10
CA THR A 20 0.88 10.64 -1.01
C THR A 20 0.22 11.68 -1.90
N VAL A 21 0.41 11.54 -3.22
CA VAL A 21 -0.17 12.47 -4.18
C VAL A 21 -1.62 12.12 -4.48
N SER A 22 -2.26 12.94 -5.32
CA SER A 22 -3.65 12.72 -5.68
C SER A 22 -3.76 11.95 -6.99
N TYR A 23 -2.91 12.31 -7.95
CA TYR A 23 -2.91 11.65 -9.25
C TYR A 23 -2.33 10.25 -9.15
N ALA A 24 -2.67 9.41 -10.12
CA ALA A 24 -2.19 8.03 -10.14
C ALA A 24 -0.66 7.99 -10.11
N THR A 25 -0.12 6.91 -9.55
CA THR A 25 1.32 6.75 -9.45
C THR A 25 1.72 5.27 -9.50
N GLN A 26 2.76 4.97 -10.25
CA GLN A 26 3.24 3.59 -10.39
C GLN A 26 3.31 2.91 -9.03
N SER A 27 3.84 3.62 -8.04
CA SER A 27 3.97 3.09 -6.70
C SER A 27 2.68 3.29 -5.90
N LEU A 28 2.48 2.45 -4.88
CA LEU A 28 1.29 2.54 -4.04
C LEU A 28 1.61 2.13 -2.61
N VAL A 29 1.00 2.83 -1.65
CA VAL A 29 1.22 2.54 -0.23
C VAL A 29 0.01 1.81 0.36
N VAL A 30 0.26 0.62 0.88
CA VAL A 30 -0.81 -0.18 1.49
C VAL A 30 -0.99 0.17 2.97
N ALA A 31 -2.07 0.86 3.29
CA ALA A 31 -2.35 1.26 4.65
C ALA A 31 -3.00 0.11 5.43
N ASN A 32 -3.07 0.27 6.75
CA ASN A 32 -3.66 -0.76 7.61
C ASN A 32 -3.12 -2.14 7.26
N GLY A 33 -1.92 -2.17 6.70
CA GLY A 33 -1.30 -3.43 6.33
C GLY A 33 0.10 -3.58 6.88
N GLY A 34 1.05 -3.92 6.02
CA GLY A 34 2.43 -4.09 6.43
C GLY A 34 2.60 -5.25 7.41
N LEU A 35 3.79 -5.84 7.41
CA LEU A 35 4.08 -6.96 8.30
C LEU A 35 3.50 -6.71 9.69
N GLY A 36 3.79 -5.55 10.26
CA GLY A 36 3.30 -5.21 11.58
C GLY A 36 1.86 -5.63 11.78
N ASN A 37 1.06 -5.52 10.72
CA ASN A 37 -0.35 -5.89 10.78
C ASN A 37 -0.53 -7.38 10.53
N GLY A 38 0.49 -8.16 10.89
CA GLY A 38 0.41 -9.60 10.70
C GLY A 38 0.09 -9.98 9.27
N VAL A 39 0.42 -9.10 8.33
CA VAL A 39 0.16 -9.34 6.92
C VAL A 39 1.43 -9.78 6.20
N SER A 40 1.50 -11.07 5.88
CA SER A 40 2.67 -11.62 5.19
C SER A 40 2.65 -11.25 3.71
N ARG A 41 3.81 -11.31 3.08
CA ARG A 41 3.93 -10.99 1.65
C ARG A 41 3.12 -11.97 0.80
N ASN A 42 3.16 -13.23 1.19
CA ASN A 42 2.43 -14.28 0.46
C ASN A 42 0.94 -14.18 0.72
N GLN A 43 0.55 -13.26 1.60
CA GLN A 43 -0.85 -13.07 1.95
C GLN A 43 -1.37 -11.77 1.36
N LEU A 44 -0.46 -10.89 0.96
CA LEU A 44 -0.84 -9.60 0.39
C LEU A 44 -0.53 -9.57 -1.11
N LEU A 45 0.61 -10.12 -1.49
CA LEU A 45 1.01 -10.15 -2.89
C LEU A 45 -0.07 -10.80 -3.76
N PRO A 46 -0.64 -11.91 -3.26
CA PRO A 46 -1.68 -12.64 -3.97
C PRO A 46 -2.78 -11.72 -4.48
N VAL A 47 -3.11 -10.70 -3.70
CA VAL A 47 -4.14 -9.74 -4.07
C VAL A 47 -3.60 -8.69 -5.03
N LEU A 48 -2.29 -8.48 -4.99
CA LEU A 48 -1.65 -7.50 -5.87
C LEU A 48 -1.31 -8.11 -7.22
N GLU A 49 -1.40 -9.43 -7.31
CA GLU A 49 -1.12 -10.14 -8.55
C GLU A 49 -2.39 -10.33 -9.38
N LYS A 50 -3.47 -10.70 -8.69
CA LYS A 50 -4.75 -10.92 -9.36
C LYS A 50 -5.23 -9.63 -10.05
N CYS A 51 -4.93 -8.49 -9.44
CA CYS A 51 -5.34 -7.21 -10.00
C CYS A 51 -4.39 -6.78 -11.13
N GLY A 52 -3.09 -6.79 -10.84
CA GLY A 52 -2.11 -6.40 -11.84
C GLY A 52 -0.79 -7.13 -11.66
N LEU A 53 0.22 -6.68 -12.39
CA LEU A 53 1.54 -7.29 -12.32
C LEU A 53 2.39 -6.61 -11.23
N VAL A 54 2.93 -7.42 -10.32
CA VAL A 54 3.75 -6.91 -9.25
C VAL A 54 5.24 -7.00 -9.59
N ASP A 55 5.84 -5.86 -9.91
CA ASP A 55 7.26 -5.82 -10.25
C ASP A 55 8.13 -5.85 -9.00
N ALA A 56 7.80 -4.98 -8.04
CA ALA A 56 8.55 -4.91 -6.80
C ALA A 56 7.66 -4.51 -5.64
N LEU A 57 7.64 -5.34 -4.60
CA LEU A 57 6.81 -5.07 -3.42
C LEU A 57 7.68 -4.84 -2.19
N LEU A 58 7.79 -3.58 -1.76
CA LEU A 58 8.58 -3.23 -0.60
C LEU A 58 7.77 -3.36 0.68
N MET A 59 8.26 -4.17 1.62
CA MET A 59 7.57 -4.38 2.88
C MET A 59 8.49 -4.06 4.06
N PRO A 60 8.36 -2.83 4.59
CA PRO A 60 9.18 -2.38 5.73
C PRO A 60 8.81 -3.08 7.02
N PRO A 61 9.84 -3.54 7.76
CA PRO A 61 9.64 -4.25 9.03
C PRO A 61 9.15 -3.32 10.13
N ASN A 62 8.22 -3.83 10.95
CA ASN A 62 7.67 -3.04 12.05
C ASN A 62 6.93 -1.81 11.52
N LYS A 63 6.23 -1.99 10.40
CA LYS A 63 5.49 -0.89 9.79
C LYS A 63 4.12 -1.37 9.31
N PRO A 64 3.06 -0.73 9.81
CA PRO A 64 1.68 -1.07 9.45
C PRO A 64 1.34 -0.70 8.00
N TYR A 65 2.33 -0.15 7.30
CA TYR A 65 2.15 0.26 5.91
C TYR A 65 3.27 -0.28 5.04
N SER A 66 2.95 -0.56 3.77
CA SER A 66 3.93 -1.07 2.83
C SER A 66 3.91 -0.28 1.53
N PHE A 67 4.75 -0.67 0.58
CA PHE A 67 4.83 0.00 -0.71
C PHE A 67 4.95 -1.01 -1.84
N ALA A 68 3.99 -0.98 -2.76
CA ALA A 68 4.00 -1.89 -3.90
C ALA A 68 4.34 -1.16 -5.19
N ARG A 69 5.02 -1.84 -6.10
CA ARG A 69 5.40 -1.26 -7.37
C ARG A 69 4.84 -2.06 -8.54
N TYR A 70 3.79 -1.55 -9.16
CA TYR A 70 3.16 -2.23 -10.28
C TYR A 70 3.97 -2.05 -11.56
N ARG A 71 3.85 -3.00 -12.48
CA ARG A 71 4.57 -2.94 -13.75
C ARG A 71 4.11 -1.74 -14.58
N THR A 72 2.81 -1.52 -14.61
CA THR A 72 2.24 -0.41 -15.36
C THR A 72 1.29 0.42 -14.51
N THR A 73 1.24 1.71 -14.77
CA THR A 73 0.37 2.62 -14.02
C THR A 73 -1.07 2.12 -14.02
N GLU A 74 -1.59 1.82 -15.21
CA GLU A 74 -2.95 1.33 -15.34
C GLU A 74 -3.28 0.30 -14.25
N GLU A 75 -2.40 -0.69 -14.11
CA GLU A 75 -2.59 -1.73 -13.11
C GLU A 75 -2.69 -1.14 -11.71
N SER A 76 -1.67 -0.36 -11.33
CA SER A 76 -1.64 0.27 -10.02
C SER A 76 -2.99 0.89 -9.68
N LYS A 77 -3.47 1.77 -10.55
CA LYS A 77 -4.75 2.44 -10.35
C LYS A 77 -5.86 1.42 -10.10
N ARG A 78 -5.94 0.42 -10.98
CA ARG A 78 -6.95 -0.62 -10.86
C ARG A 78 -7.02 -1.15 -9.43
N ALA A 79 -5.86 -1.38 -8.83
CA ALA A 79 -5.77 -1.88 -7.46
C ALA A 79 -6.13 -0.80 -6.46
N TYR A 80 -5.66 0.41 -6.72
CA TYR A 80 -5.92 1.54 -5.83
C TYR A 80 -7.42 1.77 -5.66
N VAL A 81 -8.17 1.55 -6.74
CA VAL A 81 -9.62 1.73 -6.71
C VAL A 81 -10.32 0.44 -6.31
N THR A 82 -9.64 -0.69 -6.50
CA THR A 82 -10.20 -1.99 -6.16
C THR A 82 -9.76 -2.43 -4.77
N LEU A 83 -8.46 -2.64 -4.61
CA LEU A 83 -7.90 -3.06 -3.32
C LEU A 83 -8.34 -2.12 -2.20
N ASN A 84 -8.18 -0.83 -2.45
CA ASN A 84 -8.56 0.18 -1.46
C ASN A 84 -9.99 -0.04 -0.97
N GLY A 85 -10.13 -0.19 0.34
CA GLY A 85 -11.46 -0.41 0.92
C GLY A 85 -11.84 -1.88 0.95
N LYS A 86 -11.14 -2.69 0.17
CA LYS A 86 -11.41 -4.12 0.11
C LYS A 86 -11.06 -4.80 1.43
N GLU A 87 -11.69 -5.93 1.70
CA GLU A 87 -11.44 -6.67 2.93
C GLU A 87 -10.58 -7.91 2.65
N VAL A 88 -9.76 -8.27 3.63
CA VAL A 88 -8.89 -9.43 3.51
C VAL A 88 -8.64 -10.09 4.86
N VAL A 89 -8.47 -11.41 4.85
CA VAL A 89 -8.23 -12.17 6.07
C VAL A 89 -6.75 -12.19 6.42
N ASP A 90 -6.40 -11.57 7.55
CA ASP A 90 -5.02 -11.52 8.00
C ASP A 90 -4.60 -12.86 8.59
N ASP A 91 -3.36 -12.92 9.08
CA ASP A 91 -2.82 -14.14 9.68
C ASP A 91 -3.74 -14.65 10.79
N LEU A 92 -4.17 -13.73 11.65
CA LEU A 92 -5.05 -14.08 12.77
C LEU A 92 -6.35 -14.67 12.27
N GLY A 93 -6.78 -14.25 11.07
CA GLY A 93 -8.01 -14.76 10.49
C GLY A 93 -9.12 -13.73 10.52
N GLN A 94 -8.78 -12.48 10.83
CA GLN A 94 -9.75 -11.41 10.89
C GLN A 94 -9.79 -10.63 9.58
N LYS A 95 -10.98 -10.18 9.20
CA LYS A 95 -11.16 -9.42 7.97
C LYS A 95 -10.74 -7.96 8.16
N ILE A 96 -9.55 -7.62 7.70
CA ILE A 96 -9.04 -6.27 7.81
C ILE A 96 -9.26 -5.48 6.53
N THR A 97 -9.38 -4.16 6.65
CA THR A 97 -9.58 -3.29 5.49
C THR A 97 -8.31 -2.53 5.16
N LEU A 98 -7.58 -3.00 4.14
CA LEU A 98 -6.35 -2.34 3.71
C LEU A 98 -6.64 -1.24 2.70
N TYR A 99 -6.00 -0.09 2.91
CA TYR A 99 -6.20 1.05 2.01
C TYR A 99 -4.99 1.23 1.09
N LEU A 100 -5.16 2.03 0.05
CA LEU A 100 -4.08 2.29 -0.90
C LEU A 100 -4.06 3.75 -1.32
N ASN A 101 -2.90 4.39 -1.17
CA ASN A 101 -2.75 5.79 -1.53
C ASN A 101 -1.67 5.96 -2.59
N PHE A 102 -1.97 6.78 -3.60
CA PHE A 102 -1.03 7.03 -4.69
C PHE A 102 0.21 7.76 -4.18
N VAL A 103 1.38 7.18 -4.44
CA VAL A 103 2.64 7.77 -4.01
C VAL A 103 3.58 7.97 -5.18
N GLU A 104 4.06 9.21 -5.34
CA GLU A 104 4.97 9.54 -6.43
C GLU A 104 6.37 8.97 -6.17
N LYS A 105 6.81 9.07 -4.92
CA LYS A 105 8.13 8.57 -4.55
C LYS A 105 8.04 7.75 -3.26
N VAL A 106 8.93 6.77 -3.13
CA VAL A 106 8.95 5.91 -1.95
C VAL A 106 10.38 5.69 -1.47
N GLN A 107 10.53 5.41 -0.18
CA GLN A 107 11.84 5.17 0.41
C GLN A 107 12.32 3.75 0.12
N TRP A 108 12.16 3.32 -1.12
CA TRP A 108 12.56 1.98 -1.53
C TRP A 108 13.88 1.59 -0.87
N SER A 109 13.99 0.33 -0.47
CA SER A 109 15.19 -0.17 0.19
C SER A 109 16.30 -0.43 -0.84
N GLY A 110 17.22 0.53 -0.96
CA GLY A 110 18.30 0.39 -1.91
C GLY A 110 19.43 -0.48 -1.38
N PRO A 111 20.19 -1.10 -2.29
CA PRO A 111 21.31 -1.98 -1.92
C PRO A 111 22.48 -1.20 -1.33
N SER A 112 22.34 0.12 -1.27
CA SER A 112 23.39 0.97 -0.73
C SER A 112 23.86 0.46 0.63
N SER A 113 25.13 0.69 0.93
CA SER A 113 25.70 0.25 2.20
C SER A 113 25.46 1.29 3.29
N GLY A 114 25.37 0.82 4.54
CA GLY A 114 25.15 1.71 5.66
C GLY A 114 23.77 2.37 5.59
N GLY A 1 -13.04 25.92 14.95
CA GLY A 1 -13.86 24.79 15.33
C GLY A 1 -13.27 23.47 14.86
N SER A 2 -13.40 23.20 13.56
CA SER A 2 -12.89 21.95 12.99
C SER A 2 -11.68 22.24 12.09
N SER A 3 -10.50 21.95 12.61
CA SER A 3 -9.27 22.17 11.86
C SER A 3 -9.31 21.46 10.51
N GLY A 4 -9.76 20.21 10.53
CA GLY A 4 -9.86 19.44 9.30
C GLY A 4 -9.29 18.05 9.45
N SER A 5 -9.67 17.15 8.55
CA SER A 5 -9.20 15.76 8.59
C SER A 5 -9.07 15.19 7.19
N SER A 6 -7.82 15.02 6.74
CA SER A 6 -7.56 14.48 5.42
C SER A 6 -6.77 13.18 5.51
N GLY A 7 -7.08 12.24 4.60
CA GLY A 7 -6.40 10.97 4.60
C GLY A 7 -7.36 9.80 4.60
N ALA A 8 -6.83 8.60 4.85
CA ALA A 8 -7.64 7.40 4.89
C ALA A 8 -8.74 7.50 5.95
N LYS A 9 -9.57 6.47 6.04
CA LYS A 9 -10.65 6.45 7.02
C LYS A 9 -10.11 6.60 8.44
N HIS A 10 -8.79 6.43 8.59
CA HIS A 10 -8.14 6.56 9.89
C HIS A 10 -7.10 7.67 9.87
N THR A 11 -6.74 8.15 11.05
CA THR A 11 -5.76 9.21 11.18
C THR A 11 -4.40 8.66 11.58
N LEU A 12 -4.10 7.45 11.12
CA LEU A 12 -2.83 6.80 11.43
C LEU A 12 -1.77 7.19 10.41
N LEU A 13 -2.20 7.47 9.19
CA LEU A 13 -1.28 7.86 8.12
C LEU A 13 -0.63 9.20 8.42
N ARG A 14 -1.42 10.13 8.94
CA ARG A 14 -0.92 11.46 9.27
C ARG A 14 0.12 11.39 10.38
N HIS A 15 -0.12 10.50 11.35
CA HIS A 15 0.80 10.33 12.48
C HIS A 15 2.13 9.74 12.01
N GLU A 16 2.06 8.73 11.15
CA GLU A 16 3.26 8.08 10.62
C GLU A 16 4.08 9.05 9.80
N GLY A 17 3.40 9.88 9.02
CA GLY A 17 4.09 10.87 8.19
C GLY A 17 4.30 10.37 6.77
N ILE A 18 3.20 10.06 6.09
CA ILE A 18 3.27 9.56 4.71
C ILE A 18 2.56 10.52 3.75
N GLU A 19 3.26 10.91 2.69
CA GLU A 19 2.70 11.82 1.70
C GLU A 19 2.27 11.06 0.46
N THR A 20 1.03 11.32 0.02
CA THR A 20 0.50 10.65 -1.16
C THR A 20 -0.10 11.67 -2.14
N VAL A 21 -0.03 11.35 -3.43
CA VAL A 21 -0.56 12.23 -4.46
C VAL A 21 -1.95 11.78 -4.91
N SER A 22 -2.58 12.58 -5.77
CA SER A 22 -3.91 12.26 -6.28
C SER A 22 -3.81 11.47 -7.57
N TYR A 23 -3.01 11.96 -8.52
CA TYR A 23 -2.85 11.30 -9.80
C TYR A 23 -2.25 9.91 -9.62
N ALA A 24 -2.44 9.06 -10.63
CA ALA A 24 -1.93 7.69 -10.58
C ALA A 24 -0.42 7.68 -10.43
N THR A 25 0.09 6.71 -9.66
CA THR A 25 1.52 6.59 -9.44
C THR A 25 1.95 5.13 -9.41
N GLN A 26 2.91 4.78 -10.26
CA GLN A 26 3.40 3.42 -10.34
C GLN A 26 3.58 2.82 -8.95
N SER A 27 3.89 3.68 -7.97
CA SER A 27 4.09 3.24 -6.60
C SER A 27 2.80 3.40 -5.79
N LEU A 28 2.54 2.43 -4.91
CA LEU A 28 1.34 2.46 -4.08
C LEU A 28 1.69 2.13 -2.63
N VAL A 29 0.97 2.75 -1.70
CA VAL A 29 1.18 2.51 -0.28
C VAL A 29 0.00 1.81 0.35
N VAL A 30 0.25 0.62 0.90
CA VAL A 30 -0.80 -0.16 1.54
C VAL A 30 -0.95 0.21 3.01
N ALA A 31 -2.08 0.83 3.35
CA ALA A 31 -2.35 1.23 4.72
C ALA A 31 -3.00 0.10 5.51
N ASN A 32 -2.97 0.23 6.84
CA ASN A 32 -3.55 -0.79 7.71
C ASN A 32 -3.03 -2.18 7.35
N GLY A 33 -1.84 -2.22 6.76
CA GLY A 33 -1.25 -3.49 6.37
C GLY A 33 0.15 -3.67 6.93
N GLY A 34 1.10 -4.00 6.05
CA GLY A 34 2.46 -4.20 6.48
C GLY A 34 2.62 -5.37 7.42
N LEU A 35 3.82 -5.91 7.51
CA LEU A 35 4.10 -7.05 8.38
C LEU A 35 3.47 -6.85 9.75
N GLY A 36 3.75 -5.70 10.36
CA GLY A 36 3.21 -5.40 11.67
C GLY A 36 1.76 -5.82 11.80
N ASN A 37 1.01 -5.76 10.70
CA ASN A 37 -0.39 -6.14 10.70
C ASN A 37 -0.56 -7.62 10.38
N GLY A 38 0.39 -8.43 10.84
CA GLY A 38 0.33 -9.86 10.59
C GLY A 38 0.09 -10.19 9.14
N VAL A 39 0.34 -9.21 8.27
CA VAL A 39 0.15 -9.40 6.83
C VAL A 39 1.47 -9.72 6.15
N SER A 40 1.68 -11.00 5.83
CA SER A 40 2.90 -11.44 5.18
C SER A 40 2.88 -11.09 3.69
N ARG A 41 4.03 -11.23 3.03
CA ARG A 41 4.15 -10.93 1.62
C ARG A 41 3.36 -11.93 0.78
N ASN A 42 3.40 -13.19 1.17
CA ASN A 42 2.68 -14.24 0.46
C ASN A 42 1.18 -14.14 0.70
N GLN A 43 0.79 -13.22 1.56
CA GLN A 43 -0.62 -13.02 1.88
C GLN A 43 -1.13 -11.71 1.28
N LEU A 44 -0.22 -10.79 1.00
CA LEU A 44 -0.58 -9.50 0.43
C LEU A 44 -0.32 -9.49 -1.08
N LEU A 45 0.81 -10.06 -1.48
CA LEU A 45 1.17 -10.11 -2.89
C LEU A 45 0.05 -10.75 -3.72
N PRO A 46 -0.51 -11.85 -3.21
CA PRO A 46 -1.59 -12.57 -3.87
C PRO A 46 -2.70 -11.64 -4.36
N VAL A 47 -2.96 -10.59 -3.58
CA VAL A 47 -3.99 -9.62 -3.93
C VAL A 47 -3.44 -8.52 -4.84
N LEU A 48 -2.12 -8.36 -4.82
CA LEU A 48 -1.46 -7.35 -5.64
C LEU A 48 -1.14 -7.89 -7.03
N GLU A 49 -1.24 -9.21 -7.18
CA GLU A 49 -0.97 -9.86 -8.46
C GLU A 49 -2.22 -9.92 -9.33
N LYS A 50 -3.32 -10.38 -8.73
CA LYS A 50 -4.59 -10.48 -9.45
C LYS A 50 -4.84 -9.24 -10.29
N CYS A 51 -4.61 -8.07 -9.69
CA CYS A 51 -4.82 -6.80 -10.39
C CYS A 51 -3.90 -6.69 -11.61
N GLY A 52 -2.59 -6.78 -11.37
CA GLY A 52 -1.64 -6.69 -12.45
C GLY A 52 -0.31 -7.35 -12.11
N LEU A 53 0.73 -6.95 -12.82
CA LEU A 53 2.07 -7.51 -12.59
C LEU A 53 2.79 -6.76 -11.47
N VAL A 54 3.24 -7.50 -10.47
CA VAL A 54 3.95 -6.91 -9.34
C VAL A 54 5.44 -6.82 -9.61
N ASP A 55 5.92 -5.62 -9.92
CA ASP A 55 7.32 -5.40 -10.20
C ASP A 55 8.17 -5.54 -8.94
N ALA A 56 7.79 -4.81 -7.90
CA ALA A 56 8.50 -4.86 -6.63
C ALA A 56 7.57 -4.54 -5.46
N LEU A 57 7.60 -5.40 -4.44
CA LEU A 57 6.76 -5.21 -3.27
C LEU A 57 7.61 -4.94 -2.03
N LEU A 58 7.76 -3.66 -1.69
CA LEU A 58 8.54 -3.27 -0.52
C LEU A 58 7.73 -3.42 0.76
N MET A 59 8.27 -4.20 1.69
CA MET A 59 7.60 -4.44 2.97
C MET A 59 8.53 -4.14 4.14
N PRO A 60 8.43 -2.91 4.68
CA PRO A 60 9.26 -2.47 5.81
C PRO A 60 8.90 -3.18 7.10
N PRO A 61 9.92 -3.60 7.86
CA PRO A 61 9.72 -4.29 9.14
C PRO A 61 9.16 -3.37 10.23
N ASN A 62 8.30 -3.93 11.08
CA ASN A 62 7.70 -3.17 12.16
C ASN A 62 6.97 -1.95 11.60
N LYS A 63 6.30 -2.12 10.47
CA LYS A 63 5.56 -1.04 9.84
C LYS A 63 4.21 -1.53 9.33
N PRO A 64 3.13 -0.91 9.83
CA PRO A 64 1.76 -1.26 9.45
C PRO A 64 1.45 -0.86 8.01
N TYR A 65 2.38 -0.18 7.37
CA TYR A 65 2.21 0.26 5.99
C TYR A 65 3.33 -0.27 5.10
N SER A 66 2.99 -0.56 3.84
CA SER A 66 3.97 -1.08 2.90
C SER A 66 3.91 -0.29 1.59
N PHE A 67 4.77 -0.68 0.64
CA PHE A 67 4.82 -0.01 -0.65
C PHE A 67 5.00 -1.03 -1.78
N ALA A 68 4.12 -0.96 -2.78
CA ALA A 68 4.18 -1.87 -3.91
C ALA A 68 4.42 -1.11 -5.21
N ARG A 69 4.96 -1.80 -6.21
CA ARG A 69 5.24 -1.19 -7.50
C ARG A 69 4.75 -2.07 -8.64
N TYR A 70 3.78 -1.58 -9.39
CA TYR A 70 3.22 -2.33 -10.51
C TYR A 70 4.06 -2.14 -11.77
N ARG A 71 3.69 -2.85 -12.83
CA ARG A 71 4.42 -2.76 -14.09
C ARG A 71 3.87 -1.63 -14.95
N THR A 72 2.56 -1.40 -14.86
CA THR A 72 1.90 -0.35 -15.62
C THR A 72 0.87 0.39 -14.78
N THR A 73 0.92 1.72 -14.82
CA THR A 73 -0.01 2.54 -14.06
C THR A 73 -1.40 1.92 -14.04
N GLU A 74 -1.97 1.70 -15.23
CA GLU A 74 -3.30 1.11 -15.33
C GLU A 74 -3.55 0.12 -14.20
N GLU A 75 -2.74 -0.92 -14.14
CA GLU A 75 -2.88 -1.93 -13.10
C GLU A 75 -2.93 -1.30 -11.71
N SER A 76 -1.85 -0.62 -11.33
CA SER A 76 -1.77 0.04 -10.04
C SER A 76 -3.11 0.67 -9.67
N LYS A 77 -3.64 1.49 -10.57
CA LYS A 77 -4.91 2.16 -10.34
C LYS A 77 -6.02 1.14 -10.06
N ARG A 78 -6.11 0.12 -10.91
CA ARG A 78 -7.12 -0.91 -10.75
C ARG A 78 -7.14 -1.45 -9.32
N ALA A 79 -5.95 -1.64 -8.75
CA ALA A 79 -5.83 -2.15 -7.40
C ALA A 79 -6.13 -1.05 -6.37
N TYR A 80 -5.74 0.17 -6.69
CA TYR A 80 -5.96 1.31 -5.80
C TYR A 80 -7.45 1.56 -5.60
N VAL A 81 -8.23 1.35 -6.66
CA VAL A 81 -9.68 1.55 -6.60
C VAL A 81 -10.39 0.26 -6.19
N THR A 82 -9.70 -0.87 -6.36
CA THR A 82 -10.27 -2.16 -6.01
C THR A 82 -9.85 -2.59 -4.61
N LEU A 83 -8.55 -2.78 -4.42
CA LEU A 83 -8.02 -3.19 -3.12
C LEU A 83 -8.43 -2.20 -2.03
N ASN A 84 -8.16 -0.92 -2.27
CA ASN A 84 -8.51 0.12 -1.30
C ASN A 84 -9.93 -0.06 -0.80
N GLY A 85 -10.08 -0.15 0.52
CA GLY A 85 -11.39 -0.32 1.11
C GLY A 85 -11.79 -1.78 1.22
N LYS A 86 -11.26 -2.61 0.34
CA LYS A 86 -11.56 -4.03 0.34
C LYS A 86 -11.21 -4.66 1.70
N GLU A 87 -11.75 -5.85 1.95
CA GLU A 87 -11.51 -6.55 3.20
C GLU A 87 -10.70 -7.83 2.96
N VAL A 88 -9.60 -7.97 3.67
CA VAL A 88 -8.74 -9.15 3.53
C VAL A 88 -8.56 -9.85 4.87
N VAL A 89 -8.56 -11.18 4.84
CA VAL A 89 -8.39 -11.98 6.04
C VAL A 89 -6.92 -12.11 6.42
N ASP A 90 -6.55 -11.51 7.55
CA ASP A 90 -5.17 -11.56 8.02
C ASP A 90 -4.83 -12.93 8.60
N ASP A 91 -3.56 -13.15 8.87
CA ASP A 91 -3.11 -14.42 9.42
C ASP A 91 -3.96 -14.83 10.62
N LEU A 92 -4.42 -13.84 11.37
CA LEU A 92 -5.26 -14.10 12.55
C LEU A 92 -6.61 -14.64 12.14
N GLY A 93 -7.07 -14.25 10.95
CA GLY A 93 -8.36 -14.71 10.47
C GLY A 93 -9.45 -13.66 10.60
N GLN A 94 -9.04 -12.39 10.60
CA GLN A 94 -9.99 -11.29 10.72
C GLN A 94 -9.96 -10.41 9.48
N LYS A 95 -11.12 -9.95 9.06
CA LYS A 95 -11.23 -9.09 7.88
C LYS A 95 -10.72 -7.68 8.18
N ILE A 96 -9.62 -7.30 7.53
CA ILE A 96 -9.04 -5.98 7.73
C ILE A 96 -9.25 -5.09 6.51
N THR A 97 -9.45 -3.80 6.75
CA THR A 97 -9.66 -2.84 5.68
C THR A 97 -8.39 -2.09 5.34
N LEU A 98 -7.78 -2.43 4.21
CA LEU A 98 -6.54 -1.80 3.78
C LEU A 98 -6.83 -0.64 2.83
N TYR A 99 -6.09 0.45 2.98
CA TYR A 99 -6.27 1.63 2.14
C TYR A 99 -5.03 1.90 1.30
N LEU A 100 -5.20 1.91 -0.02
CA LEU A 100 -4.09 2.14 -0.94
C LEU A 100 -4.09 3.60 -1.42
N ASN A 101 -2.94 4.25 -1.29
CA ASN A 101 -2.81 5.64 -1.72
C ASN A 101 -1.74 5.78 -2.82
N PHE A 102 -2.05 6.59 -3.83
CA PHE A 102 -1.13 6.80 -4.93
C PHE A 102 0.10 7.58 -4.47
N VAL A 103 1.23 6.88 -4.37
CA VAL A 103 2.48 7.51 -3.95
C VAL A 103 3.42 7.73 -5.12
N GLU A 104 3.90 8.97 -5.27
CA GLU A 104 4.81 9.30 -6.35
C GLU A 104 6.19 8.69 -6.13
N LYS A 105 6.65 8.74 -4.88
CA LYS A 105 7.95 8.19 -4.53
C LYS A 105 7.87 7.37 -3.24
N VAL A 106 8.87 6.52 -3.02
CA VAL A 106 8.91 5.69 -1.83
C VAL A 106 10.33 5.20 -1.54
N GLN A 107 10.72 5.28 -0.28
CA GLN A 107 12.06 4.85 0.13
C GLN A 107 12.28 3.38 -0.19
N TRP A 108 12.54 3.08 -1.46
CA TRP A 108 12.77 1.71 -1.90
C TRP A 108 14.13 1.21 -1.42
N SER A 109 14.24 -0.09 -1.22
CA SER A 109 15.49 -0.69 -0.76
C SER A 109 16.40 -1.03 -1.94
N GLY A 110 17.67 -1.25 -1.65
CA GLY A 110 18.62 -1.57 -2.69
C GLY A 110 19.99 -1.94 -2.14
N PRO A 111 20.71 -2.80 -2.87
CA PRO A 111 22.04 -3.25 -2.46
C PRO A 111 23.09 -2.15 -2.57
N SER A 112 22.66 -0.97 -3.01
CA SER A 112 23.55 0.17 -3.16
C SER A 112 22.87 1.46 -2.70
N SER A 113 23.66 2.41 -2.22
CA SER A 113 23.14 3.68 -1.75
C SER A 113 23.20 4.73 -2.86
N GLY A 114 22.11 4.83 -3.63
CA GLY A 114 22.06 5.80 -4.71
C GLY A 114 20.82 6.66 -4.65
N GLY A 1 2.24 26.88 14.85
CA GLY A 1 2.17 26.55 13.44
C GLY A 1 1.12 25.50 13.14
N SER A 2 0.90 25.24 11.85
CA SER A 2 -0.08 24.25 11.43
C SER A 2 0.31 23.63 10.10
N SER A 3 0.09 22.32 9.97
CA SER A 3 0.41 21.60 8.75
C SER A 3 -0.65 20.55 8.43
N GLY A 4 -0.52 19.93 7.26
CA GLY A 4 -1.48 18.91 6.86
C GLY A 4 -2.79 19.51 6.40
N SER A 5 -3.22 19.16 5.19
CA SER A 5 -4.46 19.67 4.63
C SER A 5 -5.41 18.52 4.27
N SER A 6 -4.96 17.66 3.36
CA SER A 6 -5.77 16.53 2.91
C SER A 6 -4.94 15.25 2.91
N GLY A 7 -5.13 14.43 3.94
CA GLY A 7 -4.39 13.18 4.04
C GLY A 7 -5.26 11.98 3.71
N ALA A 8 -4.78 10.79 4.09
CA ALA A 8 -5.51 9.56 3.83
C ALA A 8 -6.87 9.57 4.52
N LYS A 9 -7.77 8.71 4.06
CA LYS A 9 -9.11 8.63 4.63
C LYS A 9 -9.06 8.65 6.15
N HIS A 10 -8.15 7.86 6.72
CA HIS A 10 -7.99 7.80 8.18
C HIS A 10 -6.76 8.58 8.62
N THR A 11 -6.79 9.08 9.86
CA THR A 11 -5.68 9.84 10.40
C THR A 11 -4.63 8.92 11.03
N LEU A 12 -4.49 7.73 10.46
CA LEU A 12 -3.52 6.76 10.96
C LEU A 12 -2.16 6.97 10.33
N LEU A 13 -2.15 7.40 9.07
CA LEU A 13 -0.91 7.65 8.35
C LEU A 13 -0.10 8.75 9.03
N ARG A 14 -0.77 9.80 9.46
CA ARG A 14 -0.11 10.92 10.13
C ARG A 14 0.94 10.41 11.10
N HIS A 15 0.50 9.71 12.14
CA HIS A 15 1.42 9.18 13.15
C HIS A 15 2.71 8.71 12.51
N GLU A 16 2.64 8.29 11.25
CA GLU A 16 3.81 7.82 10.52
C GLU A 16 4.46 8.95 9.74
N GLY A 17 3.64 9.73 9.04
CA GLY A 17 4.15 10.84 8.26
C GLY A 17 4.37 10.47 6.80
N ILE A 18 3.39 9.82 6.20
CA ILE A 18 3.48 9.42 4.80
C ILE A 18 2.79 10.42 3.89
N GLU A 19 3.47 10.81 2.82
CA GLU A 19 2.93 11.76 1.87
C GLU A 19 2.49 11.07 0.58
N THR A 20 1.20 11.18 0.27
CA THR A 20 0.65 10.56 -0.93
C THR A 20 0.13 11.61 -1.91
N VAL A 21 0.47 11.45 -3.18
CA VAL A 21 0.03 12.38 -4.22
C VAL A 21 -1.43 12.13 -4.60
N SER A 22 -1.90 12.87 -5.59
CA SER A 22 -3.28 12.74 -6.06
C SER A 22 -3.33 11.97 -7.38
N TYR A 23 -2.44 12.33 -8.30
CA TYR A 23 -2.39 11.68 -9.60
C TYR A 23 -1.91 10.23 -9.46
N ALA A 24 -2.25 9.41 -10.45
CA ALA A 24 -1.85 8.00 -10.45
C ALA A 24 -0.34 7.87 -10.47
N THR A 25 0.19 6.99 -9.62
CA THR A 25 1.63 6.77 -9.54
C THR A 25 1.95 5.28 -9.50
N GLN A 26 2.85 4.85 -10.39
CA GLN A 26 3.25 3.44 -10.45
C GLN A 26 3.44 2.87 -9.05
N SER A 27 3.85 3.72 -8.12
CA SER A 27 4.08 3.29 -6.74
C SER A 27 2.82 3.48 -5.89
N LEU A 28 2.57 2.54 -5.00
CA LEU A 28 1.39 2.61 -4.13
C LEU A 28 1.76 2.24 -2.69
N VAL A 29 1.00 2.78 -1.75
CA VAL A 29 1.24 2.50 -0.34
C VAL A 29 0.04 1.81 0.30
N VAL A 30 0.29 0.63 0.88
CA VAL A 30 -0.77 -0.14 1.52
C VAL A 30 -0.96 0.31 2.97
N ALA A 31 -2.16 0.81 3.26
CA ALA A 31 -2.48 1.27 4.62
C ALA A 31 -3.16 0.17 5.42
N ASN A 32 -3.00 0.22 6.74
CA ASN A 32 -3.59 -0.77 7.63
C ASN A 32 -3.07 -2.16 7.30
N GLY A 33 -1.89 -2.23 6.72
CA GLY A 33 -1.30 -3.51 6.37
C GLY A 33 0.11 -3.66 6.90
N GLY A 34 1.04 -4.01 6.02
CA GLY A 34 2.42 -4.18 6.42
C GLY A 34 2.60 -5.33 7.40
N LEU A 35 3.78 -5.94 7.41
CA LEU A 35 4.08 -7.05 8.30
C LEU A 35 3.53 -6.78 9.69
N GLY A 36 3.82 -5.60 10.23
CA GLY A 36 3.34 -5.25 11.55
C GLY A 36 1.92 -5.70 11.80
N ASN A 37 1.10 -5.63 10.76
CA ASN A 37 -0.30 -6.03 10.87
C ASN A 37 -0.46 -7.53 10.58
N GLY A 38 0.55 -8.30 10.93
CA GLY A 38 0.51 -9.74 10.70
C GLY A 38 0.22 -10.08 9.25
N VAL A 39 0.64 -9.20 8.34
CA VAL A 39 0.41 -9.43 6.92
C VAL A 39 1.69 -9.89 6.23
N SER A 40 1.66 -11.12 5.71
CA SER A 40 2.82 -11.68 5.03
C SER A 40 2.84 -11.29 3.55
N ARG A 41 4.01 -11.35 2.95
CA ARG A 41 4.16 -11.01 1.54
C ARG A 41 3.31 -11.92 0.66
N ASN A 42 3.31 -13.21 0.97
CA ASN A 42 2.54 -14.18 0.21
C ASN A 42 1.05 -14.07 0.53
N GLN A 43 0.71 -13.18 1.46
CA GLN A 43 -0.67 -12.97 1.85
C GLN A 43 -1.18 -11.63 1.34
N LEU A 44 -0.26 -10.76 0.95
CA LEU A 44 -0.62 -9.44 0.45
C LEU A 44 -0.35 -9.34 -1.05
N LEU A 45 0.75 -9.94 -1.49
CA LEU A 45 1.12 -9.93 -2.90
C LEU A 45 0.00 -10.51 -3.77
N PRO A 46 -0.58 -11.62 -3.30
CA PRO A 46 -1.67 -12.31 -4.01
C PRO A 46 -2.76 -11.34 -4.47
N VAL A 47 -3.12 -10.40 -3.60
CA VAL A 47 -4.15 -9.42 -3.92
C VAL A 47 -3.63 -8.38 -4.91
N LEU A 48 -2.31 -8.20 -4.93
CA LEU A 48 -1.69 -7.25 -5.84
C LEU A 48 -1.43 -7.88 -7.20
N GLU A 49 -1.38 -9.20 -7.24
CA GLU A 49 -1.14 -9.93 -8.48
C GLU A 49 -2.45 -10.15 -9.23
N LYS A 50 -3.49 -10.55 -8.51
CA LYS A 50 -4.80 -10.79 -9.12
C LYS A 50 -5.25 -9.59 -9.94
N CYS A 51 -4.94 -8.40 -9.45
CA CYS A 51 -5.32 -7.17 -10.13
C CYS A 51 -4.45 -6.93 -11.37
N GLY A 52 -3.15 -6.76 -11.13
CA GLY A 52 -2.23 -6.54 -12.24
C GLY A 52 -0.89 -7.20 -12.02
N LEU A 53 0.16 -6.64 -12.61
CA LEU A 53 1.50 -7.19 -12.48
C LEU A 53 2.28 -6.45 -11.40
N VAL A 54 2.81 -7.21 -10.45
CA VAL A 54 3.58 -6.65 -9.35
C VAL A 54 5.08 -6.68 -9.65
N ASP A 55 5.64 -5.52 -9.95
CA ASP A 55 7.06 -5.41 -10.26
C ASP A 55 7.91 -5.59 -9.00
N ALA A 56 7.53 -4.90 -7.94
CA ALA A 56 8.25 -4.97 -6.67
C ALA A 56 7.34 -4.63 -5.50
N LEU A 57 7.43 -5.42 -4.44
CA LEU A 57 6.62 -5.21 -3.25
C LEU A 57 7.49 -4.98 -2.02
N LEU A 58 7.64 -3.71 -1.64
CA LEU A 58 8.45 -3.36 -0.48
C LEU A 58 7.64 -3.47 0.80
N MET A 59 8.11 -4.32 1.71
CA MET A 59 7.42 -4.52 2.99
C MET A 59 8.36 -4.24 4.16
N PRO A 60 8.29 -3.01 4.69
CA PRO A 60 9.12 -2.58 5.82
C PRO A 60 8.74 -3.27 7.12
N PRO A 61 9.75 -3.73 7.87
CA PRO A 61 9.54 -4.41 9.15
C PRO A 61 9.03 -3.47 10.24
N ASN A 62 8.12 -3.99 11.07
CA ASN A 62 7.54 -3.19 12.14
C ASN A 62 6.83 -1.96 11.60
N LYS A 63 6.18 -2.12 10.45
CA LYS A 63 5.45 -1.02 9.82
C LYS A 63 4.09 -1.50 9.31
N PRO A 64 3.02 -0.85 9.80
CA PRO A 64 1.65 -1.18 9.41
C PRO A 64 1.35 -0.79 7.96
N TYR A 65 2.32 -0.18 7.30
CA TYR A 65 2.16 0.24 5.93
C TYR A 65 3.26 -0.34 5.04
N SER A 66 2.97 -0.49 3.75
CA SER A 66 3.92 -1.03 2.80
C SER A 66 3.90 -0.25 1.49
N PHE A 67 4.74 -0.67 0.55
CA PHE A 67 4.82 -0.01 -0.75
C PHE A 67 4.90 -1.03 -1.87
N ALA A 68 4.03 -0.88 -2.86
CA ALA A 68 4.00 -1.79 -4.01
C ALA A 68 4.37 -1.06 -5.29
N ARG A 69 4.90 -1.81 -6.26
CA ARG A 69 5.30 -1.24 -7.53
C ARG A 69 4.71 -2.04 -8.69
N TYR A 70 3.77 -1.43 -9.41
CA TYR A 70 3.12 -2.09 -10.54
C TYR A 70 3.93 -1.88 -11.81
N ARG A 71 3.91 -2.89 -12.69
CA ARG A 71 4.63 -2.81 -13.95
C ARG A 71 4.15 -1.63 -14.79
N THR A 72 2.86 -1.34 -14.71
CA THR A 72 2.28 -0.22 -15.46
C THR A 72 1.20 0.48 -14.64
N THR A 73 1.30 1.80 -14.55
CA THR A 73 0.34 2.60 -13.80
C THR A 73 -1.05 2.00 -13.91
N GLU A 74 -1.53 1.82 -15.13
CA GLU A 74 -2.86 1.25 -15.36
C GLU A 74 -3.19 0.21 -14.29
N GLU A 75 -2.34 -0.78 -14.15
CA GLU A 75 -2.54 -1.84 -13.16
C GLU A 75 -2.64 -1.26 -11.76
N SER A 76 -1.72 -0.35 -11.44
CA SER A 76 -1.71 0.28 -10.12
C SER A 76 -3.06 0.91 -9.80
N LYS A 77 -3.53 1.75 -10.71
CA LYS A 77 -4.81 2.43 -10.53
C LYS A 77 -5.93 1.42 -10.28
N ARG A 78 -5.96 0.37 -11.09
CA ARG A 78 -6.98 -0.68 -10.96
C ARG A 78 -7.04 -1.19 -9.53
N ALA A 79 -5.87 -1.43 -8.94
CA ALA A 79 -5.79 -1.93 -7.58
C ALA A 79 -6.10 -0.83 -6.56
N TYR A 80 -5.68 0.39 -6.88
CA TYR A 80 -5.91 1.53 -6.00
C TYR A 80 -7.40 1.79 -5.83
N VAL A 81 -8.17 1.58 -6.89
CA VAL A 81 -9.61 1.79 -6.85
C VAL A 81 -10.34 0.52 -6.45
N THR A 82 -9.65 -0.61 -6.56
CA THR A 82 -10.23 -1.90 -6.21
C THR A 82 -9.83 -2.32 -4.80
N LEU A 83 -8.53 -2.52 -4.60
CA LEU A 83 -8.02 -2.92 -3.29
C LEU A 83 -8.43 -1.92 -2.21
N ASN A 84 -8.17 -0.65 -2.48
CA ASN A 84 -8.50 0.41 -1.53
C ASN A 84 -9.89 0.17 -0.93
N GLY A 85 -9.93 -0.50 0.23
CA GLY A 85 -11.19 -0.78 0.88
C GLY A 85 -11.61 -2.22 0.73
N LYS A 86 -10.65 -3.10 0.47
CA LYS A 86 -10.92 -4.52 0.30
C LYS A 86 -10.82 -5.26 1.64
N GLU A 87 -11.37 -6.46 1.70
CA GLU A 87 -11.34 -7.26 2.91
C GLU A 87 -10.42 -8.47 2.75
N VAL A 88 -9.50 -8.64 3.69
CA VAL A 88 -8.56 -9.76 3.65
C VAL A 88 -8.36 -10.36 5.03
N VAL A 89 -8.44 -11.68 5.11
CA VAL A 89 -8.26 -12.38 6.39
C VAL A 89 -6.81 -12.34 6.84
N ASP A 90 -6.55 -11.58 7.90
CA ASP A 90 -5.19 -11.46 8.43
C ASP A 90 -4.76 -12.73 9.14
N ASP A 91 -3.54 -12.74 9.66
CA ASP A 91 -3.02 -13.90 10.37
C ASP A 91 -3.96 -14.32 11.50
N LEU A 92 -4.47 -13.33 12.22
CA LEU A 92 -5.38 -13.60 13.33
C LEU A 92 -6.63 -14.34 12.85
N GLY A 93 -7.03 -14.06 11.60
CA GLY A 93 -8.20 -14.70 11.05
C GLY A 93 -9.37 -13.73 10.90
N GLN A 94 -9.07 -12.44 10.98
CA GLN A 94 -10.10 -11.41 10.85
C GLN A 94 -9.90 -10.60 9.58
N LYS A 95 -10.99 -10.37 8.85
CA LYS A 95 -10.94 -9.61 7.60
C LYS A 95 -10.72 -8.14 7.88
N ILE A 96 -9.54 -7.65 7.52
CA ILE A 96 -9.19 -6.25 7.72
C ILE A 96 -9.36 -5.44 6.44
N THR A 97 -9.46 -4.12 6.58
CA THR A 97 -9.62 -3.24 5.43
C THR A 97 -8.31 -2.52 5.09
N LEU A 98 -7.66 -2.96 4.02
CA LEU A 98 -6.40 -2.36 3.60
C LEU A 98 -6.64 -1.27 2.57
N TYR A 99 -6.06 -0.09 2.82
CA TYR A 99 -6.22 1.04 1.92
C TYR A 99 -5.01 1.18 0.99
N LEU A 100 -5.15 2.00 -0.04
CA LEU A 100 -4.07 2.22 -0.99
C LEU A 100 -4.03 3.68 -1.45
N ASN A 101 -2.86 4.29 -1.35
CA ASN A 101 -2.69 5.69 -1.76
C ASN A 101 -1.60 5.81 -2.82
N PHE A 102 -1.78 6.77 -3.73
CA PHE A 102 -0.82 7.00 -4.79
C PHE A 102 0.43 7.72 -4.26
N VAL A 103 1.56 7.04 -4.29
CA VAL A 103 2.81 7.61 -3.82
C VAL A 103 3.82 7.74 -4.95
N GLU A 104 4.71 8.72 -4.83
CA GLU A 104 5.74 8.95 -5.84
C GLU A 104 7.13 8.70 -5.28
N LYS A 105 7.31 8.99 -4.00
CA LYS A 105 8.59 8.79 -3.34
C LYS A 105 8.51 7.67 -2.31
N VAL A 106 9.41 6.69 -2.42
CA VAL A 106 9.43 5.56 -1.50
C VAL A 106 10.86 5.09 -1.25
N GLN A 107 11.17 4.79 0.01
CA GLN A 107 12.50 4.34 0.37
C GLN A 107 12.70 2.87 -0.02
N TRP A 108 12.85 2.63 -1.32
CA TRP A 108 13.04 1.28 -1.83
C TRP A 108 14.35 0.70 -1.32
N SER A 109 14.49 -0.63 -1.42
CA SER A 109 15.70 -1.31 -0.98
C SER A 109 16.77 -1.28 -2.06
N GLY A 110 17.95 -0.81 -1.70
CA GLY A 110 19.05 -0.75 -2.65
C GLY A 110 18.74 0.16 -3.83
N PRO A 111 19.68 0.25 -4.78
CA PRO A 111 19.52 1.08 -5.98
C PRO A 111 18.47 0.52 -6.94
N SER A 112 18.01 -0.70 -6.66
CA SER A 112 17.01 -1.35 -7.50
C SER A 112 17.55 -1.58 -8.90
N SER A 113 18.75 -2.15 -8.98
CA SER A 113 19.38 -2.44 -10.26
C SER A 113 20.50 -3.47 -10.10
N GLY A 114 20.25 -4.69 -10.55
CA GLY A 114 21.24 -5.74 -10.46
C GLY A 114 21.90 -6.04 -11.79
N GLY A 1 0.61 23.60 6.27
CA GLY A 1 0.34 24.57 5.21
C GLY A 1 -0.95 24.26 4.46
N SER A 2 -0.87 23.30 3.54
CA SER A 2 -2.04 22.90 2.75
C SER A 2 -3.27 22.76 3.64
N SER A 3 -4.27 23.59 3.38
CA SER A 3 -5.51 23.55 4.16
C SER A 3 -6.60 22.78 3.40
N GLY A 4 -7.33 21.94 4.14
CA GLY A 4 -8.39 21.16 3.53
C GLY A 4 -8.58 19.82 4.21
N SER A 5 -8.84 18.79 3.42
CA SER A 5 -9.05 17.45 3.95
C SER A 5 -7.73 16.68 4.05
N SER A 6 -7.71 15.64 4.88
CA SER A 6 -6.52 14.83 5.06
C SER A 6 -6.21 14.01 3.81
N GLY A 7 -5.07 13.33 3.82
CA GLY A 7 -4.68 12.52 2.67
C GLY A 7 -5.61 11.33 2.47
N ALA A 8 -5.76 10.53 3.52
CA ALA A 8 -6.62 9.35 3.45
C ALA A 8 -7.83 9.49 4.38
N LYS A 9 -8.65 8.45 4.44
CA LYS A 9 -9.83 8.46 5.29
C LYS A 9 -9.45 8.43 6.77
N HIS A 10 -8.52 7.54 7.12
CA HIS A 10 -8.06 7.42 8.50
C HIS A 10 -6.87 8.33 8.76
N THR A 11 -6.73 8.78 10.00
CA THR A 11 -5.63 9.66 10.38
C THR A 11 -4.48 8.87 10.99
N LEU A 12 -4.35 7.61 10.60
CA LEU A 12 -3.30 6.75 11.12
C LEU A 12 -1.98 7.02 10.41
N LEU A 13 -2.07 7.46 9.15
CA LEU A 13 -0.88 7.76 8.36
C LEU A 13 -0.17 8.99 8.90
N ARG A 14 -0.93 10.03 9.18
CA ARG A 14 -0.37 11.27 9.71
C ARG A 14 0.56 10.99 10.89
N HIS A 15 0.01 10.41 11.94
CA HIS A 15 0.80 10.09 13.13
C HIS A 15 2.14 9.49 12.75
N GLU A 16 2.16 8.76 11.63
CA GLU A 16 3.39 8.13 11.16
C GLU A 16 4.25 9.12 10.39
N GLY A 17 3.76 9.56 9.23
CA GLY A 17 4.50 10.51 8.42
C GLY A 17 4.65 10.06 6.98
N ILE A 18 3.54 9.67 6.37
CA ILE A 18 3.55 9.23 4.99
C ILE A 18 2.89 10.25 4.07
N GLU A 19 3.55 10.54 2.95
CA GLU A 19 3.03 11.50 1.99
C GLU A 19 2.58 10.80 0.72
N THR A 20 1.35 11.08 0.30
CA THR A 20 0.78 10.47 -0.90
C THR A 20 0.26 11.55 -1.85
N VAL A 21 0.54 11.37 -3.14
CA VAL A 21 0.09 12.31 -4.16
C VAL A 21 -1.36 12.06 -4.55
N SER A 22 -1.85 12.84 -5.51
CA SER A 22 -3.23 12.70 -5.98
C SER A 22 -3.28 11.94 -7.30
N TYR A 23 -2.40 12.31 -8.22
CA TYR A 23 -2.35 11.68 -9.53
C TYR A 23 -2.01 10.19 -9.41
N ALA A 24 -2.13 9.47 -10.52
CA ALA A 24 -1.83 8.04 -10.53
C ALA A 24 -0.34 7.80 -10.49
N THR A 25 0.08 6.81 -9.71
CA THR A 25 1.50 6.47 -9.58
C THR A 25 1.70 4.95 -9.64
N GLN A 26 2.73 4.54 -10.37
CA GLN A 26 3.05 3.13 -10.51
C GLN A 26 3.21 2.46 -9.15
N SER A 27 3.51 3.27 -8.14
CA SER A 27 3.69 2.76 -6.79
C SER A 27 2.47 3.04 -5.92
N LEU A 28 2.24 2.18 -4.94
CA LEU A 28 1.10 2.34 -4.04
C LEU A 28 1.49 2.01 -2.60
N VAL A 29 0.82 2.65 -1.65
CA VAL A 29 1.09 2.42 -0.24
C VAL A 29 -0.08 1.71 0.44
N VAL A 30 0.18 0.50 0.93
CA VAL A 30 -0.86 -0.29 1.61
C VAL A 30 -1.00 0.14 3.06
N ALA A 31 -2.13 0.78 3.37
CA ALA A 31 -2.39 1.23 4.73
C ALA A 31 -3.02 0.13 5.58
N ASN A 32 -2.97 0.29 6.89
CA ASN A 32 -3.54 -0.69 7.80
C ASN A 32 -3.01 -2.10 7.49
N GLY A 33 -1.84 -2.16 6.87
CA GLY A 33 -1.24 -3.43 6.52
C GLY A 33 0.17 -3.57 7.03
N GLY A 34 1.09 -3.97 6.15
CA GLY A 34 2.48 -4.14 6.55
C GLY A 34 2.66 -5.28 7.53
N LEU A 35 3.84 -5.88 7.52
CA LEU A 35 4.15 -6.99 8.41
C LEU A 35 3.60 -6.73 9.81
N GLY A 36 3.92 -5.56 10.37
CA GLY A 36 3.44 -5.21 11.69
C GLY A 36 2.01 -5.63 11.92
N ASN A 37 1.18 -5.52 10.87
CA ASN A 37 -0.22 -5.90 10.97
C ASN A 37 -0.41 -7.38 10.68
N GLY A 38 0.57 -8.19 11.08
CA GLY A 38 0.50 -9.62 10.87
C GLY A 38 0.15 -9.97 9.44
N VAL A 39 0.65 -9.19 8.50
CA VAL A 39 0.39 -9.41 7.08
C VAL A 39 1.65 -9.85 6.35
N SER A 40 1.68 -11.11 5.94
CA SER A 40 2.83 -11.66 5.22
C SER A 40 2.79 -11.27 3.75
N ARG A 41 3.96 -11.25 3.12
CA ARG A 41 4.07 -10.90 1.71
C ARG A 41 3.30 -11.90 0.84
N ASN A 42 3.39 -13.17 1.21
CA ASN A 42 2.71 -14.23 0.46
C ASN A 42 1.20 -14.18 0.70
N GLN A 43 0.78 -13.29 1.60
CA GLN A 43 -0.64 -13.14 1.91
C GLN A 43 -1.19 -11.83 1.36
N LEU A 44 -0.29 -10.90 1.08
CA LEU A 44 -0.68 -9.59 0.55
C LEU A 44 -0.42 -9.52 -0.96
N LEU A 45 0.73 -10.07 -1.38
CA LEU A 45 1.09 -10.08 -2.79
C LEU A 45 0.00 -10.72 -3.63
N PRO A 46 -0.54 -11.84 -3.15
CA PRO A 46 -1.59 -12.58 -3.85
C PRO A 46 -2.73 -11.68 -4.31
N VAL A 47 -3.01 -10.64 -3.52
CA VAL A 47 -4.07 -9.69 -3.86
C VAL A 47 -3.57 -8.65 -4.86
N LEU A 48 -2.27 -8.38 -4.83
CA LEU A 48 -1.68 -7.39 -5.74
C LEU A 48 -1.40 -8.01 -7.10
N GLU A 49 -1.33 -9.34 -7.14
CA GLU A 49 -1.09 -10.06 -8.39
C GLU A 49 -2.37 -10.22 -9.19
N LYS A 50 -3.48 -10.37 -8.49
CA LYS A 50 -4.78 -10.54 -9.13
C LYS A 50 -5.21 -9.27 -9.84
N CYS A 51 -4.93 -8.12 -9.22
CA CYS A 51 -5.28 -6.84 -9.79
C CYS A 51 -4.37 -6.50 -10.97
N GLY A 52 -3.06 -6.62 -10.76
CA GLY A 52 -2.12 -6.33 -11.81
C GLY A 52 -0.78 -7.01 -11.60
N LEU A 53 0.23 -6.60 -12.36
CA LEU A 53 1.56 -7.19 -12.24
C LEU A 53 2.35 -6.53 -11.11
N VAL A 54 3.02 -7.36 -10.32
CA VAL A 54 3.82 -6.85 -9.20
C VAL A 54 5.30 -6.96 -9.50
N ASP A 55 5.89 -5.85 -9.94
CA ASP A 55 7.32 -5.82 -10.26
C ASP A 55 8.16 -5.91 -8.99
N ALA A 56 7.85 -5.07 -8.02
CA ALA A 56 8.59 -5.07 -6.75
C ALA A 56 7.68 -4.65 -5.60
N LEU A 57 7.66 -5.46 -4.54
CA LEU A 57 6.83 -5.17 -3.37
C LEU A 57 7.70 -4.92 -2.15
N LEU A 58 7.74 -3.67 -1.71
CA LEU A 58 8.53 -3.28 -0.55
C LEU A 58 7.72 -3.43 0.74
N MET A 59 8.28 -4.14 1.72
CA MET A 59 7.60 -4.36 2.99
C MET A 59 8.53 -4.03 4.15
N PRO A 60 8.42 -2.78 4.66
CA PRO A 60 9.24 -2.32 5.78
C PRO A 60 8.88 -2.99 7.10
N PRO A 61 9.89 -3.49 7.81
CA PRO A 61 9.70 -4.17 9.11
C PRO A 61 9.26 -3.21 10.20
N ASN A 62 8.33 -3.66 11.04
CA ASN A 62 7.82 -2.84 12.13
C ASN A 62 7.04 -1.64 11.60
N LYS A 63 6.42 -1.82 10.44
CA LYS A 63 5.64 -0.75 9.82
C LYS A 63 4.28 -1.26 9.37
N PRO A 64 3.21 -0.62 9.87
CA PRO A 64 1.83 -1.00 9.53
C PRO A 64 1.48 -0.67 8.09
N TYR A 65 2.42 -0.07 7.38
CA TYR A 65 2.21 0.31 5.98
C TYR A 65 3.30 -0.25 5.09
N SER A 66 2.96 -0.51 3.83
CA SER A 66 3.92 -1.05 2.87
C SER A 66 3.82 -0.33 1.54
N PHE A 67 4.75 -0.64 0.64
CA PHE A 67 4.77 -0.01 -0.68
C PHE A 67 4.93 -1.06 -1.78
N ALA A 68 4.04 -1.02 -2.77
CA ALA A 68 4.09 -1.96 -3.88
C ALA A 68 4.42 -1.27 -5.19
N ARG A 69 5.04 -1.99 -6.11
CA ARG A 69 5.41 -1.44 -7.40
C ARG A 69 4.86 -2.28 -8.54
N TYR A 70 3.92 -1.71 -9.30
CA TYR A 70 3.30 -2.42 -10.41
C TYR A 70 4.15 -2.30 -11.67
N ARG A 71 3.71 -2.93 -12.75
CA ARG A 71 4.43 -2.90 -14.01
C ARG A 71 3.91 -1.76 -14.89
N THR A 72 2.61 -1.52 -14.84
CA THR A 72 1.98 -0.47 -15.64
C THR A 72 0.99 0.34 -14.80
N THR A 73 1.05 1.65 -14.93
CA THR A 73 0.16 2.54 -14.18
C THR A 73 -1.25 1.98 -14.15
N GLU A 74 -1.84 1.78 -15.32
CA GLU A 74 -3.20 1.25 -15.43
C GLU A 74 -3.47 0.27 -14.29
N GLU A 75 -2.58 -0.70 -14.12
CA GLU A 75 -2.74 -1.70 -13.07
C GLU A 75 -2.81 -1.05 -11.70
N SER A 76 -1.76 -0.34 -11.33
CA SER A 76 -1.71 0.33 -10.03
C SER A 76 -3.06 0.98 -9.69
N LYS A 77 -3.59 1.75 -10.63
CA LYS A 77 -4.87 2.43 -10.44
C LYS A 77 -5.98 1.40 -10.18
N ARG A 78 -6.02 0.37 -10.99
CA ARG A 78 -7.03 -0.68 -10.86
C ARG A 78 -7.04 -1.23 -9.43
N ALA A 79 -5.86 -1.47 -8.88
CA ALA A 79 -5.74 -2.00 -7.53
C ALA A 79 -6.03 -0.92 -6.50
N TYR A 80 -5.68 0.32 -6.83
CA TYR A 80 -5.90 1.44 -5.92
C TYR A 80 -7.40 1.66 -5.69
N VAL A 81 -8.18 1.48 -6.73
CA VAL A 81 -9.64 1.65 -6.64
C VAL A 81 -10.32 0.36 -6.24
N THR A 82 -9.67 -0.76 -6.52
CA THR A 82 -10.21 -2.08 -6.19
C THR A 82 -9.78 -2.52 -4.81
N LEU A 83 -8.48 -2.72 -4.63
CA LEU A 83 -7.94 -3.15 -3.34
C LEU A 83 -8.38 -2.19 -2.22
N ASN A 84 -8.11 -0.90 -2.42
CA ASN A 84 -8.47 0.11 -1.43
C ASN A 84 -9.90 -0.11 -0.93
N GLY A 85 -10.04 -0.25 0.38
CA GLY A 85 -11.35 -0.46 0.96
C GLY A 85 -11.74 -1.92 1.03
N LYS A 86 -11.19 -2.72 0.12
CA LYS A 86 -11.48 -4.15 0.08
C LYS A 86 -11.07 -4.82 1.39
N GLU A 87 -11.74 -5.91 1.72
CA GLU A 87 -11.45 -6.65 2.94
C GLU A 87 -10.61 -7.90 2.65
N VAL A 88 -9.53 -8.07 3.40
CA VAL A 88 -8.65 -9.21 3.22
C VAL A 88 -8.42 -9.94 4.53
N VAL A 89 -8.54 -11.26 4.50
CA VAL A 89 -8.35 -12.08 5.69
C VAL A 89 -6.89 -12.15 6.09
N ASP A 90 -6.57 -11.61 7.26
CA ASP A 90 -5.20 -11.59 7.76
C ASP A 90 -4.80 -12.97 8.27
N ASP A 91 -3.56 -13.08 8.73
CA ASP A 91 -3.05 -14.35 9.24
C ASP A 91 -3.94 -14.88 10.35
N LEU A 92 -4.33 -14.01 11.27
CA LEU A 92 -5.18 -14.39 12.39
C LEU A 92 -6.53 -14.92 11.89
N GLY A 93 -6.96 -14.43 10.73
CA GLY A 93 -8.22 -14.86 10.16
C GLY A 93 -9.29 -13.79 10.24
N GLN A 94 -8.87 -12.56 10.47
CA GLN A 94 -9.80 -11.44 10.57
C GLN A 94 -9.73 -10.56 9.32
N LYS A 95 -10.89 -10.11 8.85
CA LYS A 95 -10.97 -9.27 7.67
C LYS A 95 -10.62 -7.83 8.01
N ILE A 96 -9.55 -7.32 7.41
CA ILE A 96 -9.11 -5.94 7.65
C ILE A 96 -9.27 -5.09 6.41
N THR A 97 -9.63 -3.83 6.60
CA THR A 97 -9.82 -2.89 5.49
C THR A 97 -8.52 -2.14 5.18
N LEU A 98 -7.88 -2.52 4.09
CA LEU A 98 -6.64 -1.88 3.68
C LEU A 98 -6.90 -0.71 2.73
N TYR A 99 -6.19 0.40 2.95
CA TYR A 99 -6.37 1.59 2.12
C TYR A 99 -5.11 1.86 1.31
N LEU A 100 -5.24 1.84 -0.01
CA LEU A 100 -4.11 2.09 -0.90
C LEU A 100 -4.09 3.54 -1.36
N ASN A 101 -2.95 4.20 -1.16
CA ASN A 101 -2.79 5.59 -1.55
C ASN A 101 -1.69 5.76 -2.59
N PHE A 102 -1.96 6.56 -3.61
CA PHE A 102 -0.98 6.80 -4.67
C PHE A 102 0.27 7.47 -4.12
N VAL A 103 1.41 6.84 -4.33
CA VAL A 103 2.69 7.38 -3.85
C VAL A 103 3.74 7.37 -4.97
N GLU A 104 4.55 8.42 -5.00
CA GLU A 104 5.60 8.53 -6.01
C GLU A 104 6.98 8.26 -5.41
N LYS A 105 7.20 8.78 -4.20
CA LYS A 105 8.47 8.59 -3.51
C LYS A 105 8.37 7.49 -2.47
N VAL A 106 9.20 6.47 -2.61
CA VAL A 106 9.20 5.35 -1.67
C VAL A 106 10.61 4.86 -1.39
N GLN A 107 11.00 4.85 -0.12
CA GLN A 107 12.33 4.42 0.28
C GLN A 107 12.57 2.97 -0.14
N TRP A 108 12.85 2.77 -1.42
CA TRP A 108 13.09 1.44 -1.95
C TRP A 108 14.42 0.88 -1.44
N SER A 109 14.37 -0.28 -0.79
CA SER A 109 15.56 -0.90 -0.25
C SER A 109 16.39 -1.56 -1.36
N GLY A 110 17.66 -1.85 -1.06
CA GLY A 110 18.52 -2.46 -2.03
C GLY A 110 19.45 -1.47 -2.70
N PRO A 111 20.63 -1.94 -3.13
CA PRO A 111 21.63 -1.10 -3.79
C PRO A 111 21.18 -0.64 -5.18
N SER A 112 20.24 -1.38 -5.76
CA SER A 112 19.73 -1.06 -7.08
C SER A 112 19.16 0.36 -7.12
N SER A 113 19.29 1.01 -8.27
CA SER A 113 18.79 2.37 -8.43
C SER A 113 17.37 2.36 -9.00
N GLY A 114 16.53 3.24 -8.47
CA GLY A 114 15.15 3.31 -8.93
C GLY A 114 14.78 4.70 -9.42
N GLY A 1 -4.37 30.89 -0.10
CA GLY A 1 -5.16 29.89 0.58
C GLY A 1 -4.37 28.61 0.81
N SER A 2 -5.03 27.47 0.60
CA SER A 2 -4.40 26.17 0.80
C SER A 2 -4.69 25.25 -0.38
N SER A 3 -3.73 24.39 -0.69
CA SER A 3 -3.87 23.44 -1.80
C SER A 3 -4.98 22.43 -1.51
N GLY A 4 -4.83 21.68 -0.42
CA GLY A 4 -5.82 20.69 -0.05
C GLY A 4 -5.25 19.63 0.87
N SER A 5 -6.14 18.83 1.46
CA SER A 5 -5.73 17.77 2.37
C SER A 5 -5.97 16.40 1.76
N SER A 6 -5.00 15.49 1.94
CA SER A 6 -5.11 14.15 1.39
C SER A 6 -4.76 13.11 2.46
N GLY A 7 -5.28 13.31 3.66
CA GLY A 7 -5.01 12.38 4.75
C GLY A 7 -5.84 11.12 4.65
N ALA A 8 -5.19 9.97 4.77
CA ALA A 8 -5.87 8.69 4.69
C ALA A 8 -7.05 8.63 5.67
N LYS A 9 -7.77 7.52 5.65
CA LYS A 9 -8.91 7.34 6.53
C LYS A 9 -8.48 7.34 7.99
N HIS A 10 -7.20 7.10 8.23
CA HIS A 10 -6.65 7.09 9.59
C HIS A 10 -5.43 7.98 9.69
N THR A 11 -5.13 8.45 10.91
CA THR A 11 -3.99 9.32 11.13
C THR A 11 -2.71 8.52 11.26
N LEU A 12 -2.58 7.49 10.42
CA LEU A 12 -1.39 6.64 10.44
C LEU A 12 -0.43 7.02 9.32
N LEU A 13 -0.99 7.50 8.21
CA LEU A 13 -0.19 7.90 7.06
C LEU A 13 0.42 9.28 7.28
N ARG A 14 -0.20 10.06 8.15
CA ARG A 14 0.28 11.41 8.45
C ARG A 14 1.23 11.39 9.64
N HIS A 15 0.90 10.58 10.65
CA HIS A 15 1.71 10.48 11.85
C HIS A 15 3.08 9.90 11.52
N GLU A 16 3.17 9.18 10.40
CA GLU A 16 4.42 8.56 9.98
C GLU A 16 5.20 9.50 9.08
N GLY A 17 4.49 10.41 8.40
CA GLY A 17 5.14 11.35 7.50
C GLY A 17 5.07 10.92 6.06
N ILE A 18 4.18 9.97 5.77
CA ILE A 18 4.01 9.48 4.41
C ILE A 18 3.17 10.43 3.57
N GLU A 19 3.79 11.02 2.56
CA GLU A 19 3.10 11.96 1.68
C GLU A 19 2.62 11.26 0.41
N THR A 20 1.31 11.25 0.20
CA THR A 20 0.73 10.62 -0.98
C THR A 20 0.07 11.65 -1.88
N VAL A 21 0.34 11.55 -3.18
CA VAL A 21 -0.23 12.47 -4.16
C VAL A 21 -1.64 12.06 -4.55
N SER A 22 -2.24 12.80 -5.48
CA SER A 22 -3.59 12.52 -5.94
C SER A 22 -3.56 11.79 -7.28
N TYR A 23 -2.75 12.30 -8.21
CA TYR A 23 -2.64 11.71 -9.54
C TYR A 23 -2.16 10.26 -9.45
N ALA A 24 -2.36 9.51 -10.54
CA ALA A 24 -1.95 8.12 -10.58
C ALA A 24 -0.44 7.98 -10.45
N THR A 25 0.01 6.96 -9.73
CA THR A 25 1.43 6.72 -9.53
C THR A 25 1.74 5.23 -9.53
N GLN A 26 2.69 4.83 -10.37
CA GLN A 26 3.08 3.43 -10.47
C GLN A 26 3.24 2.81 -9.08
N SER A 27 3.70 3.62 -8.13
CA SER A 27 3.91 3.15 -6.76
C SER A 27 2.64 3.34 -5.93
N LEU A 28 2.48 2.50 -4.91
CA LEU A 28 1.31 2.58 -4.04
C LEU A 28 1.68 2.19 -2.61
N VAL A 29 0.93 2.71 -1.65
CA VAL A 29 1.17 2.42 -0.24
C VAL A 29 -0.03 1.72 0.39
N VAL A 30 0.21 0.53 0.92
CA VAL A 30 -0.85 -0.25 1.56
C VAL A 30 -1.05 0.17 3.01
N ALA A 31 -2.25 0.65 3.31
CA ALA A 31 -2.58 1.09 4.66
C ALA A 31 -3.21 -0.04 5.47
N ASN A 32 -3.14 0.07 6.79
CA ASN A 32 -3.69 -0.94 7.67
C ASN A 32 -3.15 -2.32 7.34
N GLY A 33 -1.95 -2.36 6.76
CA GLY A 33 -1.33 -3.62 6.40
C GLY A 33 0.08 -3.74 6.91
N GLY A 34 1.00 -4.08 6.00
CA GLY A 34 2.40 -4.21 6.39
C GLY A 34 2.61 -5.37 7.35
N LEU A 35 3.82 -5.94 7.33
CA LEU A 35 4.15 -7.06 8.20
C LEU A 35 3.62 -6.82 9.62
N GLY A 36 3.96 -5.65 10.17
CA GLY A 36 3.51 -5.32 11.51
C GLY A 36 2.08 -5.76 11.78
N ASN A 37 1.25 -5.71 10.75
CA ASN A 37 -0.15 -6.11 10.88
C ASN A 37 -0.32 -7.60 10.58
N GLY A 38 0.67 -8.39 10.98
CA GLY A 38 0.61 -9.82 10.75
C GLY A 38 0.30 -10.17 9.32
N VAL A 39 0.61 -9.25 8.40
CA VAL A 39 0.35 -9.47 6.98
C VAL A 39 1.62 -9.85 6.25
N SER A 40 1.69 -11.12 5.82
CA SER A 40 2.86 -11.62 5.11
C SER A 40 2.81 -11.21 3.64
N ARG A 41 3.97 -11.26 2.98
CA ARG A 41 4.06 -10.90 1.57
C ARG A 41 3.26 -11.87 0.70
N ASN A 42 3.26 -13.14 1.09
CA ASN A 42 2.54 -14.16 0.34
C ASN A 42 1.03 -14.04 0.58
N GLN A 43 0.65 -13.15 1.47
CA GLN A 43 -0.77 -12.92 1.78
C GLN A 43 -1.24 -11.59 1.22
N LEU A 44 -0.30 -10.72 0.87
CA LEU A 44 -0.63 -9.41 0.33
C LEU A 44 -0.33 -9.35 -1.17
N LEU A 45 0.79 -9.96 -1.56
CA LEU A 45 1.18 -9.97 -2.97
C LEU A 45 0.09 -10.58 -3.83
N PRO A 46 -0.51 -11.68 -3.36
CA PRO A 46 -1.59 -12.37 -4.06
C PRO A 46 -2.66 -11.41 -4.57
N VAL A 47 -2.99 -10.42 -3.75
CA VAL A 47 -4.00 -9.44 -4.11
C VAL A 47 -3.45 -8.42 -5.10
N LEU A 48 -2.13 -8.25 -5.10
CA LEU A 48 -1.49 -7.30 -6.00
C LEU A 48 -1.17 -7.97 -7.34
N GLU A 49 -1.13 -9.30 -7.36
CA GLU A 49 -0.84 -10.04 -8.57
C GLU A 49 -2.12 -10.30 -9.37
N LYS A 50 -3.19 -10.64 -8.66
CA LYS A 50 -4.47 -10.92 -9.30
C LYS A 50 -4.96 -9.71 -10.09
N CYS A 51 -4.68 -8.51 -9.56
CA CYS A 51 -5.10 -7.28 -10.21
C CYS A 51 -4.18 -6.96 -11.39
N GLY A 52 -2.90 -6.74 -11.09
CA GLY A 52 -1.94 -6.43 -12.13
C GLY A 52 -0.60 -7.09 -11.90
N LEU A 53 0.42 -6.65 -12.64
CA LEU A 53 1.76 -7.21 -12.51
C LEU A 53 2.54 -6.50 -11.42
N VAL A 54 3.02 -7.26 -10.44
CA VAL A 54 3.79 -6.70 -9.34
C VAL A 54 5.28 -6.70 -9.64
N ASP A 55 5.80 -5.54 -10.02
CA ASP A 55 7.22 -5.41 -10.34
C ASP A 55 8.08 -5.54 -9.09
N ALA A 56 7.69 -4.84 -8.03
CA ALA A 56 8.42 -4.87 -6.78
C ALA A 56 7.52 -4.49 -5.60
N LEU A 57 7.46 -5.34 -4.60
CA LEU A 57 6.64 -5.10 -3.42
C LEU A 57 7.52 -4.89 -2.19
N LEU A 58 7.66 -3.64 -1.77
CA LEU A 58 8.46 -3.30 -0.60
C LEU A 58 7.65 -3.45 0.68
N MET A 59 8.14 -4.26 1.61
CA MET A 59 7.46 -4.48 2.88
C MET A 59 8.39 -4.19 4.05
N PRO A 60 8.28 -2.98 4.63
CA PRO A 60 9.10 -2.56 5.75
C PRO A 60 8.75 -3.30 7.04
N PRO A 61 9.78 -3.75 7.77
CA PRO A 61 9.60 -4.48 9.03
C PRO A 61 9.06 -3.59 10.14
N ASN A 62 8.17 -4.14 10.97
CA ASN A 62 7.59 -3.40 12.07
C ASN A 62 6.85 -2.16 11.57
N LYS A 63 6.17 -2.30 10.43
CA LYS A 63 5.42 -1.21 9.85
C LYS A 63 4.06 -1.67 9.36
N PRO A 64 2.99 -1.02 9.85
CA PRO A 64 1.62 -1.36 9.49
C PRO A 64 1.30 -0.97 8.04
N TYR A 65 2.26 -0.35 7.37
CA TYR A 65 2.08 0.07 5.99
C TYR A 65 3.19 -0.49 5.09
N SER A 66 2.89 -0.62 3.81
CA SER A 66 3.85 -1.16 2.85
C SER A 66 3.81 -0.37 1.54
N PHE A 67 4.68 -0.73 0.61
CA PHE A 67 4.74 -0.06 -0.68
C PHE A 67 4.83 -1.08 -1.82
N ALA A 68 3.96 -0.92 -2.81
CA ALA A 68 3.93 -1.82 -3.95
C ALA A 68 4.20 -1.06 -5.25
N ARG A 69 4.91 -1.70 -6.17
CA ARG A 69 5.23 -1.09 -7.45
C ARG A 69 4.78 -1.98 -8.60
N TYR A 70 3.75 -1.53 -9.33
CA TYR A 70 3.23 -2.28 -10.45
C TYR A 70 4.11 -2.11 -11.69
N ARG A 71 3.77 -2.83 -12.76
CA ARG A 71 4.53 -2.75 -14.00
C ARG A 71 4.06 -1.57 -14.84
N THR A 72 2.78 -1.24 -14.74
CA THR A 72 2.21 -0.12 -15.50
C THR A 72 1.19 0.65 -14.66
N THR A 73 1.17 1.96 -14.82
CA THR A 73 0.25 2.81 -14.09
C THR A 73 -1.18 2.24 -14.12
N GLU A 74 -1.69 2.01 -15.32
CA GLU A 74 -3.03 1.47 -15.50
C GLU A 74 -3.35 0.47 -14.39
N GLU A 75 -2.59 -0.62 -14.33
CA GLU A 75 -2.80 -1.64 -13.33
C GLU A 75 -2.85 -1.04 -11.93
N SER A 76 -1.80 -0.31 -11.56
CA SER A 76 -1.72 0.31 -10.25
C SER A 76 -3.06 0.96 -9.89
N LYS A 77 -3.59 1.77 -10.81
CA LYS A 77 -4.86 2.45 -10.58
C LYS A 77 -5.98 1.44 -10.31
N ARG A 78 -6.05 0.41 -11.15
CA ARG A 78 -7.08 -0.61 -11.00
C ARG A 78 -7.09 -1.17 -9.57
N ALA A 79 -5.91 -1.42 -9.04
CA ALA A 79 -5.78 -1.95 -7.68
C ALA A 79 -6.02 -0.86 -6.64
N TYR A 80 -5.69 0.37 -7.00
CA TYR A 80 -5.87 1.50 -6.09
C TYR A 80 -7.36 1.77 -5.86
N VAL A 81 -8.15 1.59 -6.91
CA VAL A 81 -9.60 1.82 -6.81
C VAL A 81 -10.33 0.55 -6.40
N THR A 82 -9.70 -0.60 -6.66
CA THR A 82 -10.29 -1.88 -6.32
C THR A 82 -9.88 -2.33 -4.92
N LEU A 83 -8.57 -2.47 -4.71
CA LEU A 83 -8.04 -2.89 -3.41
C LEU A 83 -8.44 -1.90 -2.33
N ASN A 84 -8.06 -0.64 -2.51
CA ASN A 84 -8.37 0.40 -1.55
C ASN A 84 -9.76 0.19 -0.95
N GLY A 85 -9.82 -0.49 0.19
CA GLY A 85 -11.09 -0.76 0.84
C GLY A 85 -11.52 -2.20 0.72
N LYS A 86 -10.55 -3.08 0.50
CA LYS A 86 -10.83 -4.51 0.37
C LYS A 86 -10.73 -5.21 1.72
N GLU A 87 -11.46 -6.30 1.87
CA GLU A 87 -11.46 -7.07 3.11
C GLU A 87 -10.62 -8.33 2.98
N VAL A 88 -9.59 -8.44 3.81
CA VAL A 88 -8.71 -9.60 3.78
C VAL A 88 -8.48 -10.16 5.18
N VAL A 89 -8.54 -11.48 5.30
CA VAL A 89 -8.35 -12.15 6.58
C VAL A 89 -6.87 -12.16 6.97
N ASP A 90 -6.53 -11.43 8.03
CA ASP A 90 -5.16 -11.36 8.50
C ASP A 90 -4.79 -12.62 9.28
N ASP A 91 -3.53 -12.71 9.69
CA ASP A 91 -3.05 -13.87 10.45
C ASP A 91 -3.93 -14.13 11.65
N LEU A 92 -4.54 -13.07 12.19
CA LEU A 92 -5.40 -13.19 13.35
C LEU A 92 -6.70 -13.90 12.99
N GLY A 93 -7.09 -13.81 11.73
CA GLY A 93 -8.31 -14.46 11.28
C GLY A 93 -9.47 -13.49 11.14
N GLN A 94 -9.16 -12.19 11.23
CA GLN A 94 -10.18 -11.16 11.12
C GLN A 94 -10.07 -10.42 9.80
N LYS A 95 -11.21 -10.20 9.15
CA LYS A 95 -11.23 -9.49 7.87
C LYS A 95 -10.91 -8.01 8.05
N ILE A 96 -9.65 -7.66 7.78
CA ILE A 96 -9.21 -6.27 7.91
C ILE A 96 -9.37 -5.52 6.60
N THR A 97 -9.56 -4.21 6.69
CA THR A 97 -9.73 -3.38 5.50
C THR A 97 -8.44 -2.62 5.18
N LEU A 98 -7.78 -3.03 4.10
CA LEU A 98 -6.53 -2.41 3.68
C LEU A 98 -6.80 -1.33 2.63
N TYR A 99 -6.13 -0.19 2.77
CA TYR A 99 -6.29 0.91 1.83
C TYR A 99 -5.06 1.07 0.95
N LEU A 100 -5.17 1.90 -0.07
CA LEU A 100 -4.06 2.14 -0.99
C LEU A 100 -4.03 3.60 -1.44
N ASN A 101 -2.88 4.25 -1.26
CA ASN A 101 -2.72 5.64 -1.64
C ASN A 101 -1.62 5.79 -2.71
N PHE A 102 -1.84 6.71 -3.64
CA PHE A 102 -0.87 6.94 -4.71
C PHE A 102 0.37 7.65 -4.17
N VAL A 103 1.49 6.95 -4.21
CA VAL A 103 2.75 7.51 -3.72
C VAL A 103 3.77 7.65 -4.86
N GLU A 104 4.62 8.65 -4.76
CA GLU A 104 5.63 8.90 -5.78
C GLU A 104 7.03 8.66 -5.22
N LYS A 105 7.22 8.97 -3.95
CA LYS A 105 8.51 8.79 -3.29
C LYS A 105 8.45 7.65 -2.28
N VAL A 106 9.28 6.64 -2.49
CA VAL A 106 9.33 5.49 -1.60
C VAL A 106 10.75 4.96 -1.46
N GLN A 107 11.21 4.82 -0.21
CA GLN A 107 12.55 4.32 0.06
C GLN A 107 12.68 2.86 -0.34
N TRP A 108 12.78 2.61 -1.65
CA TRP A 108 12.92 1.26 -2.17
C TRP A 108 14.27 0.66 -1.78
N SER A 109 14.33 -0.67 -1.74
CA SER A 109 15.56 -1.36 -1.38
C SER A 109 16.06 -2.20 -2.55
N GLY A 110 17.35 -2.08 -2.85
CA GLY A 110 17.94 -2.83 -3.94
C GLY A 110 19.25 -2.23 -4.42
N PRO A 111 19.87 -2.88 -5.43
CA PRO A 111 21.13 -2.42 -5.99
C PRO A 111 20.99 -1.12 -6.78
N SER A 112 19.76 -0.62 -6.87
CA SER A 112 19.48 0.61 -7.60
C SER A 112 19.74 1.83 -6.72
N SER A 113 20.32 2.86 -7.32
CA SER A 113 20.63 4.09 -6.59
C SER A 113 19.83 5.25 -7.13
N GLY A 114 19.73 6.32 -6.34
CA GLY A 114 18.98 7.49 -6.76
C GLY A 114 18.78 8.49 -5.63
#